data_5LTW
#
_entry.id   5LTW
#
_cell.length_a   125.060
_cell.length_b   341.290
_cell.length_c   144.550
_cell.angle_alpha   90.00
_cell.angle_beta   90.00
_cell.angle_gamma   90.00
#
_symmetry.space_group_name_H-M   'C 2 2 21'
#
loop_
_entity.id
_entity.type
_entity.pdbx_description
1 polymer '14-3-3 protein sigma'
2 polymer 'Heat shock protein beta-6'
3 non-polymer 2-AMINO-2-HYDROXYMETHYL-PROPANE-1,3-DIOL
4 non-polymer 'NICKEL (II) ION'
#
loop_
_entity_poly.entity_id
_entity_poly.type
_entity_poly.pdbx_seq_one_letter_code
_entity_poly.pdbx_strand_id
1 'polypeptide(L)'
;GPHMERASLIQKAKLAEQAERYEDMAAFMKGAVEKGEELSCEERNLLSVAYKNVVGGQRAAWRVLSSIEQKSNEEGSEEK
GPEVREYREKVETELQGVCDTVLGLLDSHLIKEAGDAESRVFYLKMKGDYYRYLAEVATGDDKKRIIDSARSAYQEAMDI
SAAAMPPTNPIRLGLALNFSVFHYEIANSPEEAISLAKTTFDEAMADLHTLSEDSYKDSTLIMQLLRDNLTLWT
;
A,B,E,F,I,J
2 'polypeptide(L)'
;MEIPVPVQPSWLRRA(SEP)APLPGLSAPGRLFDQRFGEGLLEAELAALCPTTLAPYYLRAPSVALPVAQVPTDPGHFSV
LLDVKHFSPEEIAVKVVGEHVEVHARHEERPDEHGFVAREFHRRYRLPPGVDPAAVTSALSPEGVLSIQAAPA
;
C,D,G,H,K,L
#
loop_
_chem_comp.id
_chem_comp.type
_chem_comp.name
_chem_comp.formula
NI non-polymer 'NICKEL (II) ION' 'Ni 2'
TRS non-polymer 2-AMINO-2-HYDROXYMETHYL-PROPANE-1,3-DIOL 'C4 H12 N O3 1'
#
# COMPACT_ATOMS: atom_id res chain seq x y z
N HIS A 3 -24.53 32.72 -37.30
CA HIS A 3 -23.23 32.04 -37.21
C HIS A 3 -22.21 32.85 -36.38
N MET A 4 -22.17 34.18 -36.61
CA MET A 4 -21.31 35.14 -35.91
C MET A 4 -21.75 35.26 -34.45
N GLU A 5 -23.07 35.41 -34.22
CA GLU A 5 -23.71 35.49 -32.90
C GLU A 5 -23.37 34.24 -32.08
N ARG A 6 -23.42 33.04 -32.71
CA ARG A 6 -23.12 31.74 -32.08
C ARG A 6 -21.68 31.67 -31.61
N ALA A 7 -20.73 32.11 -32.46
CA ALA A 7 -19.31 32.10 -32.15
C ALA A 7 -19.00 33.00 -30.95
N SER A 8 -19.69 34.15 -30.88
CA SER A 8 -19.56 35.12 -29.79
C SER A 8 -20.07 34.55 -28.48
N LEU A 9 -21.22 33.86 -28.52
CA LEU A 9 -21.85 33.25 -27.35
C LEU A 9 -20.98 32.16 -26.77
N ILE A 10 -20.29 31.38 -27.63
CA ILE A 10 -19.39 30.32 -27.19
C ILE A 10 -18.13 30.94 -26.54
N GLN A 11 -17.60 32.04 -27.12
CA GLN A 11 -16.45 32.74 -26.55
C GLN A 11 -16.79 33.31 -25.18
N LYS A 12 -17.99 33.91 -25.05
CA LYS A 12 -18.51 34.47 -23.79
C LYS A 12 -18.70 33.41 -22.72
N ALA A 13 -19.16 32.19 -23.11
CA ALA A 13 -19.33 31.04 -22.21
C ALA A 13 -17.97 30.57 -21.70
N LYS A 14 -16.93 30.60 -22.55
CA LYS A 14 -15.56 30.25 -22.19
C LYS A 14 -14.99 31.29 -21.21
N LEU A 15 -15.34 32.58 -21.41
CA LEU A 15 -14.94 33.69 -20.53
C LEU A 15 -15.63 33.55 -19.19
N ALA A 16 -16.94 33.24 -19.18
CA ALA A 16 -17.75 33.04 -17.98
C ALA A 16 -17.23 31.87 -17.16
N GLU A 17 -16.70 30.83 -17.84
CA GLU A 17 -16.11 29.66 -17.18
C GLU A 17 -14.83 30.06 -16.44
N GLN A 18 -13.97 30.87 -17.10
CA GLN A 18 -12.72 31.39 -16.53
C GLN A 18 -12.99 32.25 -15.28
N ALA A 19 -14.06 33.06 -15.35
CA ALA A 19 -14.52 33.97 -14.30
C ALA A 19 -15.36 33.27 -13.25
N GLU A 20 -15.69 31.98 -13.49
CA GLU A 20 -16.50 31.10 -12.63
C GLU A 20 -17.93 31.65 -12.39
N ARG A 21 -18.52 32.20 -13.45
CA ARG A 21 -19.87 32.77 -13.49
C ARG A 21 -20.69 31.79 -14.30
N TYR A 22 -21.05 30.68 -13.65
CA TYR A 22 -21.73 29.56 -14.28
C TYR A 22 -23.16 29.87 -14.71
N GLU A 23 -23.86 30.81 -14.05
CA GLU A 23 -25.22 31.19 -14.46
C GLU A 23 -25.15 31.91 -15.81
N ASP A 24 -24.11 32.77 -15.97
CA ASP A 24 -23.82 33.49 -17.21
C ASP A 24 -23.44 32.50 -18.29
N MET A 25 -22.52 31.57 -17.96
CA MET A 25 -22.03 30.51 -18.84
C MET A 25 -23.19 29.69 -19.41
N ALA A 26 -24.15 29.33 -18.53
CA ALA A 26 -25.36 28.58 -18.89
C ALA A 26 -26.22 29.37 -19.86
N ALA A 27 -26.43 30.67 -19.57
CA ALA A 27 -27.21 31.58 -20.41
C ALA A 27 -26.60 31.73 -21.81
N PHE A 28 -25.26 31.85 -21.90
CA PHE A 28 -24.53 31.96 -23.18
C PHE A 28 -24.64 30.68 -23.98
N MET A 29 -24.51 29.53 -23.29
CA MET A 29 -24.61 28.20 -23.89
C MET A 29 -26.02 27.89 -24.37
N LYS A 30 -27.05 28.34 -23.62
CA LYS A 30 -28.45 28.19 -24.00
C LYS A 30 -28.67 28.93 -25.32
N GLY A 31 -28.21 30.18 -25.40
CA GLY A 31 -28.29 31.02 -26.57
C GLY A 31 -27.60 30.44 -27.79
N ALA A 32 -26.38 29.87 -27.58
CA ALA A 32 -25.57 29.22 -28.60
C ALA A 32 -26.30 27.98 -29.20
N VAL A 33 -26.92 27.15 -28.31
CA VAL A 33 -27.73 25.96 -28.65
C VAL A 33 -28.95 26.39 -29.49
N GLU A 34 -29.58 27.52 -29.09
CA GLU A 34 -30.76 28.06 -29.75
C GLU A 34 -30.50 28.60 -31.17
N LYS A 35 -29.21 28.71 -31.57
CA LYS A 35 -28.86 29.14 -32.93
C LYS A 35 -29.16 28.03 -33.94
N GLY A 36 -29.26 26.79 -33.44
CA GLY A 36 -29.66 25.63 -34.23
C GLY A 36 -28.58 24.71 -34.76
N GLU A 37 -27.30 25.03 -34.55
CA GLU A 37 -26.22 24.17 -35.02
C GLU A 37 -25.93 23.10 -33.99
N GLU A 38 -25.48 21.90 -34.45
CA GLU A 38 -25.15 20.84 -33.49
C GLU A 38 -23.89 21.23 -32.76
N LEU A 39 -23.76 20.77 -31.52
CA LEU A 39 -22.63 21.13 -30.70
C LEU A 39 -21.48 20.19 -30.95
N SER A 40 -20.26 20.73 -30.92
CA SER A 40 -19.02 19.94 -31.01
C SER A 40 -18.78 19.33 -29.62
N CYS A 41 -17.84 18.38 -29.52
CA CYS A 41 -17.50 17.73 -28.25
C CYS A 41 -17.13 18.76 -27.17
N GLU A 42 -16.33 19.77 -27.54
CA GLU A 42 -15.91 20.87 -26.67
C GLU A 42 -17.14 21.68 -26.20
N GLU A 43 -18.06 22.01 -27.14
CA GLU A 43 -19.28 22.78 -26.85
C GLU A 43 -20.25 22.03 -25.96
N ARG A 44 -20.41 20.70 -26.15
CA ARG A 44 -21.27 19.82 -25.33
C ARG A 44 -20.80 19.93 -23.89
N ASN A 45 -19.47 19.84 -23.70
CA ASN A 45 -18.81 19.91 -22.42
C ASN A 45 -19.00 21.26 -21.77
N LEU A 46 -18.97 22.36 -22.54
CA LEU A 46 -19.22 23.73 -22.03
C LEU A 46 -20.65 23.81 -21.50
N LEU A 47 -21.63 23.30 -22.26
CA LEU A 47 -23.03 23.29 -21.88
C LEU A 47 -23.25 22.49 -20.59
N SER A 48 -22.65 21.31 -20.52
CA SER A 48 -22.73 20.40 -19.38
C SER A 48 -22.09 21.03 -18.13
N VAL A 49 -20.88 21.58 -18.26
CA VAL A 49 -20.17 22.24 -17.16
C VAL A 49 -20.99 23.41 -16.58
N ALA A 50 -21.55 24.24 -17.46
CA ALA A 50 -22.35 25.40 -17.09
C ALA A 50 -23.55 25.03 -16.23
N TYR A 51 -24.41 24.15 -16.73
CA TYR A 51 -25.63 23.76 -16.04
C TYR A 51 -25.41 22.87 -14.83
N LYS A 52 -24.40 21.99 -14.86
CA LYS A 52 -24.10 21.12 -13.72
C LYS A 52 -23.60 21.96 -12.54
N ASN A 53 -22.86 23.04 -12.83
CA ASN A 53 -22.41 23.92 -11.77
C ASN A 53 -23.57 24.72 -11.19
N VAL A 54 -24.51 25.18 -12.04
CA VAL A 54 -25.68 25.93 -11.57
C VAL A 54 -26.57 25.04 -10.69
N VAL A 55 -26.97 23.88 -11.23
CA VAL A 55 -27.87 22.95 -10.56
C VAL A 55 -27.19 22.32 -9.32
N GLY A 56 -25.88 22.08 -9.40
CA GLY A 56 -25.08 21.53 -8.31
C GLY A 56 -25.07 22.43 -7.09
N GLY A 57 -25.00 23.74 -7.33
CA GLY A 57 -25.05 24.76 -6.29
C GLY A 57 -26.41 24.81 -5.63
N GLN A 58 -27.48 24.67 -6.43
CA GLN A 58 -28.85 24.68 -5.96
C GLN A 58 -29.19 23.43 -5.16
N ARG A 59 -28.74 22.24 -5.64
CA ARG A 59 -28.94 20.94 -5.01
C ARG A 59 -28.24 20.93 -3.65
N ALA A 60 -26.98 21.44 -3.58
CA ALA A 60 -26.22 21.51 -2.33
C ALA A 60 -26.96 22.37 -1.31
N ALA A 61 -27.48 23.55 -1.74
CA ALA A 61 -28.24 24.50 -0.92
C ALA A 61 -29.53 23.87 -0.35
N TRP A 62 -30.37 23.24 -1.16
CA TRP A 62 -31.62 22.58 -0.80
C TRP A 62 -31.46 21.53 0.32
N ARG A 63 -30.38 20.72 0.26
CA ARG A 63 -30.08 19.70 1.26
C ARG A 63 -29.85 20.29 2.63
N VAL A 64 -29.12 21.44 2.71
CA VAL A 64 -28.85 22.16 3.97
C VAL A 64 -30.17 22.58 4.60
N LEU A 65 -31.03 23.24 3.81
CA LEU A 65 -32.34 23.76 4.23
C LEU A 65 -33.31 22.66 4.61
N SER A 66 -33.40 21.61 3.77
CA SER A 66 -34.22 20.42 3.98
C SER A 66 -33.80 19.71 5.27
N SER A 67 -32.47 19.64 5.54
CA SER A 67 -31.92 19.04 6.77
C SER A 67 -32.32 19.85 8.01
N ILE A 68 -32.23 21.20 7.94
CA ILE A 68 -32.64 22.11 9.03
C ILE A 68 -34.16 21.90 9.29
N GLU A 69 -34.96 21.89 8.21
CA GLU A 69 -36.41 21.68 8.24
C GLU A 69 -36.81 20.34 8.90
N GLN A 70 -36.08 19.26 8.57
CA GLN A 70 -36.29 17.90 9.10
C GLN A 70 -35.89 17.82 10.59
N LYS A 71 -34.80 18.53 10.96
CA LYS A 71 -34.32 18.58 12.35
C LYS A 71 -35.22 19.44 13.23
N SER A 72 -35.71 20.60 12.73
CA SER A 72 -36.62 21.50 13.46
C SER A 72 -38.07 20.93 13.63
N ASN A 73 -38.25 19.60 13.44
CA ASN A 73 -39.52 18.87 13.60
C ASN A 73 -39.36 17.71 14.61
N GLU A 74 -38.14 17.59 15.19
CA GLU A 74 -37.73 16.60 16.19
C GLU A 74 -37.98 15.16 15.74
N LYS A 80 -42.78 24.02 14.45
CA LYS A 80 -41.86 24.44 13.38
C LYS A 80 -42.09 25.89 12.95
N GLY A 81 -41.02 26.53 12.49
CA GLY A 81 -41.03 27.89 11.95
C GLY A 81 -41.36 27.87 10.46
N PRO A 82 -42.26 28.77 9.98
CA PRO A 82 -42.65 28.76 8.55
C PRO A 82 -41.55 29.14 7.56
N GLU A 83 -40.58 29.97 8.01
CA GLU A 83 -39.47 30.51 7.20
C GLU A 83 -38.67 29.46 6.44
N VAL A 84 -38.30 28.34 7.09
CA VAL A 84 -37.53 27.26 6.46
C VAL A 84 -38.28 26.64 5.32
N ARG A 85 -39.58 26.32 5.53
CA ARG A 85 -40.45 25.72 4.53
C ARG A 85 -40.58 26.64 3.33
N GLU A 86 -40.94 27.93 3.57
CA GLU A 86 -41.12 28.95 2.54
C GLU A 86 -39.87 29.14 1.69
N TYR A 87 -38.70 29.20 2.36
CA TYR A 87 -37.43 29.40 1.68
C TYR A 87 -36.98 28.15 0.90
N ARG A 88 -37.17 26.96 1.48
CA ARG A 88 -36.86 25.67 0.84
C ARG A 88 -37.71 25.54 -0.44
N GLU A 89 -38.99 25.95 -0.37
CA GLU A 89 -39.92 25.93 -1.49
C GLU A 89 -39.46 26.86 -2.60
N LYS A 90 -38.88 28.02 -2.24
CA LYS A 90 -38.36 29.01 -3.18
C LYS A 90 -37.20 28.44 -3.99
N VAL A 91 -36.13 28.02 -3.29
CA VAL A 91 -34.97 27.42 -3.94
C VAL A 91 -35.45 26.29 -4.80
N GLU A 92 -36.02 25.24 -4.19
CA GLU A 92 -36.61 24.12 -4.90
C GLU A 92 -37.19 24.57 -6.24
N THR A 93 -37.92 25.70 -6.23
CA THR A 93 -38.52 26.32 -7.41
C THR A 93 -37.45 26.78 -8.42
N GLU A 94 -36.37 27.41 -7.94
CA GLU A 94 -35.25 27.85 -8.78
C GLU A 94 -34.57 26.65 -9.43
N LEU A 95 -34.35 25.55 -8.67
CA LEU A 95 -33.74 24.30 -9.12
C LEU A 95 -34.59 23.66 -10.21
N GLN A 96 -35.91 23.60 -9.98
CA GLN A 96 -36.89 23.04 -10.91
C GLN A 96 -36.88 23.77 -12.25
N GLY A 97 -36.75 25.09 -12.21
CA GLY A 97 -36.67 25.94 -13.39
C GLY A 97 -35.44 25.70 -14.23
N VAL A 98 -34.29 25.47 -13.57
CA VAL A 98 -33.03 25.18 -14.26
C VAL A 98 -33.10 23.80 -14.94
N CYS A 99 -33.63 22.79 -14.22
CA CYS A 99 -33.80 21.44 -14.75
C CYS A 99 -34.74 21.44 -15.96
N ASP A 100 -35.88 22.16 -15.84
CA ASP A 100 -36.85 22.32 -16.92
C ASP A 100 -36.25 23.03 -18.14
N THR A 101 -35.31 23.98 -17.93
CA THR A 101 -34.60 24.71 -19.01
C THR A 101 -33.71 23.74 -19.78
N VAL A 102 -32.87 22.97 -19.06
CA VAL A 102 -31.98 21.96 -19.63
C VAL A 102 -32.79 20.94 -20.42
N LEU A 103 -33.84 20.37 -19.79
CA LEU A 103 -34.73 19.37 -20.39
C LEU A 103 -35.43 19.90 -21.63
N GLY A 104 -35.78 21.18 -21.61
CA GLY A 104 -36.39 21.88 -22.75
C GLY A 104 -35.42 21.98 -23.91
N LEU A 105 -34.15 22.36 -23.62
CA LEU A 105 -33.08 22.44 -24.62
C LEU A 105 -32.79 21.08 -25.23
N LEU A 106 -32.72 20.04 -24.38
CA LEU A 106 -32.45 18.68 -24.81
C LEU A 106 -33.56 18.17 -25.73
N ASP A 107 -34.82 18.40 -25.37
CA ASP A 107 -35.95 17.90 -26.15
C ASP A 107 -36.21 18.70 -27.42
N SER A 108 -36.04 20.03 -27.39
CA SER A 108 -36.32 20.83 -28.58
C SER A 108 -35.10 21.05 -29.50
N HIS A 109 -33.86 20.82 -29.02
CA HIS A 109 -32.70 21.09 -29.90
C HIS A 109 -31.63 20.03 -30.00
N LEU A 110 -31.29 19.37 -28.89
CA LEU A 110 -30.12 18.49 -28.83
C LEU A 110 -30.37 17.02 -29.08
N ILE A 111 -31.46 16.47 -28.53
CA ILE A 111 -31.82 15.07 -28.70
C ILE A 111 -32.36 14.90 -30.13
N LYS A 112 -31.64 14.10 -30.93
CA LYS A 112 -31.91 13.81 -32.34
C LYS A 112 -31.69 12.32 -32.58
N GLU A 113 -32.31 11.72 -33.64
CA GLU A 113 -32.07 10.28 -33.88
C GLU A 113 -30.73 10.04 -34.64
N ALA A 114 -30.24 11.08 -35.34
CA ALA A 114 -28.90 11.14 -35.94
C ALA A 114 -28.08 11.96 -34.88
N GLY A 115 -26.75 11.89 -34.80
CA GLY A 115 -25.83 11.09 -35.58
C GLY A 115 -25.09 10.14 -34.68
N ASP A 116 -23.86 10.52 -34.25
CA ASP A 116 -22.99 9.68 -33.45
C ASP A 116 -23.59 9.22 -32.14
N ALA A 117 -23.35 7.94 -31.83
CA ALA A 117 -23.80 7.28 -30.63
C ALA A 117 -23.25 8.00 -29.40
N GLU A 118 -22.03 8.57 -29.52
CA GLU A 118 -21.38 9.34 -28.46
C GLU A 118 -22.21 10.55 -28.07
N SER A 119 -22.62 11.36 -29.05
CA SER A 119 -23.42 12.55 -28.80
C SER A 119 -24.84 12.21 -28.35
N ARG A 120 -25.39 11.09 -28.84
CA ARG A 120 -26.73 10.63 -28.50
C ARG A 120 -26.79 10.14 -27.06
N VAL A 121 -25.78 9.36 -26.64
CA VAL A 121 -25.67 8.83 -25.28
C VAL A 121 -25.44 10.00 -24.33
N PHE A 122 -24.58 10.95 -24.74
CA PHE A 122 -24.26 12.15 -23.97
C PHE A 122 -25.53 12.92 -23.57
N TYR A 123 -26.39 13.21 -24.57
CA TYR A 123 -27.62 13.97 -24.36
C TYR A 123 -28.68 13.21 -23.61
N LEU A 124 -28.78 11.89 -23.85
CA LEU A 124 -29.75 11.05 -23.17
C LEU A 124 -29.39 10.86 -21.70
N LYS A 125 -28.07 10.81 -21.39
CA LYS A 125 -27.56 10.71 -20.02
C LYS A 125 -27.90 12.01 -19.28
N MET A 126 -27.67 13.14 -19.96
CA MET A 126 -27.97 14.47 -19.46
C MET A 126 -29.47 14.59 -19.13
N LYS A 127 -30.33 14.02 -19.99
CA LYS A 127 -31.78 13.99 -19.80
C LYS A 127 -32.15 13.21 -18.53
N GLY A 128 -31.50 12.06 -18.34
CA GLY A 128 -31.68 11.20 -17.17
C GLY A 128 -31.25 11.90 -15.90
N ASP A 129 -30.08 12.58 -15.97
CA ASP A 129 -29.49 13.34 -14.87
C ASP A 129 -30.41 14.43 -14.37
N TYR A 130 -30.94 15.27 -15.26
CA TYR A 130 -31.78 16.40 -14.86
C TYR A 130 -33.16 15.95 -14.41
N TYR A 131 -33.64 14.79 -14.90
CA TYR A 131 -34.88 14.24 -14.38
C TYR A 131 -34.61 13.66 -12.98
N ARG A 132 -33.41 13.08 -12.78
CA ARG A 132 -32.97 12.54 -11.48
C ARG A 132 -32.89 13.68 -10.44
N TYR A 133 -32.38 14.87 -10.85
CA TYR A 133 -32.29 16.03 -9.97
C TYR A 133 -33.67 16.52 -9.58
N LEU A 134 -34.63 16.47 -10.53
CA LEU A 134 -36.01 16.83 -10.26
C LEU A 134 -36.63 15.84 -9.27
N ALA A 135 -36.29 14.53 -9.40
CA ALA A 135 -36.78 13.44 -8.54
C ALA A 135 -36.29 13.55 -7.09
N GLU A 136 -35.11 14.15 -6.90
CA GLU A 136 -34.50 14.37 -5.58
C GLU A 136 -35.36 15.28 -4.71
N VAL A 137 -36.12 16.19 -5.33
CA VAL A 137 -36.94 17.18 -4.63
C VAL A 137 -38.46 17.01 -4.86
N ALA A 138 -38.87 16.14 -5.82
CA ALA A 138 -40.28 15.88 -6.13
C ALA A 138 -40.97 15.04 -5.05
N THR A 139 -42.32 15.06 -5.01
CA THR A 139 -43.07 14.44 -3.91
C THR A 139 -44.11 13.34 -4.21
N GLY A 140 -45.18 13.66 -4.94
CA GLY A 140 -46.29 12.73 -5.12
C GLY A 140 -46.31 11.86 -6.35
N ASP A 141 -47.36 12.05 -7.18
CA ASP A 141 -47.57 11.35 -8.45
C ASP A 141 -46.63 11.96 -9.48
N ASP A 142 -46.25 13.23 -9.25
CA ASP A 142 -45.31 13.97 -10.07
C ASP A 142 -43.94 13.29 -9.96
N LYS A 143 -43.55 12.87 -8.74
CA LYS A 143 -42.30 12.16 -8.48
C LYS A 143 -42.23 10.86 -9.28
N LYS A 144 -43.35 10.10 -9.31
CA LYS A 144 -43.49 8.84 -10.05
C LYS A 144 -43.26 9.04 -11.55
N ARG A 145 -43.87 10.10 -12.13
CA ARG A 145 -43.74 10.47 -13.54
C ARG A 145 -42.28 10.81 -13.85
N ILE A 146 -41.64 11.61 -12.97
CA ILE A 146 -40.25 12.05 -13.08
C ILE A 146 -39.28 10.85 -13.02
N ILE A 147 -39.52 9.90 -12.06
CA ILE A 147 -38.71 8.68 -11.89
C ILE A 147 -38.77 7.82 -13.17
N ASP A 148 -39.96 7.71 -13.76
CA ASP A 148 -40.19 6.96 -14.99
C ASP A 148 -39.45 7.59 -16.17
N SER A 149 -39.49 8.94 -16.28
CA SER A 149 -38.81 9.70 -17.33
C SER A 149 -37.29 9.58 -17.23
N ALA A 150 -36.72 9.65 -16.00
CA ALA A 150 -35.28 9.47 -15.80
C ALA A 150 -34.90 8.05 -16.22
N ARG A 151 -35.63 7.03 -15.70
CA ARG A 151 -35.40 5.63 -16.03
C ARG A 151 -35.36 5.39 -17.55
N SER A 152 -36.33 5.95 -18.29
CA SER A 152 -36.44 5.82 -19.76
C SER A 152 -35.26 6.45 -20.51
N ALA A 153 -34.83 7.67 -20.10
CA ALA A 153 -33.72 8.36 -20.73
C ALA A 153 -32.42 7.56 -20.52
N TYR A 154 -32.16 7.11 -19.26
CA TYR A 154 -30.99 6.30 -18.90
C TYR A 154 -30.95 4.98 -19.62
N GLN A 155 -32.10 4.28 -19.69
CA GLN A 155 -32.21 3.00 -20.36
C GLN A 155 -31.95 3.13 -21.86
N GLU A 156 -32.52 4.17 -22.54
CA GLU A 156 -32.28 4.41 -23.97
C GLU A 156 -30.78 4.64 -24.21
N ALA A 157 -30.13 5.41 -23.34
CA ALA A 157 -28.69 5.70 -23.38
C ALA A 157 -27.86 4.44 -23.15
N MET A 158 -28.27 3.58 -22.18
CA MET A 158 -27.61 2.31 -21.86
C MET A 158 -27.65 1.38 -23.07
N ASP A 159 -28.83 1.24 -23.68
CA ASP A 159 -29.08 0.44 -24.89
C ASP A 159 -28.12 0.85 -26.02
N ILE A 160 -27.99 2.16 -26.27
CA ILE A 160 -27.10 2.68 -27.31
C ILE A 160 -25.64 2.44 -26.96
N SER A 161 -25.23 2.76 -25.72
CA SER A 161 -23.85 2.61 -25.29
C SER A 161 -23.37 1.16 -25.28
N ALA A 162 -24.23 0.18 -24.89
CA ALA A 162 -23.86 -1.23 -24.89
C ALA A 162 -23.66 -1.77 -26.30
N ALA A 163 -24.42 -1.25 -27.28
CA ALA A 163 -24.35 -1.66 -28.68
C ALA A 163 -23.29 -0.92 -29.50
N ALA A 164 -23.02 0.36 -29.17
CA ALA A 164 -22.13 1.19 -29.98
C ALA A 164 -20.80 1.63 -29.36
N MET A 165 -20.66 1.56 -28.04
CA MET A 165 -19.43 2.02 -27.40
C MET A 165 -18.69 0.90 -26.68
N PRO A 166 -17.34 0.94 -26.61
CA PRO A 166 -16.62 -0.09 -25.86
C PRO A 166 -16.87 0.04 -24.33
N PRO A 167 -16.79 -1.05 -23.53
CA PRO A 167 -17.07 -0.94 -22.09
C PRO A 167 -16.16 0.01 -21.30
N THR A 168 -15.03 0.44 -21.89
CA THR A 168 -14.08 1.38 -21.28
C THR A 168 -14.36 2.83 -21.68
N ASN A 169 -15.28 3.08 -22.59
CA ASN A 169 -15.63 4.44 -22.99
C ASN A 169 -16.09 5.28 -21.78
N PRO A 170 -15.46 6.46 -21.51
CA PRO A 170 -15.86 7.28 -20.34
C PRO A 170 -17.32 7.78 -20.33
N ILE A 171 -17.94 8.01 -21.50
CA ILE A 171 -19.34 8.44 -21.54
C ILE A 171 -20.22 7.28 -21.06
N ARG A 172 -19.90 6.05 -21.54
CA ARG A 172 -20.58 4.81 -21.18
C ARG A 172 -20.43 4.53 -19.68
N LEU A 173 -19.20 4.65 -19.16
CA LEU A 173 -18.87 4.46 -17.75
C LEU A 173 -19.57 5.46 -16.85
N GLY A 174 -19.54 6.74 -17.24
CA GLY A 174 -20.21 7.82 -16.52
C GLY A 174 -21.72 7.62 -16.46
N LEU A 175 -22.30 7.14 -17.57
CA LEU A 175 -23.73 6.87 -17.68
C LEU A 175 -24.14 5.72 -16.75
N ALA A 176 -23.39 4.61 -16.79
CA ALA A 176 -23.66 3.44 -15.96
C ALA A 176 -23.55 3.83 -14.48
N LEU A 177 -22.56 4.67 -14.12
CA LEU A 177 -22.38 5.19 -12.76
C LEU A 177 -23.62 5.94 -12.26
N ASN A 178 -24.12 6.90 -13.07
CA ASN A 178 -25.28 7.73 -12.75
C ASN A 178 -26.58 6.94 -12.67
N PHE A 179 -26.76 5.96 -13.57
CA PHE A 179 -27.93 5.10 -13.58
C PHE A 179 -27.96 4.20 -12.35
N SER A 180 -26.78 3.75 -11.90
CA SER A 180 -26.65 2.95 -10.68
C SER A 180 -26.95 3.83 -9.45
N VAL A 181 -26.57 5.14 -9.50
CA VAL A 181 -26.90 6.11 -8.44
C VAL A 181 -28.43 6.27 -8.40
N PHE A 182 -29.06 6.39 -9.60
CA PHE A 182 -30.50 6.48 -9.78
C PHE A 182 -31.20 5.25 -9.15
N HIS A 183 -30.74 4.02 -9.49
CA HIS A 183 -31.33 2.79 -8.92
C HIS A 183 -31.28 2.80 -7.38
N TYR A 184 -30.11 3.11 -6.81
CA TYR A 184 -29.89 3.13 -5.36
C TYR A 184 -30.66 4.21 -4.62
N GLU A 185 -30.47 5.47 -5.02
CA GLU A 185 -30.99 6.68 -4.39
C GLU A 185 -32.41 7.08 -4.74
N ILE A 186 -32.82 6.89 -5.99
CA ILE A 186 -34.10 7.37 -6.45
C ILE A 186 -35.16 6.29 -6.51
N ALA A 187 -34.86 5.20 -7.24
CA ALA A 187 -35.75 4.07 -7.47
C ALA A 187 -35.79 3.08 -6.30
N ASN A 188 -34.93 3.28 -5.28
CA ASN A 188 -34.81 2.43 -4.09
C ASN A 188 -34.69 0.93 -4.47
N SER A 189 -33.75 0.64 -5.39
CA SER A 189 -33.42 -0.70 -5.88
C SER A 189 -31.92 -0.88 -5.65
N PRO A 190 -31.48 -1.06 -4.38
CA PRO A 190 -30.03 -1.21 -4.12
C PRO A 190 -29.38 -2.39 -4.85
N GLU A 191 -30.13 -3.49 -5.03
CA GLU A 191 -29.65 -4.69 -5.71
C GLU A 191 -29.33 -4.41 -7.17
N GLU A 192 -30.21 -3.69 -7.88
CA GLU A 192 -30.02 -3.31 -9.26
C GLU A 192 -28.82 -2.37 -9.41
N ALA A 193 -28.64 -1.46 -8.44
CA ALA A 193 -27.56 -0.48 -8.37
C ALA A 193 -26.20 -1.14 -8.23
N ILE A 194 -26.10 -2.13 -7.32
CA ILE A 194 -24.89 -2.89 -7.04
C ILE A 194 -24.53 -3.76 -8.25
N SER A 195 -25.53 -4.47 -8.80
CA SER A 195 -25.39 -5.33 -9.98
C SER A 195 -24.89 -4.53 -11.19
N LEU A 196 -25.52 -3.38 -11.48
CA LEU A 196 -25.12 -2.51 -12.58
C LEU A 196 -23.68 -1.98 -12.40
N ALA A 197 -23.35 -1.48 -11.19
CA ALA A 197 -22.02 -0.96 -10.87
C ALA A 197 -20.94 -2.05 -11.01
N LYS A 198 -21.19 -3.28 -10.47
CA LYS A 198 -20.27 -4.42 -10.54
C LYS A 198 -19.98 -4.81 -12.00
N THR A 199 -21.05 -5.03 -12.78
CA THR A 199 -20.99 -5.42 -14.20
C THR A 199 -20.18 -4.42 -15.02
N THR A 200 -20.49 -3.11 -14.87
CA THR A 200 -19.81 -2.02 -15.57
C THR A 200 -18.32 -2.04 -15.25
N PHE A 201 -17.98 -2.15 -13.95
CA PHE A 201 -16.61 -2.18 -13.48
C PHE A 201 -15.85 -3.40 -14.03
N ASP A 202 -16.46 -4.60 -13.91
CA ASP A 202 -15.87 -5.87 -14.38
C ASP A 202 -15.60 -5.87 -15.87
N GLU A 203 -16.56 -5.38 -16.67
CA GLU A 203 -16.41 -5.32 -18.11
C GLU A 203 -15.31 -4.33 -18.51
N ALA A 204 -14.84 -3.51 -17.54
CA ALA A 204 -13.90 -2.43 -17.79
C ALA A 204 -12.42 -2.79 -17.69
N MET A 205 -12.03 -3.50 -16.63
CA MET A 205 -10.65 -3.92 -16.39
C MET A 205 -10.13 -4.79 -17.55
N ALA A 206 -10.98 -5.72 -18.04
CA ALA A 206 -10.66 -6.63 -19.15
C ALA A 206 -10.37 -5.91 -20.46
N ASP A 207 -10.95 -4.71 -20.65
CA ASP A 207 -10.80 -3.92 -21.87
C ASP A 207 -9.86 -2.69 -21.79
N LEU A 208 -9.29 -2.36 -20.62
CA LEU A 208 -8.42 -1.17 -20.47
C LEU A 208 -7.25 -1.05 -21.47
N HIS A 209 -6.62 -2.19 -21.85
CA HIS A 209 -5.48 -2.24 -22.78
C HIS A 209 -5.81 -1.74 -24.19
N THR A 210 -7.10 -1.77 -24.55
CA THR A 210 -7.59 -1.34 -25.86
C THR A 210 -7.70 0.20 -25.91
N LEU A 211 -7.55 0.87 -24.76
CA LEU A 211 -7.65 2.32 -24.65
C LEU A 211 -6.35 3.06 -24.89
N SER A 212 -6.51 4.33 -25.31
CA SER A 212 -5.49 5.31 -25.58
C SER A 212 -5.30 6.13 -24.31
N GLU A 213 -4.12 6.74 -24.11
CA GLU A 213 -3.79 7.59 -22.95
C GLU A 213 -4.97 8.51 -22.52
N ASP A 214 -5.67 9.13 -23.50
CA ASP A 214 -6.81 10.05 -23.30
C ASP A 214 -8.04 9.36 -22.67
N SER A 215 -8.49 8.24 -23.29
CA SER A 215 -9.64 7.43 -22.88
C SER A 215 -9.36 6.65 -21.59
N TYR A 216 -8.11 6.14 -21.45
CA TYR A 216 -7.62 5.38 -20.31
C TYR A 216 -7.79 6.14 -18.99
N LYS A 217 -7.35 7.42 -18.95
CA LYS A 217 -7.45 8.29 -17.77
C LYS A 217 -8.90 8.52 -17.32
N ASP A 218 -9.82 8.59 -18.29
CA ASP A 218 -11.24 8.82 -18.07
C ASP A 218 -11.89 7.60 -17.41
N SER A 219 -11.61 6.41 -17.98
CA SER A 219 -12.13 5.13 -17.50
C SER A 219 -11.58 4.74 -16.16
N THR A 220 -10.25 4.89 -15.97
CA THR A 220 -9.58 4.51 -14.73
C THR A 220 -10.05 5.34 -13.55
N LEU A 221 -10.40 6.63 -13.79
CA LEU A 221 -10.97 7.51 -12.77
C LEU A 221 -12.37 6.98 -12.38
N ILE A 222 -13.31 6.85 -13.41
CA ILE A 222 -14.73 6.45 -13.28
C ILE A 222 -14.88 5.06 -12.65
N MET A 223 -13.96 4.12 -12.95
CA MET A 223 -13.99 2.80 -12.35
C MET A 223 -13.74 2.93 -10.86
N GLN A 224 -12.85 3.87 -10.44
CA GLN A 224 -12.60 4.10 -9.02
C GLN A 224 -13.89 4.59 -8.34
N LEU A 225 -14.68 5.43 -9.03
CA LEU A 225 -15.95 5.94 -8.50
C LEU A 225 -16.99 4.81 -8.29
N LEU A 226 -17.10 3.90 -9.29
CA LEU A 226 -17.97 2.73 -9.25
C LEU A 226 -17.61 1.86 -8.04
N ARG A 227 -16.30 1.60 -7.87
CA ARG A 227 -15.72 0.84 -6.78
C ARG A 227 -15.99 1.50 -5.42
N ASP A 228 -15.86 2.84 -5.31
CA ASP A 228 -16.13 3.59 -4.08
C ASP A 228 -17.61 3.46 -3.70
N ASN A 229 -18.51 3.59 -4.69
CA ASN A 229 -19.95 3.46 -4.50
C ASN A 229 -20.33 2.05 -4.06
N LEU A 230 -19.67 1.02 -4.63
CA LEU A 230 -19.89 -0.38 -4.25
C LEU A 230 -19.44 -0.63 -2.80
N THR A 231 -18.32 -0.03 -2.38
CA THR A 231 -17.81 -0.13 -1.01
C THR A 231 -18.86 0.43 -0.04
N LEU A 232 -19.46 1.55 -0.43
CA LEU A 232 -20.47 2.29 0.30
C LEU A 232 -21.83 1.61 0.34
N TRP A 233 -22.23 0.93 -0.76
CA TRP A 233 -23.54 0.31 -0.89
C TRP A 233 -23.64 -1.13 -0.41
N THR A 234 -22.55 -1.90 -0.51
CA THR A 234 -22.53 -3.31 -0.09
C THR A 234 -22.11 -3.44 1.36
N GLU B 5 -42.90 41.22 10.10
CA GLU B 5 -42.30 41.19 8.76
C GLU B 5 -40.77 41.26 8.83
N ARG B 6 -40.24 42.17 9.67
CA ARG B 6 -38.81 42.38 9.89
C ARG B 6 -38.16 41.15 10.51
N ALA B 7 -38.81 40.55 11.52
CA ALA B 7 -38.32 39.35 12.20
C ALA B 7 -38.20 38.18 11.22
N SER B 8 -39.18 38.05 10.31
CA SER B 8 -39.21 37.02 9.27
C SER B 8 -38.07 37.18 8.28
N LEU B 9 -37.83 38.44 7.85
CA LEU B 9 -36.76 38.77 6.90
C LEU B 9 -35.39 38.48 7.47
N ILE B 10 -35.19 38.71 8.78
CA ILE B 10 -33.92 38.42 9.46
C ILE B 10 -33.73 36.91 9.58
N GLN B 11 -34.81 36.16 9.87
CA GLN B 11 -34.76 34.69 9.95
C GLN B 11 -34.39 34.11 8.58
N LYS B 12 -35.01 34.63 7.51
CA LYS B 12 -34.76 34.22 6.13
C LYS B 12 -33.32 34.52 5.70
N ALA B 13 -32.75 35.67 6.13
CA ALA B 13 -31.36 36.05 5.86
C ALA B 13 -30.39 35.08 6.56
N LYS B 14 -30.74 34.63 7.78
CA LYS B 14 -29.95 33.65 8.53
C LYS B 14 -30.01 32.28 7.84
N LEU B 15 -31.17 31.92 7.26
CA LEU B 15 -31.37 30.69 6.49
C LEU B 15 -30.55 30.74 5.21
N ALA B 16 -30.60 31.89 4.49
CA ALA B 16 -29.86 32.14 3.25
C ALA B 16 -28.35 32.07 3.49
N GLU B 17 -27.88 32.50 4.67
CA GLU B 17 -26.47 32.43 5.06
C GLU B 17 -26.03 30.98 5.21
N GLN B 18 -26.87 30.16 5.90
CA GLN B 18 -26.63 28.72 6.10
C GLN B 18 -26.55 27.98 4.77
N ALA B 19 -27.43 28.35 3.83
CA ALA B 19 -27.56 27.79 2.49
C ALA B 19 -26.53 28.39 1.51
N GLU B 20 -25.78 29.42 1.96
CA GLU B 20 -24.76 30.16 1.21
C GLU B 20 -25.32 30.83 -0.06
N ARG B 21 -26.54 31.38 0.06
CA ARG B 21 -27.27 32.09 -0.99
C ARG B 21 -27.22 33.55 -0.59
N TYR B 22 -26.07 34.17 -0.84
CA TYR B 22 -25.76 35.53 -0.43
C TYR B 22 -26.55 36.59 -1.16
N GLU B 23 -27.00 36.33 -2.42
CA GLU B 23 -27.83 37.31 -3.13
C GLU B 23 -29.20 37.39 -2.45
N ASP B 24 -29.74 36.22 -2.02
CA ASP B 24 -30.99 36.10 -1.28
C ASP B 24 -30.85 36.78 0.08
N MET B 25 -29.74 36.47 0.80
CA MET B 25 -29.39 37.03 2.10
C MET B 25 -29.38 38.55 2.05
N ALA B 26 -28.76 39.13 0.99
CA ALA B 26 -28.68 40.56 0.75
C ALA B 26 -30.07 41.15 0.56
N ALA B 27 -30.91 40.49 -0.27
CA ALA B 27 -32.28 40.93 -0.54
C ALA B 27 -33.15 40.94 0.74
N PHE B 28 -33.01 39.91 1.61
CA PHE B 28 -33.75 39.81 2.88
C PHE B 28 -33.31 40.90 3.84
N MET B 29 -31.99 41.15 3.89
CA MET B 29 -31.37 42.18 4.73
C MET B 29 -31.75 43.57 4.28
N LYS B 30 -31.84 43.80 2.95
CA LYS B 30 -32.26 45.09 2.38
C LYS B 30 -33.68 45.38 2.85
N GLY B 31 -34.57 44.39 2.73
CA GLY B 31 -35.96 44.47 3.15
C GLY B 31 -36.13 44.74 4.64
N ALA B 32 -35.31 44.06 5.47
CA ALA B 32 -35.27 44.20 6.93
C ALA B 32 -34.87 45.64 7.33
N VAL B 33 -33.82 46.20 6.66
CA VAL B 33 -33.30 47.57 6.84
C VAL B 33 -34.41 48.58 6.47
N GLU B 34 -35.15 48.29 5.38
CA GLU B 34 -36.22 49.15 4.87
C GLU B 34 -37.44 49.21 5.80
N LYS B 35 -37.51 48.35 6.84
CA LYS B 35 -38.60 48.40 7.82
C LYS B 35 -38.45 49.63 8.73
N GLY B 36 -37.22 50.16 8.80
CA GLY B 36 -36.92 51.39 9.53
C GLY B 36 -36.33 51.28 10.92
N GLU B 37 -36.18 50.06 11.46
CA GLU B 37 -35.61 49.90 12.79
C GLU B 37 -34.09 49.88 12.71
N GLU B 38 -33.43 50.31 13.80
CA GLU B 38 -31.96 50.31 13.93
C GLU B 38 -31.51 48.87 13.89
N LEU B 39 -30.34 48.60 13.31
CA LEU B 39 -29.85 47.23 13.29
C LEU B 39 -29.03 46.96 14.53
N SER B 40 -29.17 45.75 15.08
CA SER B 40 -28.38 45.28 16.21
C SER B 40 -27.00 44.88 15.64
N CYS B 41 -26.02 44.65 16.52
CA CYS B 41 -24.67 44.23 16.13
C CYS B 41 -24.70 42.98 15.25
N GLU B 42 -25.54 41.99 15.62
CA GLU B 42 -25.74 40.74 14.87
C GLU B 42 -26.32 41.04 13.48
N GLU B 43 -27.34 41.92 13.41
CA GLU B 43 -28.00 42.32 12.15
C GLU B 43 -27.09 43.09 11.21
N ARG B 44 -26.23 44.00 11.75
CA ARG B 44 -25.24 44.79 10.98
C ARG B 44 -24.33 43.81 10.26
N ASN B 45 -23.86 42.80 11.01
CA ASN B 45 -22.99 41.75 10.55
C ASN B 45 -23.63 40.91 9.47
N LEU B 46 -24.95 40.60 9.60
CA LEU B 46 -25.70 39.85 8.58
C LEU B 46 -25.73 40.66 7.28
N LEU B 47 -26.03 41.97 7.37
CA LEU B 47 -26.08 42.88 6.23
C LEU B 47 -24.73 42.97 5.53
N SER B 48 -23.66 43.13 6.31
CA SER B 48 -22.29 43.23 5.83
C SER B 48 -21.84 41.93 5.15
N VAL B 49 -22.09 40.77 5.80
CA VAL B 49 -21.73 39.45 5.27
C VAL B 49 -22.41 39.21 3.92
N ALA B 50 -23.71 39.52 3.84
CA ALA B 50 -24.52 39.35 2.64
C ALA B 50 -23.96 40.09 1.45
N TYR B 51 -23.80 41.42 1.57
CA TYR B 51 -23.34 42.26 0.47
C TYR B 51 -21.86 42.12 0.14
N LYS B 52 -21.00 41.85 1.15
CA LYS B 52 -19.57 41.65 0.91
C LYS B 52 -19.35 40.37 0.12
N ASN B 53 -20.17 39.35 0.37
CA ASN B 53 -20.09 38.11 -0.40
C ASN B 53 -20.57 38.31 -1.83
N VAL B 54 -21.65 39.08 -2.04
CA VAL B 54 -22.16 39.37 -3.39
C VAL B 54 -21.15 40.17 -4.19
N VAL B 55 -20.71 41.30 -3.65
CA VAL B 55 -19.77 42.21 -4.32
C VAL B 55 -18.38 41.57 -4.47
N GLY B 56 -17.96 40.77 -3.48
CA GLY B 56 -16.69 40.06 -3.49
C GLY B 56 -16.58 39.07 -4.63
N GLY B 57 -17.70 38.41 -4.94
CA GLY B 57 -17.82 37.46 -6.04
C GLY B 57 -17.73 38.17 -7.37
N GLN B 58 -18.37 39.34 -7.47
CA GLN B 58 -18.37 40.18 -8.67
C GLN B 58 -17.00 40.80 -8.93
N ARG B 59 -16.34 41.30 -7.88
CA ARG B 59 -15.00 41.91 -7.95
C ARG B 59 -13.99 40.86 -8.37
N ALA B 60 -14.06 39.64 -7.80
CA ALA B 60 -13.14 38.54 -8.16
C ALA B 60 -13.29 38.19 -9.63
N ALA B 61 -14.55 38.10 -10.14
CA ALA B 61 -14.90 37.82 -11.54
C ALA B 61 -14.34 38.89 -12.50
N TRP B 62 -14.56 40.18 -12.25
CA TRP B 62 -14.10 41.32 -13.05
C TRP B 62 -12.58 41.33 -13.27
N ARG B 63 -11.79 41.01 -12.22
CA ARG B 63 -10.33 40.95 -12.30
C ARG B 63 -9.86 39.89 -13.27
N VAL B 64 -10.50 38.70 -13.29
CA VAL B 64 -10.18 37.59 -14.21
C VAL B 64 -10.37 38.09 -15.64
N LEU B 65 -11.54 38.67 -15.94
CA LEU B 65 -11.91 39.18 -17.27
C LEU B 65 -11.05 40.34 -17.71
N SER B 66 -10.83 41.32 -16.81
CA SER B 66 -9.99 42.50 -17.03
C SER B 66 -8.54 42.05 -17.32
N SER B 67 -8.04 41.00 -16.60
CA SER B 67 -6.70 40.45 -16.81
C SER B 67 -6.59 39.78 -18.19
N ILE B 68 -7.61 38.98 -18.61
CA ILE B 68 -7.67 38.34 -19.93
C ILE B 68 -7.66 39.44 -20.99
N GLU B 69 -8.50 40.49 -20.81
CA GLU B 69 -8.62 41.65 -21.71
C GLU B 69 -7.28 42.40 -21.90
N GLN B 70 -6.53 42.59 -20.79
CA GLN B 70 -5.23 43.26 -20.78
C GLN B 70 -4.15 42.38 -21.45
N LYS B 71 -4.21 41.07 -21.24
CA LYS B 71 -3.28 40.11 -21.83
C LYS B 71 -3.56 39.87 -23.32
N SER B 72 -4.84 39.78 -23.74
CA SER B 72 -5.25 39.60 -25.13
C SER B 72 -5.03 40.85 -26.01
N ASN B 73 -4.21 41.80 -25.55
CA ASN B 73 -3.82 42.98 -26.30
C ASN B 73 -2.31 42.81 -26.60
N GLU B 74 -2.01 41.51 -26.87
CA GLU B 74 -0.81 40.75 -27.25
C GLU B 74 -1.35 39.49 -28.02
N GLU B 75 -0.66 39.07 -29.11
CA GLU B 75 -1.01 37.93 -29.97
C GLU B 75 -2.41 38.11 -30.62
N GLY B 76 -2.44 38.95 -31.67
CA GLY B 76 -3.64 39.28 -32.42
C GLY B 76 -3.96 40.76 -32.46
N GLY B 81 -10.95 38.48 -27.93
CA GLY B 81 -11.60 39.40 -28.86
C GLY B 81 -12.51 40.43 -28.23
N PRO B 82 -13.53 40.97 -28.97
CA PRO B 82 -14.46 41.98 -28.39
C PRO B 82 -15.40 41.48 -27.29
N GLU B 83 -15.66 40.17 -27.27
CA GLU B 83 -16.53 39.50 -26.30
C GLU B 83 -16.11 39.76 -24.86
N VAL B 84 -14.80 39.81 -24.58
CA VAL B 84 -14.22 40.09 -23.25
C VAL B 84 -14.62 41.47 -22.78
N ARG B 85 -14.49 42.49 -23.65
CA ARG B 85 -14.84 43.87 -23.36
C ARG B 85 -16.33 43.97 -23.05
N GLU B 86 -17.18 43.45 -23.96
CA GLU B 86 -18.64 43.45 -23.84
C GLU B 86 -19.11 42.78 -22.54
N TYR B 87 -18.52 41.64 -22.21
CA TYR B 87 -18.87 40.88 -21.02
C TYR B 87 -18.33 41.53 -19.74
N ARG B 88 -17.10 42.09 -19.77
CA ARG B 88 -16.49 42.82 -18.65
C ARG B 88 -17.38 44.02 -18.32
N GLU B 89 -17.89 44.70 -19.35
CA GLU B 89 -18.80 45.85 -19.22
C GLU B 89 -20.11 45.46 -18.53
N LYS B 90 -20.62 44.26 -18.84
CA LYS B 90 -21.85 43.71 -18.27
C LYS B 90 -21.69 43.50 -16.76
N VAL B 91 -20.72 42.66 -16.37
CA VAL B 91 -20.44 42.38 -14.97
C VAL B 91 -20.25 43.71 -14.28
N GLU B 92 -19.21 44.45 -14.64
CA GLU B 92 -18.94 45.79 -14.13
C GLU B 92 -20.26 46.50 -13.78
N THR B 93 -21.25 46.41 -14.69
CA THR B 93 -22.59 46.98 -14.53
C THR B 93 -23.34 46.36 -13.34
N GLU B 94 -23.28 45.02 -13.21
CA GLU B 94 -23.89 44.29 -12.09
C GLU B 94 -23.26 44.71 -10.76
N LEU B 95 -21.92 44.85 -10.72
CA LEU B 95 -21.14 45.26 -9.55
C LEU B 95 -21.55 46.67 -9.13
N GLN B 96 -21.63 47.59 -10.10
CA GLN B 96 -22.02 48.98 -9.89
C GLN B 96 -23.40 49.10 -9.25
N GLY B 97 -24.33 48.26 -9.71
CA GLY B 97 -25.69 48.21 -9.17
C GLY B 97 -25.77 47.76 -7.73
N VAL B 98 -24.94 46.77 -7.36
CA VAL B 98 -24.89 46.27 -5.98
C VAL B 98 -24.30 47.35 -5.06
N CYS B 99 -23.21 48.01 -5.49
CA CYS B 99 -22.57 49.10 -4.73
C CYS B 99 -23.54 50.25 -4.52
N ASP B 100 -24.25 50.66 -5.59
CA ASP B 100 -25.26 51.71 -5.54
C ASP B 100 -26.42 51.37 -4.59
N THR B 101 -26.80 50.07 -4.50
CA THR B 101 -27.85 49.57 -3.60
C THR B 101 -27.41 49.75 -2.14
N VAL B 102 -26.20 49.26 -1.81
CA VAL B 102 -25.61 49.36 -0.47
C VAL B 102 -25.51 50.83 -0.06
N LEU B 103 -24.92 51.67 -0.94
CA LEU B 103 -24.73 53.10 -0.72
C LEU B 103 -26.06 53.83 -0.52
N GLY B 104 -27.09 53.39 -1.24
CA GLY B 104 -28.45 53.91 -1.10
C GLY B 104 -29.03 53.58 0.26
N LEU B 105 -28.84 52.31 0.73
CA LEU B 105 -29.30 51.87 2.05
C LEU B 105 -28.58 52.62 3.16
N LEU B 106 -27.27 52.81 3.01
CA LEU B 106 -26.44 53.52 3.99
C LEU B 106 -26.86 54.98 4.11
N ASP B 107 -27.10 55.65 2.98
CA ASP B 107 -27.46 57.07 3.00
C ASP B 107 -28.91 57.33 3.39
N SER B 108 -29.86 56.48 2.97
CA SER B 108 -31.25 56.73 3.31
C SER B 108 -31.72 56.06 4.62
N HIS B 109 -30.98 55.06 5.17
CA HIS B 109 -31.48 54.41 6.39
C HIS B 109 -30.51 54.23 7.54
N LEU B 110 -29.25 53.90 7.25
CA LEU B 110 -28.29 53.48 8.27
C LEU B 110 -27.38 54.56 8.82
N ILE B 111 -26.87 55.45 7.97
CA ILE B 111 -25.98 56.53 8.38
C ILE B 111 -26.84 57.58 9.10
N LYS B 112 -26.56 57.77 10.41
CA LYS B 112 -27.26 58.66 11.33
C LYS B 112 -26.25 59.40 12.19
N GLU B 113 -26.64 60.55 12.78
CA GLU B 113 -25.79 61.36 13.66
C GLU B 113 -25.63 60.69 15.03
N ALA B 114 -26.70 60.02 15.48
CA ALA B 114 -26.80 59.19 16.68
C ALA B 114 -26.56 57.74 16.14
N GLY B 115 -26.15 56.75 16.93
CA GLY B 115 -25.84 56.80 18.35
C GLY B 115 -24.40 56.41 18.57
N ASP B 116 -24.16 55.12 18.92
CA ASP B 116 -22.83 54.60 19.24
C ASP B 116 -21.80 54.78 18.14
N ALA B 117 -20.60 55.15 18.57
CA ALA B 117 -19.44 55.36 17.71
C ALA B 117 -19.13 54.10 16.93
N GLU B 118 -19.37 52.92 17.55
CA GLU B 118 -19.18 51.61 16.94
C GLU B 118 -20.03 51.46 15.69
N SER B 119 -21.34 51.72 15.81
CA SER B 119 -22.27 51.60 14.70
C SER B 119 -22.05 52.69 13.64
N ARG B 120 -21.60 53.87 14.05
CA ARG B 120 -21.34 55.01 13.17
C ARG B 120 -20.11 54.76 12.33
N VAL B 121 -19.03 54.26 12.95
CA VAL B 121 -17.77 53.91 12.29
C VAL B 121 -18.03 52.75 11.34
N PHE B 122 -18.81 51.75 11.79
CA PHE B 122 -19.19 50.58 11.00
C PHE B 122 -19.82 50.98 9.66
N TYR B 123 -20.84 51.86 9.70
CA TYR B 123 -21.55 52.30 8.51
C TYR B 123 -20.74 53.22 7.63
N LEU B 124 -19.92 54.09 8.23
CA LEU B 124 -19.08 55.02 7.47
C LEU B 124 -17.94 54.28 6.76
N LYS B 125 -17.42 53.19 7.38
CA LYS B 125 -16.38 52.34 6.81
C LYS B 125 -16.99 51.62 5.60
N MET B 126 -18.20 51.10 5.78
CA MET B 126 -18.98 50.40 4.75
C MET B 126 -19.19 51.32 3.54
N LYS B 127 -19.49 52.62 3.81
CA LYS B 127 -19.66 53.64 2.77
C LYS B 127 -18.37 53.85 1.97
N GLY B 128 -17.24 53.91 2.68
CA GLY B 128 -15.91 54.07 2.09
C GLY B 128 -15.56 52.88 1.25
N ASP B 129 -15.84 51.67 1.76
CA ASP B 129 -15.61 50.39 1.10
C ASP B 129 -16.33 50.28 -0.23
N TYR B 130 -17.65 50.54 -0.26
CA TYR B 130 -18.43 50.40 -1.49
C TYR B 130 -18.11 51.49 -2.50
N TYR B 131 -17.66 52.67 -2.05
CA TYR B 131 -17.19 53.70 -2.96
C TYR B 131 -15.83 53.26 -3.53
N ARG B 132 -14.99 52.61 -2.70
CA ARG B 132 -13.70 52.08 -3.11
C ARG B 132 -13.88 50.99 -4.16
N TYR B 133 -14.92 50.13 -4.00
CA TYR B 133 -15.21 49.06 -4.98
C TYR B 133 -15.64 49.66 -6.30
N LEU B 134 -16.39 50.78 -6.25
CA LEU B 134 -16.80 51.51 -7.45
C LEU B 134 -15.59 52.12 -8.14
N ALA B 135 -14.61 52.63 -7.35
CA ALA B 135 -13.37 53.24 -7.83
C ALA B 135 -12.44 52.27 -8.52
N GLU B 136 -12.49 50.98 -8.12
CA GLU B 136 -11.70 49.88 -8.69
C GLU B 136 -12.00 49.68 -10.17
N VAL B 137 -13.24 49.98 -10.58
CA VAL B 137 -13.71 49.76 -11.94
C VAL B 137 -14.05 51.08 -12.70
N ALA B 138 -14.11 52.24 -11.99
CA ALA B 138 -14.41 53.56 -12.59
C ALA B 138 -13.25 54.09 -13.42
N THR B 139 -13.51 55.06 -14.33
CA THR B 139 -12.49 55.53 -15.27
C THR B 139 -12.11 57.03 -15.32
N GLY B 140 -13.05 57.93 -15.64
CA GLY B 140 -12.74 59.33 -15.87
C GLY B 140 -12.87 60.31 -14.72
N ASP B 141 -13.76 61.30 -14.89
CA ASP B 141 -14.09 62.33 -13.90
C ASP B 141 -14.98 61.71 -12.85
N ASP B 142 -15.70 60.64 -13.25
CA ASP B 142 -16.57 59.85 -12.39
C ASP B 142 -15.69 59.17 -11.33
N LYS B 143 -14.53 58.63 -11.75
CA LYS B 143 -13.56 57.99 -10.85
C LYS B 143 -13.09 58.98 -9.78
N LYS B 144 -12.78 60.23 -10.18
CA LYS B 144 -12.34 61.31 -9.29
C LYS B 144 -13.38 61.62 -8.21
N ARG B 145 -14.67 61.71 -8.60
CA ARG B 145 -15.80 61.97 -7.71
C ARG B 145 -15.93 60.83 -6.69
N ILE B 146 -15.83 59.57 -7.19
CA ILE B 146 -15.91 58.35 -6.40
C ILE B 146 -14.76 58.28 -5.37
N ILE B 147 -13.52 58.59 -5.81
CA ILE B 147 -12.32 58.61 -4.94
C ILE B 147 -12.49 59.62 -3.79
N ASP B 148 -13.04 60.79 -4.12
CA ASP B 148 -13.29 61.84 -3.13
C ASP B 148 -14.33 61.40 -2.09
N SER B 149 -15.42 60.74 -2.55
CA SER B 149 -16.48 60.22 -1.70
C SER B 149 -15.99 59.12 -0.76
N ALA B 150 -15.15 58.19 -1.26
CA ALA B 150 -14.58 57.13 -0.42
C ALA B 150 -13.68 57.79 0.64
N ARG B 151 -12.75 58.70 0.21
CA ARG B 151 -11.85 59.41 1.11
C ARG B 151 -12.58 60.08 2.26
N SER B 152 -13.69 60.80 1.96
CA SER B 152 -14.52 61.50 2.93
C SER B 152 -15.18 60.59 3.97
N ALA B 153 -15.75 59.46 3.50
CA ALA B 153 -16.41 58.48 4.36
C ALA B 153 -15.40 57.88 5.33
N TYR B 154 -14.22 57.44 4.79
CA TYR B 154 -13.12 56.86 5.57
C TYR B 154 -12.55 57.82 6.59
N GLN B 155 -12.33 59.09 6.20
CA GLN B 155 -11.80 60.11 7.08
C GLN B 155 -12.75 60.41 8.24
N GLU B 156 -14.07 60.54 7.96
CA GLU B 156 -15.07 60.78 9.00
C GLU B 156 -15.05 59.62 10.02
N ALA B 157 -14.97 58.38 9.51
CA ALA B 157 -14.89 57.16 10.31
C ALA B 157 -13.60 57.10 11.15
N MET B 158 -12.45 57.50 10.56
CA MET B 158 -11.15 57.55 11.23
C MET B 158 -11.18 58.52 12.41
N ASP B 159 -11.71 59.75 12.18
CA ASP B 159 -11.86 60.78 13.19
C ASP B 159 -12.67 60.25 14.39
N ILE B 160 -13.80 59.57 14.12
CA ILE B 160 -14.64 59.00 15.18
C ILE B 160 -13.92 57.87 15.92
N SER B 161 -13.32 56.93 15.18
CA SER B 161 -12.65 55.77 15.77
C SER B 161 -11.43 56.14 16.64
N ALA B 162 -10.64 57.15 16.21
CA ALA B 162 -9.47 57.60 16.99
C ALA B 162 -9.89 58.26 18.31
N ALA B 163 -11.05 58.95 18.32
CA ALA B 163 -11.60 59.62 19.48
C ALA B 163 -12.44 58.73 20.40
N ALA B 164 -13.14 57.72 19.85
CA ALA B 164 -14.08 56.92 20.63
C ALA B 164 -13.72 55.43 20.84
N MET B 165 -12.83 54.87 20.03
CA MET B 165 -12.52 53.44 20.16
C MET B 165 -11.07 53.17 20.56
N PRO B 166 -10.78 52.07 21.31
CA PRO B 166 -9.36 51.76 21.62
C PRO B 166 -8.60 51.33 20.35
N PRO B 167 -7.25 51.52 20.28
CA PRO B 167 -6.51 51.13 19.05
C PRO B 167 -6.56 49.64 18.67
N THR B 168 -7.00 48.76 19.60
CA THR B 168 -7.13 47.31 19.38
C THR B 168 -8.55 46.92 18.92
N ASN B 169 -9.49 47.84 18.91
CA ASN B 169 -10.85 47.56 18.46
C ASN B 169 -10.85 47.03 17.00
N PRO B 170 -11.44 45.83 16.73
CA PRO B 170 -11.43 45.28 15.36
C PRO B 170 -12.12 46.14 14.28
N ILE B 171 -13.14 46.95 14.64
CA ILE B 171 -13.80 47.83 13.65
C ILE B 171 -12.81 48.94 13.26
N ARG B 172 -12.11 49.50 14.27
CA ARG B 172 -11.09 50.54 14.09
C ARG B 172 -9.92 50.00 13.24
N LEU B 173 -9.42 48.79 13.58
CA LEU B 173 -8.33 48.10 12.87
C LEU B 173 -8.68 47.80 11.43
N GLY B 174 -9.89 47.26 11.23
CA GLY B 174 -10.42 46.94 9.91
C GLY B 174 -10.55 48.18 9.06
N LEU B 175 -11.00 49.29 9.66
CA LEU B 175 -11.17 50.58 8.97
C LEU B 175 -9.82 51.15 8.52
N ALA B 176 -8.84 51.17 9.44
CA ALA B 176 -7.51 51.68 9.14
C ALA B 176 -6.85 50.83 8.03
N LEU B 177 -7.05 49.49 8.07
CA LEU B 177 -6.57 48.57 7.04
C LEU B 177 -7.11 48.94 5.64
N ASN B 178 -8.44 49.12 5.53
CA ASN B 178 -9.13 49.43 4.29
C ASN B 178 -8.76 50.81 3.74
N PHE B 179 -8.63 51.80 4.63
CA PHE B 179 -8.24 53.16 4.26
C PHE B 179 -6.80 53.18 3.73
N SER B 180 -5.91 52.36 4.32
CA SER B 180 -4.53 52.22 3.85
C SER B 180 -4.51 51.51 2.48
N VAL B 181 -5.45 50.55 2.24
CA VAL B 181 -5.61 49.88 0.94
C VAL B 181 -6.05 50.95 -0.08
N PHE B 182 -7.01 51.80 0.32
CA PHE B 182 -7.52 52.92 -0.47
C PHE B 182 -6.35 53.85 -0.86
N HIS B 183 -5.53 54.30 0.11
CA HIS B 183 -4.38 55.19 -0.16
C HIS B 183 -3.44 54.58 -1.20
N TYR B 184 -3.05 53.30 -1.01
CA TYR B 184 -2.12 52.59 -1.89
C TYR B 184 -2.66 52.33 -3.30
N GLU B 185 -3.81 51.64 -3.38
CA GLU B 185 -4.44 51.15 -4.59
C GLU B 185 -5.27 52.13 -5.37
N ILE B 186 -5.99 53.01 -4.68
CA ILE B 186 -6.94 53.87 -5.33
C ILE B 186 -6.41 55.28 -5.52
N ALA B 187 -5.97 55.92 -4.42
CA ALA B 187 -5.47 57.29 -4.37
C ALA B 187 -4.01 57.43 -4.82
N ASN B 188 -3.33 56.30 -5.08
CA ASN B 188 -1.93 56.24 -5.49
C ASN B 188 -1.01 57.11 -4.58
N SER B 189 -1.13 56.88 -3.26
CA SER B 189 -0.35 57.53 -2.20
C SER B 189 0.27 56.39 -1.38
N PRO B 190 1.29 55.68 -1.93
CA PRO B 190 1.88 54.55 -1.18
C PRO B 190 2.47 54.95 0.17
N GLU B 191 3.03 56.17 0.27
CA GLU B 191 3.62 56.67 1.51
C GLU B 191 2.60 56.81 2.61
N GLU B 192 1.42 57.38 2.29
CA GLU B 192 0.32 57.53 3.23
C GLU B 192 -0.22 56.18 3.70
N ALA B 193 -0.26 55.20 2.78
CA ALA B 193 -0.72 53.83 3.00
C ALA B 193 0.18 53.09 3.98
N ILE B 194 1.50 53.19 3.76
CA ILE B 194 2.52 52.56 4.59
C ILE B 194 2.52 53.18 6.00
N SER B 195 2.50 54.54 6.06
CA SER B 195 2.46 55.31 7.30
C SER B 195 1.23 54.95 8.14
N LEU B 196 0.03 54.94 7.51
CA LEU B 196 -1.22 54.59 8.18
C LEU B 196 -1.19 53.15 8.71
N ALA B 197 -0.75 52.18 7.87
CA ALA B 197 -0.65 50.76 8.25
C ALA B 197 0.33 50.54 9.41
N LYS B 198 1.53 51.17 9.37
CA LYS B 198 2.55 51.10 10.43
C LYS B 198 2.02 51.63 11.76
N THR B 199 1.46 52.86 11.76
CA THR B 199 0.89 53.54 12.92
C THR B 199 -0.19 52.70 13.58
N THR B 200 -1.15 52.19 12.79
CA THR B 200 -2.26 51.36 13.25
C THR B 200 -1.72 50.11 13.94
N PHE B 201 -0.78 49.42 13.27
CA PHE B 201 -0.17 48.20 13.78
C PHE B 201 0.58 48.46 15.09
N ASP B 202 1.43 49.51 15.13
CA ASP B 202 2.24 49.88 16.29
C ASP B 202 1.37 50.24 17.50
N GLU B 203 0.30 51.02 17.28
CA GLU B 203 -0.62 51.42 18.36
C GLU B 203 -1.38 50.20 18.91
N ALA B 204 -1.29 49.05 18.19
CA ALA B 204 -2.06 47.85 18.50
C ALA B 204 -1.40 46.86 19.46
N MET B 205 -0.11 46.54 19.24
CA MET B 205 0.67 45.62 20.06
C MET B 205 0.73 46.12 21.52
N ALA B 206 0.93 47.44 21.71
CA ALA B 206 1.01 48.09 23.02
C ALA B 206 -0.29 47.96 23.83
N ASP B 207 -1.45 47.82 23.15
CA ASP B 207 -2.76 47.72 23.80
C ASP B 207 -3.43 46.31 23.82
N LEU B 208 -2.82 45.28 23.19
CA LEU B 208 -3.42 43.93 23.14
C LEU B 208 -3.83 43.30 24.47
N HIS B 209 -3.05 43.53 25.55
CA HIS B 209 -3.31 42.97 26.89
C HIS B 209 -4.63 43.46 27.50
N THR B 210 -5.13 44.62 27.03
CA THR B 210 -6.37 45.22 27.50
C THR B 210 -7.60 44.53 26.87
N LEU B 211 -7.36 43.67 25.86
CA LEU B 211 -8.43 42.96 25.16
C LEU B 211 -8.85 41.64 25.80
N SER B 212 -10.09 41.24 25.51
CA SER B 212 -10.76 40.01 25.91
C SER B 212 -10.55 39.00 24.79
N GLU B 213 -10.62 37.67 25.09
CA GLU B 213 -10.48 36.58 24.11
C GLU B 213 -11.19 36.88 22.76
N ASP B 214 -12.42 37.45 22.80
CA ASP B 214 -13.24 37.80 21.64
C ASP B 214 -12.61 38.90 20.76
N SER B 215 -12.25 40.04 21.38
CA SER B 215 -11.65 41.22 20.74
C SER B 215 -10.22 40.96 20.30
N TYR B 216 -9.46 40.20 21.12
CA TYR B 216 -8.08 39.80 20.90
C TYR B 216 -7.90 39.08 19.57
N LYS B 217 -8.74 38.06 19.28
CA LYS B 217 -8.72 37.28 18.05
C LYS B 217 -8.96 38.14 16.79
N ASP B 218 -9.83 39.16 16.92
CA ASP B 218 -10.17 40.08 15.85
C ASP B 218 -9.00 40.99 15.49
N SER B 219 -8.36 41.58 16.51
CA SER B 219 -7.22 42.47 16.38
C SER B 219 -5.99 41.76 15.91
N THR B 220 -5.70 40.58 16.50
CA THR B 220 -4.50 39.79 16.17
C THR B 220 -4.54 39.28 14.74
N LEU B 221 -5.73 38.97 14.20
CA LEU B 221 -5.91 38.59 12.80
C LEU B 221 -5.56 39.78 11.91
N ILE B 222 -6.27 40.98 12.12
CA ILE B 222 -6.20 42.23 11.35
C ILE B 222 -4.80 42.83 11.38
N MET B 223 -4.07 42.72 12.51
CA MET B 223 -2.69 43.19 12.59
C MET B 223 -1.82 42.37 11.66
N GLN B 224 -2.09 41.05 11.53
CA GLN B 224 -1.34 40.19 10.59
C GLN B 224 -1.57 40.69 9.17
N LEU B 225 -2.80 41.12 8.83
CA LEU B 225 -3.13 41.65 7.50
C LEU B 225 -2.37 42.93 7.20
N LEU B 226 -2.31 43.87 8.17
CA LEU B 226 -1.58 45.14 8.09
C LEU B 226 -0.11 44.86 7.81
N ARG B 227 0.48 43.91 8.58
CA ARG B 227 1.85 43.45 8.47
C ARG B 227 2.14 42.81 7.10
N ASP B 228 1.20 41.98 6.58
CA ASP B 228 1.33 41.32 5.27
C ASP B 228 1.35 42.38 4.16
N ASN B 229 0.44 43.38 4.26
CA ASN B 229 0.34 44.48 3.32
C ASN B 229 1.60 45.34 3.33
N LEU B 230 2.18 45.59 4.53
CA LEU B 230 3.44 46.35 4.67
C LEU B 230 4.60 45.60 4.03
N THR B 231 4.65 44.26 4.18
CA THR B 231 5.68 43.40 3.58
C THR B 231 5.60 43.56 2.04
N LEU B 232 4.38 43.57 1.52
CA LEU B 232 4.04 43.70 0.10
C LEU B 232 4.28 45.09 -0.47
N TRP B 233 4.04 46.16 0.32
CA TRP B 233 4.15 47.55 -0.14
C TRP B 233 5.51 48.19 0.01
N THR B 234 6.29 47.79 1.03
CA THR B 234 7.62 48.36 1.28
C THR B 234 8.71 47.62 0.49
N MET C 1 31.82 29.88 0.74
CA MET C 1 30.92 30.12 -0.39
C MET C 1 29.46 30.00 0.03
N GLU C 2 28.73 31.13 0.03
CA GLU C 2 27.31 31.16 0.40
C GLU C 2 26.53 32.24 -0.34
N ILE C 3 25.31 31.89 -0.79
CA ILE C 3 24.38 32.76 -1.52
C ILE C 3 23.05 32.96 -0.78
N PRO C 4 22.50 34.19 -0.75
CA PRO C 4 21.22 34.41 -0.06
C PRO C 4 20.00 34.06 -0.92
N VAL C 5 19.05 33.33 -0.33
CA VAL C 5 17.83 32.93 -1.02
C VAL C 5 16.71 33.89 -0.57
N PRO C 6 16.09 34.62 -1.53
CA PRO C 6 15.03 35.57 -1.14
C PRO C 6 13.70 34.90 -0.81
N VAL C 7 13.04 35.38 0.26
CA VAL C 7 11.74 34.87 0.71
C VAL C 7 10.63 35.68 0.04
N GLN C 8 10.08 35.21 -1.09
CA GLN C 8 9.01 35.97 -1.77
C GLN C 8 7.61 35.52 -1.31
N PRO C 9 6.70 36.42 -0.84
CA PRO C 9 5.35 35.96 -0.48
C PRO C 9 4.60 35.50 -1.74
N SER C 10 4.15 34.20 -1.75
CA SER C 10 3.45 33.55 -2.88
C SER C 10 2.29 34.40 -3.41
N TRP C 11 1.44 34.84 -2.46
CA TRP C 11 0.25 35.67 -2.64
C TRP C 11 0.60 37.07 -3.19
N LEU C 12 -0.20 37.57 -4.14
CA LEU C 12 0.03 38.88 -4.70
C LEU C 12 -0.96 39.88 -4.14
N ARG C 13 -2.04 40.19 -4.89
CA ARG C 13 -3.15 41.13 -4.59
C ARG C 13 -2.89 42.04 -3.36
N ARG C 14 -3.67 41.87 -2.27
CA ARG C 14 -3.62 42.63 -1.01
C ARG C 14 -4.85 42.23 -0.19
N ALA C 15 -4.75 42.30 1.13
CA ALA C 15 -5.85 41.92 2.01
C ALA C 15 -6.60 43.13 2.55
N SEP C 16 -7.93 43.05 2.58
CA SEP C 16 -8.80 44.08 3.12
CB SEP C 16 -9.72 44.68 2.06
OG SEP C 16 -10.47 43.68 1.39
C SEP C 16 -9.49 43.54 4.38
O SEP C 16 -9.06 42.50 4.88
P SEP C 16 -11.76 44.25 0.76
O1P SEP C 16 -11.51 45.28 -0.34
O2P SEP C 16 -12.36 43.10 0.00
O3P SEP C 16 -12.75 44.74 1.83
N ALA C 17 -10.51 44.24 4.92
CA ALA C 17 -11.20 43.83 6.15
C ALA C 17 -11.97 42.51 5.98
N PRO C 18 -11.69 41.50 6.83
CA PRO C 18 -12.38 40.21 6.67
C PRO C 18 -13.77 40.19 7.29
N LEU C 19 -14.57 39.15 6.97
CA LEU C 19 -15.93 38.95 7.48
C LEU C 19 -15.77 38.40 8.93
N PRO C 20 -16.07 39.18 10.00
CA PRO C 20 -15.86 38.65 11.36
C PRO C 20 -16.96 37.68 11.79
N GLY C 26 -1.65 23.85 15.24
CA GLY C 26 -1.43 22.86 16.28
C GLY C 26 -1.37 23.50 17.64
N ARG C 27 -0.18 23.49 18.26
CA ARG C 27 0.07 24.12 19.57
C ARG C 27 1.13 25.21 19.40
N LEU C 28 1.74 25.64 20.53
CA LEU C 28 2.76 26.69 20.62
C LEU C 28 4.19 26.21 20.28
N PHE C 29 4.28 25.24 19.32
CA PHE C 29 5.51 24.62 18.80
C PHE C 29 6.11 25.42 17.62
N ASP C 30 7.15 24.86 16.97
CA ASP C 30 7.82 25.56 15.88
C ASP C 30 7.49 25.05 14.44
N GLN C 31 7.94 23.81 14.02
CA GLN C 31 7.80 23.34 12.63
C GLN C 31 7.80 21.81 12.36
N ARG C 32 7.86 21.47 11.02
CA ARG C 32 8.00 20.23 10.26
C ARG C 32 7.28 20.36 8.84
N PHE C 33 6.46 19.37 8.42
CA PHE C 33 5.74 19.32 7.14
C PHE C 33 4.34 18.67 7.30
N GLY C 34 3.44 18.94 6.34
CA GLY C 34 2.09 18.38 6.27
C GLY C 34 1.63 18.03 4.87
N GLU C 35 0.72 17.03 4.73
CA GLU C 35 0.22 16.60 3.41
C GLU C 35 -0.68 17.67 2.77
N GLY C 36 -1.38 18.44 3.61
CA GLY C 36 -2.28 19.51 3.17
C GLY C 36 -2.92 20.26 4.32
N LEU C 37 -3.48 21.45 4.02
CA LEU C 37 -4.14 22.33 4.99
C LEU C 37 -5.66 22.05 5.06
N LEU C 38 -6.18 21.89 6.29
CA LEU C 38 -7.57 21.60 6.66
C LEU C 38 -8.63 22.38 5.87
N ASP C 70 15.69 9.99 -5.79
CA ASP C 70 15.11 11.22 -6.32
C ASP C 70 16.05 11.92 -7.30
N PRO C 71 15.53 12.66 -8.31
CA PRO C 71 16.42 13.32 -9.28
C PRO C 71 17.20 14.51 -8.70
N GLY C 72 17.86 15.25 -9.58
CA GLY C 72 18.67 16.41 -9.22
C GLY C 72 17.86 17.63 -8.83
N HIS C 73 16.96 17.51 -7.85
CA HIS C 73 16.13 18.63 -7.37
C HIS C 73 16.17 18.72 -5.83
N PHE C 74 15.52 19.75 -5.28
CA PHE C 74 15.36 19.99 -3.85
C PHE C 74 13.97 20.56 -3.65
N SER C 75 13.25 20.06 -2.64
CA SER C 75 11.91 20.53 -2.31
C SER C 75 11.56 20.21 -0.87
N VAL C 76 11.41 21.27 -0.05
CA VAL C 76 11.04 21.15 1.38
C VAL C 76 9.88 22.09 1.72
N LEU C 77 9.07 21.69 2.71
CA LEU C 77 7.95 22.45 3.23
C LEU C 77 8.13 22.61 4.73
N LEU C 78 8.02 23.84 5.22
CA LEU C 78 8.24 24.20 6.62
C LEU C 78 7.08 25.01 7.18
N ASP C 79 6.73 24.76 8.45
CA ASP C 79 5.71 25.55 9.12
C ASP C 79 6.46 26.63 9.90
N VAL C 80 6.25 27.89 9.51
CA VAL C 80 6.90 29.06 10.11
C VAL C 80 5.83 30.07 10.54
N LYS C 81 4.71 29.54 11.09
CA LYS C 81 3.51 30.28 11.50
C LYS C 81 3.78 31.47 12.43
N HIS C 82 4.79 31.40 13.30
CA HIS C 82 5.06 32.51 14.21
C HIS C 82 5.96 33.61 13.61
N PHE C 83 6.42 33.47 12.35
CA PHE C 83 7.33 34.43 11.73
C PHE C 83 6.83 35.09 10.47
N SER C 84 7.10 36.40 10.32
CA SER C 84 6.74 37.19 9.13
C SER C 84 7.86 37.02 8.09
N PRO C 85 7.66 37.33 6.76
CA PRO C 85 8.75 37.10 5.79
C PRO C 85 10.09 37.72 6.13
N GLU C 86 10.08 38.92 6.75
CA GLU C 86 11.26 39.68 7.18
C GLU C 86 11.98 39.06 8.40
N GLU C 87 11.33 38.09 9.06
CA GLU C 87 11.87 37.39 10.24
C GLU C 87 12.45 36.01 9.87
N ILE C 88 12.42 35.65 8.56
CA ILE C 88 12.93 34.39 8.03
C ILE C 88 14.08 34.67 7.05
N ALA C 89 15.20 33.94 7.20
CA ALA C 89 16.36 34.07 6.32
C ALA C 89 16.77 32.70 5.78
N VAL C 90 16.75 32.56 4.45
CA VAL C 90 17.12 31.32 3.76
C VAL C 90 18.45 31.56 3.03
N LYS C 91 19.42 30.64 3.21
CA LYS C 91 20.76 30.72 2.58
C LYS C 91 21.19 29.35 2.07
N VAL C 92 22.14 29.33 1.12
CA VAL C 92 22.76 28.08 0.65
C VAL C 92 24.22 28.19 1.11
N VAL C 93 24.60 27.40 2.11
CA VAL C 93 25.95 27.40 2.67
C VAL C 93 26.61 26.06 2.34
N GLY C 94 27.40 26.06 1.27
CA GLY C 94 28.11 24.88 0.78
C GLY C 94 27.16 23.83 0.25
N GLU C 95 27.13 22.66 0.92
CA GLU C 95 26.32 21.49 0.58
C GLU C 95 24.97 21.49 1.31
N HIS C 96 24.64 22.60 2.00
CA HIS C 96 23.40 22.71 2.76
C HIS C 96 22.57 23.96 2.49
N VAL C 97 21.26 23.87 2.72
CA VAL C 97 20.29 24.95 2.65
C VAL C 97 19.92 25.25 4.10
N GLU C 98 20.25 26.45 4.58
CA GLU C 98 19.99 26.88 5.95
C GLU C 98 18.78 27.80 6.04
N VAL C 99 17.95 27.61 7.09
CA VAL C 99 16.78 28.44 7.38
C VAL C 99 16.93 28.98 8.80
N HIS C 100 17.00 30.31 8.91
CA HIS C 100 17.17 31.02 10.18
C HIS C 100 15.99 31.94 10.42
N ALA C 101 15.10 31.52 11.33
CA ALA C 101 13.94 32.31 11.72
C ALA C 101 14.08 32.79 13.15
N ARG C 102 13.79 34.08 13.36
CA ARG C 102 13.87 34.74 14.65
C ARG C 102 12.90 35.90 14.74
N HIS C 103 12.17 35.97 15.86
CA HIS C 103 11.29 37.08 16.17
C HIS C 103 11.58 37.59 17.58
N GLU C 104 11.68 38.90 17.73
CA GLU C 104 11.93 39.54 19.03
C GLU C 104 10.69 39.40 19.91
N GLU C 105 10.82 39.70 21.23
CA GLU C 105 9.73 39.61 22.21
C GLU C 105 8.42 40.29 21.78
N ARG C 106 7.34 39.52 21.76
CA ARG C 106 6.04 40.01 21.36
C ARG C 106 4.90 39.50 22.26
N PRO C 107 3.77 40.25 22.39
CA PRO C 107 2.68 39.77 23.25
C PRO C 107 1.86 38.63 22.62
N ASP C 108 1.26 37.79 23.45
CA ASP C 108 0.44 36.69 22.95
C ASP C 108 -0.74 36.42 23.88
N GLU C 109 -1.41 35.27 23.72
CA GLU C 109 -2.56 34.86 24.50
C GLU C 109 -2.29 34.79 26.02
N HIS C 110 -1.09 34.35 26.45
CA HIS C 110 -0.81 34.20 27.87
C HIS C 110 0.19 35.21 28.48
N GLY C 111 1.17 35.67 27.70
CA GLY C 111 2.15 36.64 28.17
C GLY C 111 2.99 37.26 27.07
N PHE C 112 4.33 37.16 27.17
CA PHE C 112 5.28 37.64 26.16
C PHE C 112 6.06 36.44 25.67
N VAL C 113 6.51 36.49 24.41
CA VAL C 113 7.24 35.38 23.82
C VAL C 113 8.17 35.81 22.68
N ALA C 114 9.42 35.31 22.73
CA ALA C 114 10.46 35.49 21.70
C ALA C 114 10.85 34.08 21.27
N ARG C 115 10.96 33.84 19.95
CA ARG C 115 11.27 32.54 19.36
C ARG C 115 12.39 32.64 18.34
N GLU C 116 13.10 31.53 18.17
CA GLU C 116 14.24 31.42 17.26
C GLU C 116 14.45 29.96 16.90
N PHE C 117 14.69 29.69 15.61
CA PHE C 117 15.00 28.34 15.14
C PHE C 117 16.00 28.40 13.99
N HIS C 118 16.79 27.32 13.85
CA HIS C 118 17.81 27.16 12.83
C HIS C 118 17.65 25.76 12.26
N ARG C 119 17.27 25.65 10.98
CA ARG C 119 17.12 24.37 10.30
C ARG C 119 18.09 24.24 9.16
N ARG C 120 18.57 23.03 8.91
CA ARG C 120 19.58 22.75 7.90
C ARG C 120 19.17 21.53 7.09
N TYR C 121 19.29 21.61 5.76
CA TYR C 121 18.94 20.51 4.85
C TYR C 121 20.06 20.26 3.87
N ARG C 122 20.31 19.01 3.49
CA ARG C 122 21.37 18.77 2.53
C ARG C 122 20.88 19.07 1.10
N LEU C 123 21.78 19.64 0.32
CA LEU C 123 21.56 20.01 -1.07
C LEU C 123 22.12 18.88 -1.94
N PRO C 124 21.26 18.12 -2.67
CA PRO C 124 21.77 17.02 -3.50
C PRO C 124 22.82 17.46 -4.54
N PRO C 125 23.74 16.55 -4.95
CA PRO C 125 24.83 16.92 -5.87
C PRO C 125 24.45 17.62 -7.18
N GLY C 126 23.46 17.11 -7.90
CA GLY C 126 23.04 17.66 -9.18
C GLY C 126 22.12 18.87 -9.12
N VAL C 127 22.15 19.61 -8.00
CA VAL C 127 21.31 20.78 -7.79
C VAL C 127 22.17 22.03 -7.79
N ASP C 128 21.86 22.97 -8.68
CA ASP C 128 22.57 24.25 -8.77
C ASP C 128 22.13 25.16 -7.62
N PRO C 129 23.07 25.64 -6.77
CA PRO C 129 22.67 26.52 -5.64
C PRO C 129 21.98 27.82 -6.07
N ALA C 130 22.27 28.31 -7.27
CA ALA C 130 21.69 29.53 -7.86
C ALA C 130 20.21 29.32 -8.25
N ALA C 131 19.79 28.05 -8.46
CA ALA C 131 18.44 27.67 -8.84
C ALA C 131 17.49 27.53 -7.65
N VAL C 132 18.01 27.70 -6.42
CA VAL C 132 17.25 27.58 -5.18
C VAL C 132 16.40 28.84 -4.97
N THR C 133 15.07 28.65 -4.89
CA THR C 133 14.08 29.69 -4.67
C THR C 133 13.30 29.38 -3.39
N SER C 134 12.74 30.44 -2.77
CA SER C 134 11.96 30.33 -1.54
C SER C 134 10.75 31.23 -1.58
N ALA C 135 9.61 30.70 -1.14
CA ALA C 135 8.34 31.42 -1.09
C ALA C 135 7.60 31.10 0.19
N LEU C 136 6.84 32.08 0.69
CA LEU C 136 6.04 31.95 1.89
C LEU C 136 4.57 32.17 1.56
N SER C 137 3.74 31.15 1.83
CA SER C 137 2.30 31.17 1.57
C SER C 137 1.54 31.97 2.65
N PRO C 138 0.35 32.54 2.33
CA PRO C 138 -0.40 33.29 3.37
C PRO C 138 -0.85 32.42 4.56
N GLU C 139 -0.78 31.08 4.43
CA GLU C 139 -1.13 30.12 5.47
C GLU C 139 0.04 29.92 6.46
N GLY C 140 1.22 30.44 6.11
CA GLY C 140 2.42 30.34 6.93
C GLY C 140 3.33 29.16 6.62
N VAL C 141 3.25 28.64 5.38
CA VAL C 141 4.07 27.53 4.92
C VAL C 141 5.21 28.08 4.06
N LEU C 142 6.45 27.74 4.42
CA LEU C 142 7.66 28.14 3.69
C LEU C 142 8.04 26.97 2.79
N SER C 143 8.15 27.21 1.50
CA SER C 143 8.54 26.18 0.55
C SER C 143 9.86 26.61 -0.07
N ILE C 144 10.86 25.75 0.02
CA ILE C 144 12.18 25.99 -0.57
C ILE C 144 12.34 24.93 -1.64
N GLN C 145 12.49 25.40 -2.88
CA GLN C 145 12.56 24.54 -4.05
C GLN C 145 13.74 24.85 -4.94
N ALA C 146 14.13 23.86 -5.73
CA ALA C 146 15.21 23.94 -6.71
C ALA C 146 14.85 23.01 -7.85
N ALA C 147 14.65 23.61 -9.03
CA ALA C 147 14.33 22.94 -10.29
C ALA C 147 15.42 21.91 -10.67
N PRO C 148 15.04 20.79 -11.35
CA PRO C 148 16.04 19.78 -11.71
C PRO C 148 17.18 20.30 -12.59
N ALA C 149 18.44 20.02 -12.17
CA ALA C 149 19.67 20.44 -12.83
C ALA C 149 20.69 19.30 -12.96
N MET D 1 -24.79 -14.36 4.97
CA MET D 1 -25.58 -15.55 4.69
C MET D 1 -27.06 -15.22 4.66
N GLU D 2 -27.64 -14.74 5.79
CA GLU D 2 -29.05 -14.35 5.78
C GLU D 2 -29.18 -12.96 5.19
N ILE D 3 -28.82 -11.92 5.96
CA ILE D 3 -28.85 -10.55 5.44
C ILE D 3 -27.52 -9.87 5.76
N PRO D 4 -26.75 -9.42 4.75
CA PRO D 4 -25.50 -8.75 5.07
C PRO D 4 -25.73 -7.28 5.40
N VAL D 5 -24.88 -6.77 6.26
CA VAL D 5 -24.90 -5.40 6.71
C VAL D 5 -23.78 -4.70 5.96
N PRO D 6 -24.04 -3.50 5.41
CA PRO D 6 -23.01 -2.81 4.63
C PRO D 6 -21.84 -2.23 5.43
N VAL D 7 -20.59 -2.49 4.99
CA VAL D 7 -19.42 -1.92 5.65
C VAL D 7 -19.18 -0.59 4.96
N GLN D 8 -19.93 0.43 5.41
CA GLN D 8 -19.93 1.78 4.90
C GLN D 8 -18.82 2.57 5.60
N PRO D 9 -17.71 2.92 4.96
CA PRO D 9 -16.69 3.68 5.69
C PRO D 9 -16.92 5.20 5.72
N SER D 10 -16.32 5.88 6.72
CA SER D 10 -16.43 7.34 6.91
C SER D 10 -15.68 8.07 5.79
N TRP D 11 -14.71 7.37 5.17
CA TRP D 11 -13.86 7.85 4.06
C TRP D 11 -14.66 8.40 2.89
N LEU D 12 -15.80 7.78 2.55
CA LEU D 12 -16.53 8.12 1.33
C LEU D 12 -17.98 8.61 1.47
N ARG D 13 -18.47 9.15 0.34
CA ARG D 13 -19.77 9.74 0.02
C ARG D 13 -20.17 9.20 -1.37
N ARG D 14 -21.50 9.09 -1.63
CA ARG D 14 -22.08 8.64 -2.91
C ARG D 14 -21.46 9.44 -4.05
N ALA D 15 -20.53 8.82 -4.76
CA ALA D 15 -19.87 9.45 -5.90
C ALA D 15 -20.81 9.49 -7.13
N SEP D 16 -20.98 10.67 -7.75
CA SEP D 16 -21.78 10.84 -8.96
CB SEP D 16 -23.00 11.75 -8.73
OG SEP D 16 -22.79 13.15 -8.96
C SEP D 16 -20.83 11.20 -10.11
O SEP D 16 -19.64 11.38 -9.84
P SEP D 16 -24.13 13.85 -9.35
O1P SEP D 16 -24.36 13.74 -10.85
O2P SEP D 16 -25.37 13.29 -8.65
O3P SEP D 16 -23.97 15.32 -8.99
N ALA D 17 -21.32 11.27 -11.37
CA ALA D 17 -20.49 11.57 -12.56
C ALA D 17 -19.48 12.70 -12.36
N PRO D 18 -18.23 12.54 -12.82
CA PRO D 18 -17.26 13.64 -12.67
C PRO D 18 -17.45 14.74 -13.70
N LEU D 19 -17.09 15.96 -13.29
CA LEU D 19 -17.19 17.22 -14.03
C LEU D 19 -16.24 17.26 -15.25
N PRO D 20 -16.73 17.06 -16.49
CA PRO D 20 -15.81 17.10 -17.64
C PRO D 20 -15.67 18.48 -18.27
N GLY D 72 -5.27 34.49 45.02
CA GLY D 72 -5.45 33.97 43.67
C GLY D 72 -4.58 32.77 43.33
N HIS D 73 -4.69 32.24 42.10
CA HIS D 73 -3.91 31.09 41.62
C HIS D 73 -3.22 31.39 40.26
N PHE D 74 -2.41 30.42 39.78
CA PHE D 74 -1.74 30.46 38.49
C PHE D 74 -1.71 29.03 37.97
N SER D 75 -2.06 28.85 36.70
CA SER D 75 -2.07 27.54 36.06
C SER D 75 -1.94 27.67 34.55
N VAL D 76 -0.81 27.20 33.99
CA VAL D 76 -0.55 27.20 32.55
C VAL D 76 -0.06 25.83 32.08
N LEU D 77 -0.38 25.50 30.82
CA LEU D 77 0.05 24.27 30.16
C LEU D 77 0.77 24.66 28.89
N LEU D 78 1.97 24.10 28.69
CA LEU D 78 2.84 24.41 27.57
C LEU D 78 3.29 23.16 26.86
N ASP D 79 3.37 23.22 25.52
CA ASP D 79 3.89 22.12 24.73
C ASP D 79 5.37 22.41 24.51
N VAL D 80 6.23 21.58 25.07
CA VAL D 80 7.69 21.72 24.98
C VAL D 80 8.28 20.42 24.45
N LYS D 81 7.58 19.78 23.48
CA LYS D 81 7.92 18.49 22.86
C LYS D 81 9.36 18.38 22.34
N HIS D 82 9.95 19.48 21.87
CA HIS D 82 11.31 19.44 21.34
C HIS D 82 12.39 19.58 22.40
N PHE D 83 12.03 19.77 23.69
CA PHE D 83 13.00 19.99 24.76
C PHE D 83 12.97 18.97 25.90
N SER D 84 14.16 18.58 26.39
CA SER D 84 14.31 17.67 27.52
C SER D 84 14.24 18.51 28.82
N PRO D 85 13.99 17.92 30.02
CA PRO D 85 13.86 18.75 31.24
C PRO D 85 15.02 19.70 31.51
N GLU D 86 16.25 19.27 31.19
CA GLU D 86 17.49 20.04 31.35
C GLU D 86 17.64 21.20 30.34
N GLU D 87 16.79 21.22 29.31
CA GLU D 87 16.77 22.24 28.26
C GLU D 87 15.68 23.30 28.50
N ILE D 88 14.93 23.17 29.62
CA ILE D 88 13.84 24.07 30.00
C ILE D 88 14.20 24.72 31.34
N ALA D 89 14.04 26.03 31.43
CA ALA D 89 14.29 26.78 32.66
C ALA D 89 13.08 27.64 33.01
N VAL D 90 12.48 27.40 34.18
CA VAL D 90 11.32 28.14 34.68
C VAL D 90 11.77 29.01 35.86
N LYS D 91 11.44 30.31 35.83
CA LYS D 91 11.81 31.28 36.88
C LYS D 91 10.63 32.19 37.19
N VAL D 92 10.63 32.80 38.38
CA VAL D 92 9.65 33.83 38.75
C VAL D 92 10.47 35.12 38.86
N VAL D 93 10.30 36.03 37.88
CA VAL D 93 11.03 37.30 37.85
C VAL D 93 10.03 38.43 38.06
N GLY D 94 9.96 38.89 39.30
CA GLY D 94 9.06 39.95 39.73
C GLY D 94 7.61 39.54 39.65
N GLU D 95 6.85 40.20 38.76
CA GLU D 95 5.42 40.00 38.52
C GLU D 95 5.14 38.99 37.40
N HIS D 96 6.20 38.33 36.91
CA HIS D 96 6.07 37.37 35.83
C HIS D 96 6.73 36.01 36.08
N VAL D 97 6.20 34.97 35.40
CA VAL D 97 6.72 33.61 35.39
C VAL D 97 7.35 33.46 34.00
N GLU D 98 8.67 33.29 33.95
CA GLU D 98 9.41 33.15 32.69
C GLU D 98 9.77 31.70 32.40
N VAL D 99 9.65 31.31 31.12
CA VAL D 99 10.00 29.98 30.64
C VAL D 99 11.00 30.16 29.50
N HIS D 100 12.22 29.63 29.70
CA HIS D 100 13.32 29.70 28.74
C HIS D 100 13.73 28.33 28.32
N ALA D 101 13.34 27.95 27.10
CA ALA D 101 13.70 26.67 26.53
C ALA D 101 14.65 26.87 25.35
N ARG D 102 15.73 26.08 25.33
CA ARG D 102 16.76 26.12 24.30
C ARG D 102 17.42 24.76 24.14
N HIS D 103 17.57 24.31 22.88
CA HIS D 103 18.28 23.10 22.54
C HIS D 103 19.29 23.40 21.45
N GLU D 104 20.53 22.91 21.60
CA GLU D 104 21.58 23.11 20.61
C GLU D 104 21.29 22.27 19.35
N GLU D 105 22.03 22.53 18.23
CA GLU D 105 21.83 21.83 16.94
C GLU D 105 21.76 20.30 17.05
N ARG D 106 20.67 19.73 16.55
CA ARG D 106 20.45 18.29 16.60
C ARG D 106 19.84 17.76 15.30
N PRO D 107 20.07 16.47 14.93
CA PRO D 107 19.46 15.94 13.70
C PRO D 107 17.96 15.64 13.85
N ASP D 108 17.23 15.70 12.74
CA ASP D 108 15.78 15.44 12.79
C ASP D 108 15.30 14.74 11.52
N GLU D 109 13.99 14.76 11.31
CA GLU D 109 13.28 14.15 10.18
C GLU D 109 13.77 14.68 8.81
N HIS D 110 14.09 15.98 8.69
CA HIS D 110 14.49 16.56 7.40
C HIS D 110 15.96 16.99 7.30
N GLY D 111 16.57 17.48 8.40
CA GLY D 111 17.97 17.93 8.42
C GLY D 111 18.54 18.14 9.80
N PHE D 112 19.05 19.36 10.11
CA PHE D 112 19.56 19.75 11.44
C PHE D 112 18.70 20.88 11.92
N VAL D 113 18.56 21.00 13.25
CA VAL D 113 17.71 22.03 13.83
C VAL D 113 18.09 22.37 15.27
N ALA D 114 18.18 23.69 15.55
CA ALA D 114 18.40 24.28 16.85
C ALA D 114 17.20 25.18 17.10
N ARG D 115 16.62 25.11 18.30
CA ARG D 115 15.42 25.86 18.67
C ARG D 115 15.60 26.57 19.99
N GLU D 116 14.86 27.68 20.16
CA GLU D 116 14.90 28.52 21.34
C GLU D 116 13.59 29.29 21.44
N PHE D 117 13.03 29.35 22.65
CA PHE D 117 11.83 30.13 22.91
C PHE D 117 11.87 30.73 24.31
N HIS D 118 11.20 31.88 24.47
CA HIS D 118 11.11 32.61 25.72
C HIS D 118 9.66 33.01 25.88
N ARG D 119 8.99 32.46 26.90
CA ARG D 119 7.61 32.77 27.20
C ARG D 119 7.51 33.43 28.55
N ARG D 120 6.59 34.36 28.67
CA ARG D 120 6.40 35.15 29.86
C ARG D 120 4.93 35.22 30.20
N TYR D 121 4.58 35.00 31.46
CA TYR D 121 3.19 35.03 31.92
C TYR D 121 3.07 35.91 33.14
N ARG D 122 1.99 36.66 33.26
CA ARG D 122 1.86 37.48 34.46
C ARG D 122 1.42 36.63 35.65
N LEU D 123 1.98 36.95 36.81
CA LEU D 123 1.71 36.31 38.08
C LEU D 123 0.67 37.16 38.79
N PRO D 124 -0.59 36.65 38.99
CA PRO D 124 -1.61 37.46 39.69
C PRO D 124 -1.19 37.93 41.08
N PRO D 125 -1.73 39.08 41.56
CA PRO D 125 -1.30 39.64 42.85
C PRO D 125 -1.31 38.72 44.08
N GLY D 126 -2.39 37.99 44.28
CA GLY D 126 -2.56 37.10 45.44
C GLY D 126 -1.90 35.75 45.34
N VAL D 127 -0.86 35.64 44.49
CA VAL D 127 -0.13 34.39 44.28
C VAL D 127 1.28 34.51 44.84
N ASP D 128 1.63 33.60 45.77
CA ASP D 128 2.95 33.59 46.38
C ASP D 128 3.96 33.00 45.39
N PRO D 129 5.06 33.72 45.04
CA PRO D 129 6.04 33.19 44.09
C PRO D 129 6.72 31.90 44.55
N ALA D 130 6.82 31.67 45.87
CA ALA D 130 7.40 30.46 46.47
C ALA D 130 6.49 29.23 46.30
N ALA D 131 5.18 29.45 46.05
CA ALA D 131 4.17 28.40 45.85
C ALA D 131 4.11 27.90 44.42
N VAL D 132 4.90 28.52 43.51
CA VAL D 132 4.96 28.17 42.10
C VAL D 132 5.76 26.88 41.93
N THR D 133 5.11 25.85 41.37
CA THR D 133 5.70 24.55 41.07
C THR D 133 5.60 24.29 39.56
N SER D 134 6.53 23.47 39.05
CA SER D 134 6.59 23.11 37.64
C SER D 134 6.90 21.64 37.48
N ALA D 135 6.19 21.00 36.56
CA ALA D 135 6.36 19.59 36.26
C ALA D 135 6.27 19.36 34.76
N LEU D 136 7.03 18.36 34.27
CA LEU D 136 7.06 17.98 32.86
C LEU D 136 6.59 16.53 32.73
N SER D 137 5.50 16.34 31.98
CA SER D 137 4.89 15.04 31.76
C SER D 137 5.65 14.23 30.70
N PRO D 138 5.58 12.87 30.70
CA PRO D 138 6.27 12.09 29.66
C PRO D 138 5.76 12.33 28.24
N GLU D 139 4.59 12.99 28.11
CA GLU D 139 3.97 13.34 26.83
C GLU D 139 4.56 14.65 26.27
N GLY D 140 5.36 15.36 27.09
CA GLY D 140 6.00 16.61 26.70
C GLY D 140 5.24 17.87 27.04
N VAL D 141 4.34 17.79 28.03
CA VAL D 141 3.54 18.92 28.49
C VAL D 141 4.16 19.48 29.77
N LEU D 142 4.45 20.78 29.78
CA LEU D 142 4.98 21.49 30.93
C LEU D 142 3.81 22.19 31.61
N SER D 143 3.59 21.89 32.88
CA SER D 143 2.53 22.53 33.64
C SER D 143 3.15 23.33 34.74
N ILE D 144 2.83 24.62 34.80
CA ILE D 144 3.32 25.53 35.84
C ILE D 144 2.09 25.94 36.61
N GLN D 145 2.09 25.61 37.89
CA GLN D 145 0.98 25.84 38.79
C GLN D 145 1.37 26.52 40.06
N ALA D 146 0.39 27.18 40.68
CA ALA D 146 0.51 27.86 41.96
C ALA D 146 -0.83 27.78 42.66
N ALA D 147 -0.82 27.09 43.80
CA ALA D 147 -1.97 26.88 44.69
C ALA D 147 -2.55 28.24 45.16
N PRO D 148 -3.89 28.32 45.39
CA PRO D 148 -4.48 29.59 45.84
C PRO D 148 -3.89 30.15 47.15
N ALA D 149 -3.48 31.45 47.11
CA ALA D 149 -2.86 32.17 48.23
C ALA D 149 -3.47 33.55 48.43
N MET E 4 33.28 -19.89 66.76
CA MET E 4 32.39 -20.87 66.14
C MET E 4 30.98 -20.34 66.05
N GLU E 5 30.46 -19.76 67.16
CA GLU E 5 29.13 -19.14 67.24
C GLU E 5 28.96 -18.04 66.18
N ARG E 6 30.00 -17.18 66.02
CA ARG E 6 30.03 -16.07 65.06
C ARG E 6 29.95 -16.58 63.63
N ALA E 7 30.73 -17.62 63.31
CA ALA E 7 30.76 -18.23 61.97
C ALA E 7 29.39 -18.79 61.60
N SER E 8 28.71 -19.41 62.57
CA SER E 8 27.38 -19.98 62.40
C SER E 8 26.34 -18.91 62.14
N LEU E 9 26.42 -17.79 62.89
CA LEU E 9 25.50 -16.65 62.75
C LEU E 9 25.62 -16.00 61.39
N ILE E 10 26.86 -15.91 60.84
CA ILE E 10 27.10 -15.34 59.52
C ILE E 10 26.56 -16.28 58.44
N GLN E 11 26.73 -17.61 58.62
CA GLN E 11 26.20 -18.60 57.68
C GLN E 11 24.67 -18.53 57.65
N LYS E 12 24.03 -18.42 58.83
CA LYS E 12 22.59 -18.30 58.99
C LYS E 12 22.04 -17.00 58.36
N ALA E 13 22.79 -15.88 58.47
CA ALA E 13 22.44 -14.60 57.85
C ALA E 13 22.48 -14.71 56.33
N LYS E 14 23.45 -15.47 55.79
CA LYS E 14 23.58 -15.73 54.36
C LYS E 14 22.43 -16.59 53.87
N LEU E 15 21.98 -17.56 54.70
CA LEU E 15 20.84 -18.43 54.41
C LEU E 15 19.55 -17.62 54.43
N ALA E 16 19.40 -16.73 55.45
CA ALA E 16 18.23 -15.85 55.61
C ALA E 16 18.12 -14.89 54.43
N GLU E 17 19.26 -14.44 53.87
CA GLU E 17 19.30 -13.56 52.71
C GLU E 17 18.76 -14.29 51.47
N GLN E 18 19.21 -15.55 51.26
CA GLN E 18 18.78 -16.41 50.17
C GLN E 18 17.27 -16.67 50.22
N ALA E 19 16.74 -16.89 51.45
CA ALA E 19 15.34 -17.16 51.77
C ALA E 19 14.51 -15.87 51.84
N GLU E 20 15.18 -14.69 51.74
CA GLU E 20 14.60 -13.34 51.78
C GLU E 20 13.85 -13.06 53.10
N ARG E 21 14.42 -13.55 54.21
CA ARG E 21 13.92 -13.38 55.58
C ARG E 21 14.85 -12.39 56.24
N TYR E 22 14.66 -11.12 55.89
CA TYR E 22 15.51 -10.02 56.32
C TYR E 22 15.44 -9.71 57.80
N GLU E 23 14.31 -9.99 58.48
CA GLU E 23 14.23 -9.77 59.92
C GLU E 23 15.14 -10.79 60.64
N ASP E 24 15.15 -12.04 60.12
CA ASP E 24 16.01 -13.11 60.62
C ASP E 24 17.47 -12.77 60.36
N MET E 25 17.76 -12.33 59.11
CA MET E 25 19.09 -11.92 58.65
C MET E 25 19.67 -10.84 59.56
N ALA E 26 18.83 -9.84 59.92
CA ALA E 26 19.19 -8.74 60.81
C ALA E 26 19.52 -9.26 62.21
N ALA E 27 18.69 -10.17 62.73
CA ALA E 27 18.88 -10.79 64.04
C ALA E 27 20.19 -11.60 64.12
N PHE E 28 20.52 -12.36 63.05
CA PHE E 28 21.75 -13.15 62.96
C PHE E 28 22.97 -12.24 62.90
N MET E 29 22.87 -11.16 62.11
CA MET E 29 23.93 -10.17 61.94
C MET E 29 24.16 -9.37 63.22
N LYS E 30 23.09 -9.05 63.97
CA LYS E 30 23.18 -8.35 65.25
C LYS E 30 23.99 -9.22 66.22
N GLY E 31 23.65 -10.52 66.29
CA GLY E 31 24.32 -11.50 67.13
C GLY E 31 25.79 -11.67 66.78
N ALA E 32 26.10 -11.73 65.47
CA ALA E 32 27.46 -11.85 64.92
C ALA E 32 28.32 -10.63 65.33
N VAL E 33 27.75 -9.40 65.22
CA VAL E 33 28.37 -8.12 65.60
C VAL E 33 28.66 -8.12 67.11
N GLU E 34 27.71 -8.66 67.90
CA GLU E 34 27.81 -8.72 69.36
C GLU E 34 28.89 -9.67 69.86
N LYS E 35 29.49 -10.49 68.97
CA LYS E 35 30.60 -11.37 69.34
C LYS E 35 31.88 -10.56 69.58
N GLY E 36 31.92 -9.34 69.01
CA GLY E 36 33.01 -8.39 69.22
C GLY E 36 34.07 -8.26 68.15
N GLU E 37 34.02 -9.12 67.11
CA GLU E 37 35.03 -9.04 66.05
C GLU E 37 34.65 -7.99 65.04
N GLU E 38 35.66 -7.40 64.37
CA GLU E 38 35.49 -6.41 63.31
C GLU E 38 34.83 -7.12 62.15
N LEU E 39 33.97 -6.42 61.41
CA LEU E 39 33.31 -7.05 60.27
C LEU E 39 34.16 -6.89 59.04
N SER E 40 34.18 -7.93 58.19
CA SER E 40 34.86 -7.88 56.88
C SER E 40 33.93 -7.13 55.93
N CYS E 41 34.43 -6.77 54.74
CA CYS E 41 33.65 -6.04 53.73
C CYS E 41 32.36 -6.79 53.39
N GLU E 42 32.44 -8.13 53.24
CA GLU E 42 31.31 -9.00 52.95
C GLU E 42 30.29 -8.95 54.09
N GLU E 43 30.78 -9.02 55.35
CA GLU E 43 29.95 -9.00 56.57
C GLU E 43 29.25 -7.66 56.79
N ARG E 44 29.93 -6.53 56.50
CA ARG E 44 29.39 -5.17 56.60
C ARG E 44 28.17 -5.08 55.70
N ASN E 45 28.34 -5.58 54.47
CA ASN E 45 27.33 -5.61 53.43
C ASN E 45 26.15 -6.46 53.84
N LEU E 46 26.39 -7.62 54.51
CA LEU E 46 25.31 -8.48 55.02
C LEU E 46 24.49 -7.72 56.08
N LEU E 47 25.16 -7.03 57.01
CA LEU E 47 24.52 -6.24 58.06
C LEU E 47 23.67 -5.13 57.47
N SER E 48 24.23 -4.40 56.49
CA SER E 48 23.58 -3.29 55.81
C SER E 48 22.36 -3.77 55.02
N VAL E 49 22.50 -4.84 54.25
CA VAL E 49 21.41 -5.42 53.45
C VAL E 49 20.24 -5.84 54.34
N ALA E 50 20.55 -6.51 55.46
CA ALA E 50 19.58 -7.00 56.43
C ALA E 50 18.70 -5.89 56.98
N TYR E 51 19.33 -4.88 57.60
CA TYR E 51 18.60 -3.78 58.24
C TYR E 51 17.96 -2.80 57.27
N LYS E 52 18.57 -2.56 56.09
CA LYS E 52 18.00 -1.65 55.09
C LYS E 52 16.72 -2.27 54.52
N ASN E 53 16.68 -3.59 54.38
CA ASN E 53 15.48 -4.26 53.92
C ASN E 53 14.38 -4.21 54.98
N VAL E 54 14.72 -4.39 56.27
CA VAL E 54 13.74 -4.33 57.35
C VAL E 54 13.15 -2.91 57.46
N VAL E 55 14.02 -1.90 57.60
CA VAL E 55 13.63 -0.51 57.77
C VAL E 55 12.95 0.05 56.51
N GLY E 56 13.40 -0.39 55.33
CA GLY E 56 12.85 0.01 54.04
C GLY E 56 11.40 -0.40 53.89
N GLY E 57 11.07 -1.59 54.39
CA GLY E 57 9.72 -2.15 54.40
C GLY E 57 8.82 -1.36 55.33
N GLN E 58 9.35 -0.97 56.49
CA GLN E 58 8.64 -0.19 57.50
C GLN E 58 8.38 1.24 57.03
N ARG E 59 9.40 1.88 56.41
CA ARG E 59 9.32 3.24 55.87
C ARG E 59 8.29 3.30 54.76
N ALA E 60 8.30 2.31 53.83
CA ALA E 60 7.34 2.25 52.73
C ALA E 60 5.91 2.14 53.27
N ALA E 61 5.68 1.28 54.30
CA ALA E 61 4.40 1.07 54.98
C ALA E 61 3.88 2.36 55.65
N TRP E 62 4.68 3.07 56.44
CA TRP E 62 4.35 4.31 57.14
C TRP E 62 3.83 5.41 56.20
N ARG E 63 4.46 5.57 55.02
CA ARG E 63 4.06 6.57 54.01
C ARG E 63 2.65 6.33 53.50
N VAL E 64 2.28 5.05 53.25
CA VAL E 64 0.95 4.65 52.80
C VAL E 64 -0.09 5.10 53.84
N LEU E 65 0.14 4.72 55.10
CA LEU E 65 -0.73 5.02 56.24
C LEU E 65 -0.84 6.49 56.53
N SER E 66 0.32 7.20 56.53
CA SER E 66 0.44 8.65 56.74
C SER E 66 -0.33 9.39 55.62
N SER E 67 -0.25 8.90 54.36
CA SER E 67 -0.99 9.48 53.24
C SER E 67 -2.52 9.31 53.38
N ILE E 68 -2.97 8.10 53.81
CA ILE E 68 -4.39 7.80 54.05
C ILE E 68 -4.86 8.72 55.19
N GLU E 69 -4.08 8.83 56.27
CA GLU E 69 -4.36 9.67 57.45
C GLU E 69 -4.54 11.15 57.09
N GLN E 70 -3.67 11.67 56.19
CA GLN E 70 -3.71 13.05 55.71
C GLN E 70 -4.93 13.28 54.82
N LYS E 71 -5.27 12.30 53.96
CA LYS E 71 -6.41 12.36 53.06
C LYS E 71 -7.74 12.23 53.80
N SER E 72 -7.85 11.30 54.78
CA SER E 72 -9.06 11.08 55.58
C SER E 72 -9.36 12.19 56.61
N ASN E 73 -8.73 13.36 56.45
CA ASN E 73 -8.96 14.52 57.30
C ASN E 73 -9.48 15.70 56.46
N GLU E 74 -9.58 15.44 55.14
CA GLU E 74 -10.12 16.33 54.11
C GLU E 74 -11.60 15.93 53.96
N GLU E 75 -12.49 16.73 54.54
CA GLU E 75 -13.93 16.46 54.51
C GLU E 75 -14.67 17.61 53.84
N LYS E 80 -10.92 11.49 60.09
CA LYS E 80 -12.20 10.79 60.14
C LYS E 80 -11.99 9.29 60.37
N GLY E 81 -11.36 8.99 61.51
CA GLY E 81 -11.09 7.64 61.98
C GLY E 81 -9.88 7.50 62.89
N PRO E 82 -10.04 7.06 64.16
CA PRO E 82 -8.87 6.90 65.06
C PRO E 82 -7.91 5.76 64.70
N GLU E 83 -8.43 4.72 64.01
CA GLU E 83 -7.69 3.51 63.62
C GLU E 83 -6.39 3.80 62.86
N VAL E 84 -6.41 4.71 61.87
CA VAL E 84 -5.22 5.06 61.07
C VAL E 84 -4.13 5.66 61.94
N ARG E 85 -4.51 6.59 62.84
CA ARG E 85 -3.58 7.25 63.75
C ARG E 85 -2.93 6.22 64.68
N GLU E 86 -3.76 5.38 65.34
CA GLU E 86 -3.32 4.32 66.25
C GLU E 86 -2.37 3.35 65.58
N TYR E 87 -2.71 2.92 64.36
CA TYR E 87 -1.90 1.97 63.60
C TYR E 87 -0.61 2.59 63.06
N ARG E 88 -0.68 3.85 62.57
CA ARG E 88 0.49 4.61 62.10
C ARG E 88 1.47 4.77 63.26
N GLU E 89 0.96 5.06 64.49
CA GLU E 89 1.75 5.20 65.71
C GLU E 89 2.47 3.90 66.06
N LYS E 90 1.79 2.75 65.84
CA LYS E 90 2.32 1.42 66.11
C LYS E 90 3.52 1.14 65.23
N VAL E 91 3.33 1.17 63.90
CA VAL E 91 4.40 0.94 62.93
C VAL E 91 5.52 1.89 63.28
N GLU E 92 5.29 3.20 63.15
CA GLU E 92 6.24 4.23 63.52
C GLU E 92 7.11 3.76 64.70
N THR E 93 6.48 3.16 65.72
CA THR E 93 7.13 2.60 66.89
C THR E 93 8.07 1.45 66.53
N GLU E 94 7.62 0.52 65.67
CA GLU E 94 8.42 -0.59 65.18
C GLU E 94 9.65 -0.10 64.41
N LEU E 95 9.47 0.93 63.54
CA LEU E 95 10.52 1.56 62.73
C LEU E 95 11.56 2.20 63.65
N GLN E 96 11.10 2.94 64.67
CA GLN E 96 11.94 3.62 65.65
C GLN E 96 12.83 2.64 66.40
N GLY E 97 12.26 1.48 66.76
CA GLY E 97 12.97 0.41 67.45
C GLY E 97 14.08 -0.21 66.62
N VAL E 98 13.84 -0.40 65.31
CA VAL E 98 14.84 -0.95 64.38
C VAL E 98 15.99 0.05 64.22
N CYS E 99 15.67 1.35 64.03
CA CYS E 99 16.66 2.41 63.88
C CYS E 99 17.52 2.52 65.15
N ASP E 100 16.87 2.49 66.33
CA ASP E 100 17.56 2.52 67.62
C ASP E 100 18.47 1.30 67.83
N THR E 101 18.09 0.12 67.29
CA THR E 101 18.88 -1.11 67.35
C THR E 101 20.15 -0.95 66.54
N VAL E 102 20.02 -0.51 65.27
CA VAL E 102 21.14 -0.26 64.35
C VAL E 102 22.09 0.77 64.97
N LEU E 103 21.55 1.91 65.43
CA LEU E 103 22.31 3.01 66.04
C LEU E 103 23.03 2.56 67.30
N GLY E 104 22.40 1.66 68.07
CA GLY E 104 22.98 1.05 69.26
C GLY E 104 24.16 0.18 68.91
N LEU E 105 24.03 -0.65 67.85
CA LEU E 105 25.10 -1.51 67.35
C LEU E 105 26.27 -0.69 66.83
N LEU E 106 25.97 0.39 66.08
CA LEU E 106 26.98 1.29 65.52
C LEU E 106 27.77 1.98 66.61
N ASP E 107 27.08 2.49 67.65
CA ASP E 107 27.75 3.22 68.71
C ASP E 107 28.48 2.32 69.71
N SER E 108 27.92 1.16 70.04
CA SER E 108 28.59 0.29 71.01
C SER E 108 29.55 -0.74 70.40
N HIS E 109 29.49 -1.01 69.08
CA HIS E 109 30.40 -2.03 68.53
C HIS E 109 31.17 -1.70 67.27
N LEU E 110 30.55 -1.00 66.32
CA LEU E 110 31.11 -0.80 64.98
C LEU E 110 31.89 0.47 64.75
N ILE E 111 31.40 1.61 65.27
CA ILE E 111 32.05 2.90 65.12
C ILE E 111 33.28 2.90 66.06
N LYS E 112 34.46 2.99 65.44
CA LYS E 112 35.78 2.96 66.10
C LYS E 112 36.66 4.03 65.45
N GLU E 113 37.72 4.52 66.13
CA GLU E 113 38.58 5.52 65.50
C GLU E 113 39.64 4.86 64.58
N ALA E 114 39.91 3.56 64.78
CA ALA E 114 40.68 2.70 63.90
C ALA E 114 39.56 1.95 63.09
N GLY E 115 39.79 1.40 61.90
CA GLY E 115 41.01 1.40 61.12
C GLY E 115 40.79 2.09 59.80
N ASP E 116 40.52 1.31 58.73
CA ASP E 116 40.36 1.82 57.37
C ASP E 116 39.26 2.86 57.22
N ALA E 117 39.57 3.88 56.43
CA ALA E 117 38.69 4.99 56.12
C ALA E 117 37.41 4.47 55.45
N GLU E 118 37.54 3.38 54.67
CA GLU E 118 36.42 2.71 54.00
C GLU E 118 35.39 2.24 55.02
N SER E 119 35.84 1.48 56.03
CA SER E 119 34.96 0.95 57.06
C SER E 119 34.42 2.04 57.99
N ARG E 120 35.19 3.10 58.21
CA ARG E 120 34.82 4.23 59.06
C ARG E 120 33.74 5.06 58.40
N VAL E 121 33.90 5.35 57.10
CA VAL E 121 32.93 6.10 56.29
C VAL E 121 31.64 5.29 56.19
N PHE E 122 31.79 3.97 55.95
CA PHE E 122 30.67 3.04 55.83
C PHE E 122 29.75 3.10 57.06
N TYR E 123 30.32 3.00 58.26
CA TYR E 123 29.57 3.01 59.51
C TYR E 123 29.01 4.38 59.86
N LEU E 124 29.75 5.44 59.56
CA LEU E 124 29.29 6.80 59.83
C LEU E 124 28.15 7.19 58.90
N LYS E 125 28.16 6.70 57.64
CA LYS E 125 27.10 6.92 56.65
C LYS E 125 25.84 6.21 57.15
N MET E 126 26.02 4.97 57.60
CA MET E 126 24.96 4.14 58.15
C MET E 126 24.30 4.84 59.36
N LYS E 127 25.11 5.49 60.21
CA LYS E 127 24.66 6.26 61.37
C LYS E 127 23.80 7.45 60.92
N GLY E 128 24.24 8.15 59.88
CA GLY E 128 23.53 9.29 59.30
C GLY E 128 22.21 8.85 58.70
N ASP E 129 22.23 7.73 57.97
CA ASP E 129 21.06 7.12 57.34
C ASP E 129 19.96 6.78 58.33
N TYR E 130 20.30 6.06 59.41
CA TYR E 130 19.29 5.64 60.40
C TYR E 130 18.79 6.79 61.24
N TYR E 131 19.59 7.85 61.42
CA TYR E 131 19.11 9.05 62.09
C TYR E 131 18.17 9.79 61.13
N ARG E 132 18.49 9.76 59.81
CA ARG E 132 17.66 10.38 58.77
C ARG E 132 16.30 9.67 58.71
N TYR E 133 16.27 8.33 58.86
CA TYR E 133 15.03 7.56 58.86
C TYR E 133 14.19 7.91 60.06
N LEU E 134 14.83 8.15 61.22
CA LEU E 134 14.16 8.59 62.44
C LEU E 134 13.56 9.98 62.24
N ALA E 135 14.29 10.87 61.53
CA ALA E 135 13.88 12.25 61.23
C ALA E 135 12.67 12.33 60.30
N GLU E 136 12.49 11.32 59.43
CA GLU E 136 11.38 11.21 58.49
C GLU E 136 10.03 11.09 59.21
N VAL E 137 10.03 10.52 60.43
CA VAL E 137 8.83 10.28 61.22
C VAL E 137 8.77 11.09 62.54
N ALA E 138 9.89 11.76 62.92
CA ALA E 138 9.99 12.57 64.16
C ALA E 138 9.23 13.90 64.00
N THR E 139 8.90 14.55 65.15
CA THR E 139 8.04 15.74 65.13
C THR E 139 8.55 17.06 65.75
N GLY E 140 8.82 17.11 67.06
CA GLY E 140 9.14 18.37 67.74
C GLY E 140 10.59 18.74 67.90
N ASP E 141 11.02 18.86 69.18
CA ASP E 141 12.38 19.18 69.59
C ASP E 141 13.23 17.93 69.41
N ASP E 142 12.57 16.76 69.45
CA ASP E 142 13.18 15.46 69.23
C ASP E 142 13.67 15.39 67.79
N LYS E 143 12.85 15.89 66.83
CA LYS E 143 13.20 15.96 65.42
C LYS E 143 14.47 16.78 65.20
N LYS E 144 14.58 17.95 65.89
CA LYS E 144 15.73 18.85 65.84
C LYS E 144 17.01 18.16 66.28
N ARG E 145 16.95 17.40 67.40
CA ARG E 145 18.06 16.63 67.95
C ARG E 145 18.51 15.56 66.96
N ILE E 146 17.53 14.84 66.37
CA ILE E 146 17.75 13.78 65.38
C ILE E 146 18.40 14.34 64.11
N ILE E 147 17.92 15.51 63.60
CA ILE E 147 18.46 16.19 62.42
C ILE E 147 19.93 16.57 62.65
N ASP E 148 20.25 17.06 63.85
CA ASP E 148 21.60 17.44 64.24
C ASP E 148 22.53 16.23 64.26
N SER E 149 22.06 15.10 64.82
CA SER E 149 22.80 13.84 64.91
C SER E 149 23.10 13.25 63.54
N ALA E 150 22.11 13.28 62.61
CA ALA E 150 22.31 12.80 61.24
C ALA E 150 23.36 13.69 60.56
N ARG E 151 23.18 15.04 60.63
CA ARG E 151 24.12 16.00 60.05
C ARG E 151 25.57 15.75 60.49
N SER E 152 25.78 15.53 61.81
CA SER E 152 27.11 15.27 62.39
C SER E 152 27.75 13.98 61.89
N ALA E 153 26.98 12.90 61.81
CA ALA E 153 27.46 11.61 61.34
C ALA E 153 27.89 11.72 59.87
N TYR E 154 27.02 12.32 59.01
CA TYR E 154 27.27 12.54 57.58
C TYR E 154 28.48 13.41 57.34
N GLN E 155 28.61 14.53 58.10
CA GLN E 155 29.73 15.46 57.98
C GLN E 155 31.04 14.78 58.34
N GLU E 156 31.09 14.01 59.45
CA GLU E 156 32.30 13.28 59.85
C GLU E 156 32.73 12.32 58.73
N ALA E 157 31.76 11.61 58.14
CA ALA E 157 31.96 10.67 57.02
C ALA E 157 32.45 11.38 55.75
N MET E 158 31.88 12.56 55.44
CA MET E 158 32.26 13.40 54.29
C MET E 158 33.72 13.83 54.42
N ASP E 159 34.10 14.35 55.60
CA ASP E 159 35.46 14.78 55.93
C ASP E 159 36.45 13.66 55.67
N ILE E 160 36.16 12.44 56.15
CA ILE E 160 37.02 11.28 55.95
C ILE E 160 37.09 10.86 54.48
N SER E 161 35.93 10.75 53.81
CA SER E 161 35.87 10.31 52.41
C SER E 161 36.57 11.25 51.45
N ALA E 162 36.46 12.57 51.68
CA ALA E 162 37.11 13.56 50.82
C ALA E 162 38.65 13.50 50.95
N ALA E 163 39.15 13.18 52.15
CA ALA E 163 40.58 13.08 52.44
C ALA E 163 41.20 11.72 52.11
N ALA E 164 40.42 10.62 52.25
CA ALA E 164 40.96 9.27 52.10
C ALA E 164 40.48 8.44 50.91
N MET E 165 39.36 8.82 50.28
CA MET E 165 38.85 8.03 49.17
C MET E 165 38.84 8.79 47.85
N PRO E 166 39.02 8.11 46.69
CA PRO E 166 38.91 8.83 45.40
C PRO E 166 37.47 9.29 45.12
N PRO E 167 37.24 10.38 44.35
CA PRO E 167 35.85 10.84 44.11
C PRO E 167 34.93 9.86 43.39
N THR E 168 35.49 8.78 42.79
CA THR E 168 34.72 7.73 42.11
C THR E 168 34.39 6.56 43.03
N ASN E 169 34.92 6.53 44.25
CA ASN E 169 34.64 5.45 45.20
C ASN E 169 33.11 5.34 45.46
N PRO E 170 32.49 4.14 45.27
CA PRO E 170 31.03 4.02 45.49
C PRO E 170 30.54 4.32 46.91
N ILE E 171 31.36 4.08 47.96
CA ILE E 171 30.95 4.39 49.34
C ILE E 171 30.87 5.91 49.48
N ARG E 172 31.87 6.63 48.92
CA ARG E 172 31.95 8.09 48.91
C ARG E 172 30.77 8.69 48.14
N LEU E 173 30.50 8.14 46.94
CA LEU E 173 29.40 8.56 46.07
C LEU E 173 28.04 8.35 46.71
N GLY E 174 27.85 7.17 47.29
CA GLY E 174 26.63 6.81 48.01
C GLY E 174 26.38 7.72 49.20
N LEU E 175 27.46 8.06 49.93
CA LEU E 175 27.40 8.95 51.10
C LEU E 175 26.98 10.37 50.69
N ALA E 176 27.64 10.91 49.66
CA ALA E 176 27.34 12.24 49.16
C ALA E 176 25.90 12.32 48.67
N LEU E 177 25.41 11.25 47.99
CA LEU E 177 24.02 11.13 47.54
C LEU E 177 23.02 11.24 48.70
N ASN E 178 23.23 10.45 49.76
CA ASN E 178 22.37 10.41 50.94
C ASN E 178 22.38 11.71 51.73
N PHE E 179 23.56 12.33 51.87
CA PHE E 179 23.71 13.61 52.56
C PHE E 179 22.99 14.73 51.81
N SER E 180 23.02 14.67 50.46
CA SER E 180 22.32 15.63 49.62
C SER E 180 20.80 15.41 49.74
N VAL E 181 20.35 14.13 49.91
CA VAL E 181 18.93 13.78 50.15
C VAL E 181 18.53 14.38 51.51
N PHE E 182 19.42 14.23 52.53
CA PHE E 182 19.25 14.78 53.86
C PHE E 182 19.07 16.32 53.78
N HIS E 183 19.99 17.04 53.07
CA HIS E 183 19.91 18.50 52.92
C HIS E 183 18.57 18.94 52.32
N TYR E 184 18.15 18.29 51.22
CA TYR E 184 16.93 18.61 50.52
C TYR E 184 15.65 18.29 51.28
N GLU E 185 15.50 17.04 51.70
CA GLU E 185 14.31 16.46 52.34
C GLU E 185 14.15 16.70 53.84
N ILE E 186 15.27 16.67 54.57
CA ILE E 186 15.19 16.72 56.03
C ILE E 186 15.51 18.11 56.57
N ALA E 187 16.67 18.65 56.19
CA ALA E 187 17.18 19.95 56.64
C ALA E 187 16.58 21.14 55.89
N ASN E 188 15.77 20.88 54.85
CA ASN E 188 15.13 21.89 54.00
C ASN E 188 16.14 22.97 53.52
N SER E 189 17.26 22.50 52.95
CA SER E 189 18.33 23.31 52.38
C SER E 189 18.50 22.83 50.94
N PRO E 190 17.55 23.15 50.03
CA PRO E 190 17.68 22.67 48.64
C PRO E 190 18.95 23.13 47.93
N GLU E 191 19.44 24.33 48.26
CA GLU E 191 20.65 24.90 47.66
C GLU E 191 21.88 24.07 48.01
N GLU E 192 22.01 23.68 49.29
CA GLU E 192 23.11 22.85 49.75
C GLU E 192 23.07 21.45 49.10
N ALA E 193 21.85 20.91 48.92
CA ALA E 193 21.58 19.60 48.32
C ALA E 193 22.01 19.56 46.86
N ILE E 194 21.63 20.60 46.09
CA ILE E 194 21.95 20.74 44.68
C ILE E 194 23.47 20.93 44.50
N SER E 195 24.07 21.84 45.30
CA SER E 195 25.51 22.12 45.30
C SER E 195 26.32 20.86 45.58
N LEU E 196 25.97 20.12 46.65
CA LEU E 196 26.63 18.88 47.02
C LEU E 196 26.53 17.82 45.92
N ALA E 197 25.31 17.61 45.37
CA ALA E 197 25.06 16.64 44.30
C ALA E 197 25.85 16.99 43.02
N LYS E 198 25.86 18.28 42.59
CA LYS E 198 26.60 18.77 41.41
C LYS E 198 28.10 18.51 41.54
N THR E 199 28.68 18.96 42.67
CA THR E 199 30.11 18.81 42.98
C THR E 199 30.55 17.36 42.96
N THR E 200 29.80 16.47 43.64
CA THR E 200 30.07 15.05 43.71
C THR E 200 30.08 14.44 42.31
N PHE E 201 29.04 14.76 41.52
CA PHE E 201 28.89 14.27 40.16
C PHE E 201 30.05 14.74 39.27
N ASP E 202 30.36 16.05 39.30
CA ASP E 202 31.41 16.68 38.50
C ASP E 202 32.78 16.10 38.80
N GLU E 203 33.10 15.92 40.09
CA GLU E 203 34.38 15.37 40.52
C GLU E 203 34.51 13.88 40.09
N ALA E 204 33.37 13.28 39.63
CA ALA E 204 33.30 11.86 39.31
C ALA E 204 33.66 11.51 37.89
N MET E 205 33.13 12.24 36.88
CA MET E 205 33.42 11.98 35.47
C MET E 205 34.92 12.15 35.17
N ALA E 206 35.55 13.19 35.75
CA ALA E 206 36.98 13.47 35.59
C ALA E 206 37.89 12.34 36.11
N ASP E 207 37.37 11.45 36.99
CA ASP E 207 38.12 10.33 37.59
C ASP E 207 37.66 8.89 37.19
N LEU E 208 36.58 8.72 36.42
CA LEU E 208 36.06 7.39 36.07
C LEU E 208 37.03 6.38 35.44
N HIS E 209 37.90 6.84 34.55
CA HIS E 209 38.88 6.03 33.82
C HIS E 209 39.94 5.42 34.75
N THR E 210 40.08 5.96 35.96
CA THR E 210 41.02 5.45 36.97
C THR E 210 40.43 4.21 37.67
N LEU E 211 39.13 3.94 37.47
CA LEU E 211 38.42 2.83 38.08
C LEU E 211 38.55 1.50 37.34
N SER E 212 38.36 0.42 38.10
CA SER E 212 38.37 -0.99 37.70
C SER E 212 36.92 -1.37 37.39
N GLU E 213 36.69 -2.41 36.55
CA GLU E 213 35.35 -2.92 36.19
C GLU E 213 34.37 -2.96 37.37
N ASP E 214 34.84 -3.40 38.56
CA ASP E 214 34.07 -3.53 39.82
C ASP E 214 33.59 -2.17 40.36
N SER E 215 34.53 -1.21 40.55
CA SER E 215 34.33 0.14 41.08
C SER E 215 33.56 1.03 40.09
N TYR E 216 33.88 0.88 38.77
CA TYR E 216 33.30 1.60 37.62
C TYR E 216 31.78 1.45 37.61
N LYS E 217 31.26 0.20 37.71
CA LYS E 217 29.82 -0.09 37.71
C LYS E 217 29.08 0.56 38.88
N ASP E 218 29.74 0.64 40.04
CA ASP E 218 29.20 1.23 41.26
C ASP E 218 29.03 2.74 41.14
N SER E 219 30.08 3.41 40.66
CA SER E 219 30.14 4.85 40.48
C SER E 219 29.22 5.32 39.36
N THR E 220 29.23 4.61 38.21
CA THR E 220 28.42 4.97 37.05
C THR E 220 26.95 4.88 37.33
N LEU E 221 26.54 3.93 38.19
CA LEU E 221 25.16 3.80 38.65
C LEU E 221 24.78 5.03 39.49
N ILE E 222 25.55 5.28 40.63
CA ILE E 222 25.35 6.33 41.64
C ILE E 222 25.36 7.72 41.03
N MET E 223 26.21 7.96 40.02
CA MET E 223 26.24 9.24 39.32
C MET E 223 24.92 9.46 38.62
N GLN E 224 24.32 8.40 38.04
CA GLN E 224 23.00 8.51 37.40
C GLN E 224 21.98 8.97 38.44
N LEU E 225 22.05 8.44 39.68
CA LEU E 225 21.12 8.79 40.76
C LEU E 225 21.24 10.26 41.15
N LEU E 226 22.49 10.77 41.29
CA LEU E 226 22.80 12.16 41.60
C LEU E 226 22.17 13.08 40.53
N ARG E 227 22.39 12.72 39.24
CA ARG E 227 21.87 13.41 38.07
C ARG E 227 20.33 13.41 38.04
N ASP E 228 19.70 12.27 38.38
CA ASP E 228 18.23 12.14 38.42
C ASP E 228 17.65 13.05 39.51
N ASN E 229 18.29 13.08 40.69
CA ASN E 229 17.91 13.92 41.82
C ASN E 229 18.05 15.40 41.47
N LEU E 230 19.12 15.78 40.74
CA LEU E 230 19.35 17.16 40.30
C LEU E 230 18.27 17.59 39.31
N THR E 231 17.86 16.69 38.40
CA THR E 231 16.80 16.94 37.42
C THR E 231 15.49 17.25 38.18
N LEU E 232 15.24 16.49 39.24
CA LEU E 232 14.09 16.58 40.10
C LEU E 232 14.09 17.81 41.02
N TRP E 233 15.26 18.23 41.52
CA TRP E 233 15.40 19.32 42.47
C TRP E 233 15.57 20.69 41.88
N THR E 234 16.19 20.79 40.69
CA THR E 234 16.42 22.08 40.01
C THR E 234 15.24 22.43 39.09
N HIS F 3 -19.00 -5.96 69.16
CA HIS F 3 -19.36 -5.46 67.83
C HIS F 3 -18.45 -4.29 67.40
N MET F 4 -18.17 -3.36 68.35
CA MET F 4 -17.29 -2.20 68.15
C MET F 4 -15.84 -2.64 67.94
N GLU F 5 -15.36 -3.57 68.81
CA GLU F 5 -14.02 -4.16 68.74
C GLU F 5 -13.80 -4.84 67.39
N ARG F 6 -14.81 -5.60 66.90
CA ARG F 6 -14.78 -6.31 65.61
C ARG F 6 -14.65 -5.35 64.45
N ALA F 7 -15.42 -4.25 64.45
CA ALA F 7 -15.40 -3.23 63.41
C ALA F 7 -14.01 -2.59 63.30
N SER F 8 -13.39 -2.34 64.47
CA SER F 8 -12.06 -1.76 64.57
C SER F 8 -11.00 -2.68 64.02
N LEU F 9 -11.09 -3.99 64.35
CA LEU F 9 -10.15 -5.02 63.89
C LEU F 9 -10.21 -5.19 62.38
N ILE F 10 -11.40 -5.07 61.77
CA ILE F 10 -11.57 -5.16 60.32
C ILE F 10 -10.97 -3.93 59.65
N GLN F 11 -11.17 -2.73 60.24
CA GLN F 11 -10.59 -1.50 59.73
C GLN F 11 -9.06 -1.57 59.76
N LYS F 12 -8.51 -2.07 60.88
CA LYS F 12 -7.07 -2.25 61.07
C LYS F 12 -6.47 -3.25 60.07
N ALA F 13 -7.20 -4.34 59.75
CA ALA F 13 -6.80 -5.34 58.77
C ALA F 13 -6.75 -4.73 57.36
N LYS F 14 -7.71 -3.83 57.06
CA LYS F 14 -7.76 -3.11 55.79
C LYS F 14 -6.58 -2.13 55.70
N LEU F 15 -6.21 -1.50 56.82
CA LEU F 15 -5.07 -0.59 56.91
C LEU F 15 -3.76 -1.38 56.73
N ALA F 16 -3.65 -2.54 57.39
CA ALA F 16 -2.49 -3.43 57.30
C ALA F 16 -2.30 -3.95 55.88
N GLU F 17 -3.41 -4.16 55.14
CA GLU F 17 -3.37 -4.60 53.74
C GLU F 17 -2.78 -3.50 52.86
N GLN F 18 -3.22 -2.25 53.07
CA GLN F 18 -2.76 -1.06 52.36
C GLN F 18 -1.25 -0.85 52.57
N ALA F 19 -0.79 -1.08 53.82
CA ALA F 19 0.59 -0.94 54.28
C ALA F 19 1.43 -2.18 53.96
N GLU F 20 0.78 -3.26 53.44
CA GLU F 20 1.37 -4.55 53.07
C GLU F 20 2.05 -5.25 54.25
N ARG F 21 1.42 -5.16 55.43
CA ARG F 21 1.86 -5.77 56.69
C ARG F 21 0.90 -6.92 56.94
N TYR F 22 1.13 -8.00 56.22
CA TYR F 22 0.27 -9.18 56.20
C TYR F 22 0.26 -9.96 57.51
N GLU F 23 1.34 -9.92 58.31
CA GLU F 23 1.36 -10.61 59.60
C GLU F 23 0.40 -9.88 60.55
N ASP F 24 0.39 -8.54 60.48
CA ASP F 24 -0.51 -7.67 61.25
C ASP F 24 -1.95 -7.91 60.81
N MET F 25 -2.17 -7.90 59.48
CA MET F 25 -3.46 -8.15 58.83
C MET F 25 -4.06 -9.47 59.30
N ALA F 26 -3.24 -10.53 59.35
CA ALA F 26 -3.62 -11.87 59.81
C ALA F 26 -4.04 -11.83 61.28
N ALA F 27 -3.25 -11.15 62.12
CA ALA F 27 -3.52 -11.00 63.56
C ALA F 27 -4.85 -10.27 63.82
N PHE F 28 -5.13 -9.19 63.05
CA PHE F 28 -6.36 -8.41 63.15
C PHE F 28 -7.57 -9.23 62.72
N MET F 29 -7.40 -10.00 61.63
CA MET F 29 -8.43 -10.87 61.07
C MET F 29 -8.73 -12.04 62.00
N LYS F 30 -7.70 -12.60 62.67
CA LYS F 30 -7.85 -13.69 63.65
C LYS F 30 -8.73 -13.18 64.79
N GLY F 31 -8.42 -11.99 65.29
CA GLY F 31 -9.15 -11.33 66.36
C GLY F 31 -10.60 -11.04 66.01
N ALA F 32 -10.83 -10.56 64.77
CA ALA F 32 -12.15 -10.26 64.22
C ALA F 32 -13.03 -11.54 64.14
N VAL F 33 -12.44 -12.67 63.66
CA VAL F 33 -13.07 -13.99 63.56
C VAL F 33 -13.44 -14.49 64.97
N GLU F 34 -12.55 -14.25 65.95
CA GLU F 34 -12.73 -14.67 67.33
C GLU F 34 -13.86 -13.93 68.06
N LYS F 35 -14.41 -12.85 67.44
CA LYS F 35 -15.55 -12.13 68.03
C LYS F 35 -16.83 -12.95 67.90
N GLY F 36 -16.84 -13.91 66.96
CA GLY F 36 -17.92 -14.87 66.78
C GLY F 36 -18.92 -14.62 65.67
N GLU F 37 -18.83 -13.49 64.99
CA GLU F 37 -19.78 -13.19 63.92
C GLU F 37 -19.34 -13.85 62.62
N GLU F 38 -20.31 -14.17 61.75
CA GLU F 38 -20.08 -14.76 60.43
C GLU F 38 -19.33 -13.73 59.62
N LEU F 39 -18.42 -14.19 58.74
CA LEU F 39 -17.69 -13.24 57.91
C LEU F 39 -18.45 -12.98 56.64
N SER F 40 -18.44 -11.72 56.17
CA SER F 40 -19.04 -11.32 54.90
C SER F 40 -18.04 -11.74 53.81
N CYS F 41 -18.46 -11.70 52.54
CA CYS F 41 -17.62 -12.07 51.39
C CYS F 41 -16.32 -11.24 51.39
N GLU F 42 -16.42 -9.92 51.68
CA GLU F 42 -15.29 -9.01 51.76
C GLU F 42 -14.34 -9.44 52.90
N GLU F 43 -14.90 -9.77 54.08
CA GLU F 43 -14.15 -10.19 55.26
C GLU F 43 -13.44 -11.53 55.08
N ARG F 44 -14.09 -12.50 54.40
CA ARG F 44 -13.53 -13.83 54.07
C ARG F 44 -12.25 -13.62 53.26
N ASN F 45 -12.36 -12.73 52.25
CA ASN F 45 -11.28 -12.37 51.35
C ASN F 45 -10.15 -11.69 52.09
N LEU F 46 -10.44 -10.82 53.08
CA LEU F 46 -9.42 -10.17 53.91
C LEU F 46 -8.64 -11.23 54.71
N LEU F 47 -9.37 -12.19 55.33
CA LEU F 47 -8.77 -13.28 56.10
C LEU F 47 -7.86 -14.14 55.23
N SER F 48 -8.36 -14.52 54.03
CA SER F 48 -7.66 -15.34 53.06
C SER F 48 -6.41 -14.63 52.54
N VAL F 49 -6.52 -13.36 52.15
CA VAL F 49 -5.40 -12.55 51.65
C VAL F 49 -4.29 -12.45 52.70
N ALA F 50 -4.66 -12.18 53.95
CA ALA F 50 -3.76 -12.04 55.09
C ALA F 50 -2.90 -13.29 55.29
N TYR F 51 -3.54 -14.44 55.50
CA TYR F 51 -2.84 -15.69 55.79
C TYR F 51 -2.13 -16.31 54.59
N LYS F 52 -2.68 -16.15 53.36
CA LYS F 52 -2.04 -16.67 52.16
C LYS F 52 -0.74 -15.90 51.90
N ASN F 53 -0.72 -14.61 52.21
CA ASN F 53 0.50 -13.83 52.06
C ASN F 53 1.54 -14.23 53.11
N VAL F 54 1.12 -14.48 54.35
CA VAL F 54 2.04 -14.91 55.42
C VAL F 54 2.64 -16.28 55.09
N VAL F 55 1.78 -17.28 54.83
CA VAL F 55 2.20 -18.64 54.56
C VAL F 55 2.95 -18.75 53.22
N GLY F 56 2.55 -17.94 52.24
CA GLY F 56 3.18 -17.89 50.93
C GLY F 56 4.62 -17.45 51.01
N GLY F 57 4.90 -16.49 51.90
CA GLY F 57 6.24 -15.97 52.17
C GLY F 57 7.09 -17.03 52.82
N GLN F 58 6.51 -17.79 53.74
CA GLN F 58 7.18 -18.87 54.47
C GLN F 58 7.49 -20.05 53.57
N ARG F 59 6.52 -20.44 52.72
CA ARG F 59 6.64 -21.54 51.75
C ARG F 59 7.73 -21.21 50.74
N ALA F 60 7.74 -19.97 50.22
CA ALA F 60 8.76 -19.53 49.24
C ALA F 60 10.15 -19.61 49.86
N ALA F 61 10.31 -19.15 51.14
CA ALA F 61 11.55 -19.19 51.91
C ALA F 61 12.06 -20.63 52.12
N TRP F 62 11.24 -21.56 52.59
CA TRP F 62 11.56 -22.98 52.84
C TRP F 62 12.14 -23.69 51.61
N ARG F 63 11.57 -23.43 50.41
CA ARG F 63 12.02 -24.02 49.15
C ARG F 63 13.45 -23.60 48.81
N VAL F 64 13.80 -22.32 49.02
CA VAL F 64 15.15 -21.78 48.80
C VAL F 64 16.14 -22.54 49.67
N LEU F 65 15.85 -22.64 50.99
CA LEU F 65 16.68 -23.30 51.99
C LEU F 65 16.80 -24.79 51.77
N SER F 66 15.67 -25.46 51.49
CA SER F 66 15.59 -26.89 51.17
C SER F 66 16.42 -27.16 49.89
N SER F 67 16.37 -26.25 48.87
CA SER F 67 17.15 -26.35 47.64
C SER F 67 18.65 -26.16 47.88
N ILE F 68 19.04 -25.21 48.76
CA ILE F 68 20.43 -24.98 49.15
C ILE F 68 20.93 -26.25 49.87
N GLU F 69 20.15 -26.79 50.83
CA GLU F 69 20.44 -28.00 51.61
C GLU F 69 20.73 -29.19 50.69
N GLN F 70 19.89 -29.37 49.64
CA GLN F 70 19.99 -30.43 48.63
C GLN F 70 21.22 -30.22 47.71
N LYS F 71 21.49 -28.96 47.29
CA LYS F 71 22.63 -28.61 46.42
C LYS F 71 23.97 -28.69 47.16
N SER F 72 24.04 -28.18 48.42
CA SER F 72 25.27 -28.18 49.23
C SER F 72 25.72 -29.60 49.70
N ASN F 73 25.17 -30.65 49.07
CA ASN F 73 25.53 -32.05 49.35
C ASN F 73 26.07 -32.74 48.05
N GLU F 74 26.65 -31.90 47.14
CA GLU F 74 27.25 -32.22 45.84
C GLU F 74 28.39 -33.24 45.97
N GLU F 78 29.45 -28.15 48.28
CA GLU F 78 30.23 -29.35 48.57
C GLU F 78 30.88 -29.26 49.97
N GLU F 79 30.51 -30.20 50.86
CA GLU F 79 30.96 -30.37 52.26
C GLU F 79 30.57 -29.19 53.18
N LYS F 80 29.28 -28.74 53.13
CA LYS F 80 28.77 -27.63 53.95
C LYS F 80 28.38 -28.09 55.38
N GLY F 81 27.26 -27.60 55.96
CA GLY F 81 26.98 -27.97 57.33
C GLY F 81 25.60 -27.99 57.97
N PRO F 82 25.64 -28.04 59.33
CA PRO F 82 24.40 -28.15 60.11
C PRO F 82 23.47 -26.93 60.09
N GLU F 83 24.02 -25.72 59.82
CA GLU F 83 23.29 -24.45 59.81
C GLU F 83 22.05 -24.44 58.90
N VAL F 84 22.15 -24.98 57.67
CA VAL F 84 21.02 -25.05 56.73
C VAL F 84 19.88 -25.87 57.27
N ARG F 85 20.20 -27.07 57.81
CA ARG F 85 19.23 -28.00 58.40
C ARG F 85 18.52 -27.33 59.58
N GLU F 86 19.30 -26.77 60.54
CA GLU F 86 18.80 -26.08 61.73
C GLU F 86 17.87 -24.93 61.38
N TYR F 87 18.27 -24.11 60.40
CA TYR F 87 17.48 -22.96 59.99
C TYR F 87 16.22 -23.36 59.21
N ARG F 88 16.32 -24.37 58.33
CA ARG F 88 15.19 -24.93 57.56
C ARG F 88 14.15 -25.47 58.56
N GLU F 89 14.61 -26.15 59.63
CA GLU F 89 13.77 -26.69 60.69
C GLU F 89 13.02 -25.60 61.43
N LYS F 90 13.69 -24.44 61.65
CA LYS F 90 13.12 -23.28 62.34
C LYS F 90 11.96 -22.71 61.53
N VAL F 91 12.22 -22.29 60.29
CA VAL F 91 11.19 -21.76 59.40
C VAL F 91 10.07 -22.76 59.36
N GLU F 92 10.32 -23.95 58.81
CA GLU F 92 9.36 -25.05 58.77
C GLU F 92 8.43 -24.99 59.98
N THR F 93 9.01 -24.78 61.18
CA THR F 93 8.29 -24.65 62.45
C THR F 93 7.36 -23.42 62.44
N GLU F 94 7.83 -22.27 61.96
CA GLU F 94 7.03 -21.05 61.83
C GLU F 94 5.85 -21.25 60.88
N LEU F 95 6.08 -21.93 59.74
CA LEU F 95 5.09 -22.26 58.71
C LEU F 95 4.00 -23.16 59.31
N GLN F 96 4.43 -24.20 60.04
CA GLN F 96 3.54 -25.16 60.71
C GLN F 96 2.60 -24.47 61.68
N GLY F 97 3.13 -23.50 62.42
CA GLY F 97 2.36 -22.72 63.39
C GLY F 97 1.29 -21.86 62.75
N VAL F 98 1.59 -21.25 61.59
CA VAL F 98 0.64 -20.43 60.85
C VAL F 98 -0.50 -21.31 60.29
N CYS F 99 -0.14 -22.48 59.72
CA CYS F 99 -1.11 -23.43 59.18
C CYS F 99 -2.03 -23.94 60.29
N ASP F 100 -1.46 -24.31 61.45
CA ASP F 100 -2.21 -24.75 62.62
C ASP F 100 -3.15 -23.66 63.15
N THR F 101 -2.76 -22.37 63.05
CA THR F 101 -3.57 -21.22 63.46
C THR F 101 -4.80 -21.11 62.58
N VAL F 102 -4.59 -21.11 61.25
CA VAL F 102 -5.66 -21.05 60.24
C VAL F 102 -6.63 -22.22 60.44
N LEU F 103 -6.09 -23.46 60.52
CA LEU F 103 -6.86 -24.69 60.70
C LEU F 103 -7.66 -24.67 62.00
N GLY F 104 -7.09 -24.07 63.04
CA GLY F 104 -7.76 -23.89 64.33
C GLY F 104 -8.93 -22.94 64.21
N LEU F 105 -8.74 -21.81 63.49
CA LEU F 105 -9.82 -20.83 63.24
C LEU F 105 -10.93 -21.43 62.41
N LEU F 106 -10.57 -22.20 61.38
CA LEU F 106 -11.52 -22.87 60.49
C LEU F 106 -12.37 -23.88 61.25
N ASP F 107 -11.73 -24.70 62.10
CA ASP F 107 -12.44 -25.75 62.84
C ASP F 107 -13.24 -25.21 64.02
N SER F 108 -12.74 -24.21 64.75
CA SER F 108 -13.48 -23.71 65.90
C SER F 108 -14.44 -22.55 65.60
N HIS F 109 -14.30 -21.86 64.44
CA HIS F 109 -15.20 -20.73 64.20
C HIS F 109 -15.89 -20.63 62.86
N LEU F 110 -15.19 -20.98 61.77
CA LEU F 110 -15.66 -20.72 60.42
C LEU F 110 -16.40 -21.85 59.74
N ILE F 111 -15.91 -23.09 59.88
CA ILE F 111 -16.54 -24.27 59.28
C ILE F 111 -17.82 -24.57 60.06
N LYS F 112 -18.96 -24.44 59.37
CA LYS F 112 -20.31 -24.63 59.91
C LYS F 112 -21.13 -25.43 58.89
N GLU F 113 -22.20 -26.13 59.33
CA GLU F 113 -23.01 -26.89 58.36
C GLU F 113 -24.04 -25.98 57.64
N ALA F 114 -24.38 -24.84 58.24
CA ALA F 114 -25.13 -23.73 57.65
C ALA F 114 -23.99 -22.73 57.22
N GLY F 115 -24.17 -21.82 56.28
CA GLY F 115 -25.36 -21.57 55.48
C GLY F 115 -25.03 -21.77 54.02
N ASP F 116 -24.69 -20.67 53.30
CA ASP F 116 -24.44 -20.70 51.87
C ASP F 116 -23.31 -21.64 51.45
N ALA F 117 -23.57 -22.34 50.35
CA ALA F 117 -22.65 -23.28 49.75
C ALA F 117 -21.34 -22.58 49.38
N GLU F 118 -21.44 -21.29 49.00
CA GLU F 118 -20.30 -20.44 48.66
C GLU F 118 -19.34 -20.33 49.83
N SER F 119 -19.86 -19.95 51.00
CA SER F 119 -19.04 -19.78 52.19
C SER F 119 -18.54 -21.11 52.73
N ARG F 120 -19.30 -22.19 52.55
CA ARG F 120 -18.96 -23.55 53.00
C ARG F 120 -17.82 -24.11 52.17
N VAL F 121 -17.91 -23.96 50.85
CA VAL F 121 -16.90 -24.41 49.89
C VAL F 121 -15.63 -23.61 50.14
N PHE F 122 -15.77 -22.28 50.34
CA PHE F 122 -14.66 -21.35 50.60
C PHE F 122 -13.80 -21.83 51.78
N TYR F 123 -14.45 -22.13 52.91
CA TYR F 123 -13.76 -22.55 54.13
C TYR F 123 -13.20 -23.95 54.04
N LEU F 124 -13.92 -24.87 53.37
CA LEU F 124 -13.45 -26.25 53.19
C LEU F 124 -12.25 -26.32 52.25
N LYS F 125 -12.20 -25.43 51.24
CA LYS F 125 -11.08 -25.32 50.30
C LYS F 125 -9.87 -24.82 51.08
N MET F 126 -10.08 -23.79 51.91
CA MET F 126 -9.08 -23.19 52.76
C MET F 126 -8.47 -24.25 53.69
N LYS F 127 -9.32 -25.14 54.24
CA LYS F 127 -8.92 -26.25 55.10
C LYS F 127 -8.01 -27.23 54.33
N GLY F 128 -8.40 -27.56 53.10
CA GLY F 128 -7.62 -28.43 52.23
C GLY F 128 -6.27 -27.83 51.90
N ASP F 129 -6.28 -26.52 51.57
CA ASP F 129 -5.08 -25.73 51.24
C ASP F 129 -4.05 -25.73 52.36
N TYR F 130 -4.44 -25.41 53.59
CA TYR F 130 -3.50 -25.33 54.69
C TYR F 130 -3.03 -26.70 55.15
N TYR F 131 -3.82 -27.76 54.92
CA TYR F 131 -3.35 -29.11 55.18
C TYR F 131 -2.36 -29.50 54.08
N ARG F 132 -2.60 -29.04 52.84
CA ARG F 132 -1.70 -29.27 51.70
C ARG F 132 -0.35 -28.60 51.96
N TYR F 133 -0.35 -27.37 52.54
CA TYR F 133 0.89 -26.64 52.87
C TYR F 133 1.67 -27.39 53.93
N LEU F 134 0.96 -27.99 54.90
CA LEU F 134 1.58 -28.81 55.95
C LEU F 134 2.20 -30.05 55.33
N ALA F 135 1.53 -30.66 54.32
CA ALA F 135 1.97 -31.86 53.62
C ALA F 135 3.24 -31.65 52.78
N GLU F 136 3.44 -30.41 52.30
CA GLU F 136 4.60 -30.00 51.50
C GLU F 136 5.91 -30.15 52.29
N VAL F 137 5.84 -30.01 53.62
CA VAL F 137 7.00 -30.03 54.51
C VAL F 137 6.99 -31.22 55.49
N ALA F 138 5.85 -31.98 55.60
CA ALA F 138 5.70 -33.15 56.50
C ALA F 138 6.46 -34.36 55.98
N THR F 139 6.75 -35.35 56.87
CA THR F 139 7.60 -36.47 56.53
C THR F 139 7.07 -37.93 56.69
N GLY F 140 6.74 -38.37 57.89
CA GLY F 140 6.40 -39.77 58.15
C GLY F 140 4.94 -40.18 58.11
N ASP F 141 4.44 -40.68 59.26
CA ASP F 141 3.06 -41.10 59.49
C ASP F 141 2.20 -39.87 59.62
N ASP F 142 2.83 -38.77 60.07
CA ASP F 142 2.22 -37.46 60.22
C ASP F 142 1.82 -36.95 58.83
N LYS F 143 2.70 -37.13 57.82
CA LYS F 143 2.44 -36.76 56.43
C LYS F 143 1.20 -37.48 55.89
N LYS F 144 1.07 -38.78 56.18
CA LYS F 144 -0.06 -39.62 55.77
C LYS F 144 -1.38 -39.08 56.33
N ARG F 145 -1.40 -38.73 57.63
CA ARG F 145 -2.57 -38.18 58.33
C ARG F 145 -2.97 -36.84 57.69
N ILE F 146 -1.96 -35.97 57.42
CA ILE F 146 -2.13 -34.65 56.80
C ILE F 146 -2.69 -34.78 55.38
N ILE F 147 -2.16 -35.72 54.56
CA ILE F 147 -2.61 -35.98 53.18
C ILE F 147 -4.09 -36.41 53.17
N ASP F 148 -4.46 -37.26 54.14
CA ASP F 148 -5.83 -37.74 54.28
C ASP F 148 -6.78 -36.60 54.64
N SER F 149 -6.37 -35.72 55.57
CA SER F 149 -7.14 -34.56 56.02
C SER F 149 -7.36 -33.54 54.89
N ALA F 150 -6.31 -33.27 54.08
CA ALA F 150 -6.44 -32.36 52.95
C ALA F 150 -7.43 -32.99 51.94
N ARG F 151 -7.23 -34.28 51.56
CA ARG F 151 -8.11 -35.01 50.63
C ARG F 151 -9.58 -34.92 51.03
N SER F 152 -9.89 -35.15 52.32
CA SER F 152 -11.25 -35.10 52.88
C SER F 152 -11.89 -33.72 52.79
N ALA F 153 -11.14 -32.66 53.13
CA ALA F 153 -11.61 -31.28 53.09
C ALA F 153 -11.96 -30.90 51.64
N TYR F 154 -11.04 -31.19 50.69
CA TYR F 154 -11.19 -30.93 49.25
C TYR F 154 -12.37 -31.67 48.66
N GLN F 155 -12.51 -32.97 49.00
CA GLN F 155 -13.60 -33.81 48.51
C GLN F 155 -14.96 -33.31 48.98
N GLU F 156 -15.09 -32.96 50.29
CA GLU F 156 -16.33 -32.42 50.83
C GLU F 156 -16.72 -31.13 50.08
N ALA F 157 -15.73 -30.25 49.83
CA ALA F 157 -15.89 -29.00 49.09
C ALA F 157 -16.29 -29.24 47.62
N MET F 158 -15.67 -30.25 46.96
CA MET F 158 -15.98 -30.65 45.58
C MET F 158 -17.43 -31.10 45.46
N ASP F 159 -17.87 -32.01 46.36
CA ASP F 159 -19.24 -32.51 46.43
C ASP F 159 -20.25 -31.36 46.52
N ILE F 160 -19.99 -30.38 47.42
CA ILE F 160 -20.87 -29.22 47.58
C ILE F 160 -20.86 -28.33 46.33
N SER F 161 -19.67 -27.99 45.81
CA SER F 161 -19.54 -27.12 44.64
C SER F 161 -20.17 -27.69 43.37
N ALA F 162 -20.06 -29.02 43.14
CA ALA F 162 -20.64 -29.65 41.95
C ALA F 162 -22.18 -29.63 42.02
N ALA F 163 -22.75 -29.74 43.24
CA ALA F 163 -24.19 -29.73 43.49
C ALA F 163 -24.81 -28.33 43.63
N ALA F 164 -24.06 -27.34 44.14
CA ALA F 164 -24.61 -26.02 44.43
C ALA F 164 -24.08 -24.83 43.60
N MET F 165 -22.93 -24.98 42.94
CA MET F 165 -22.36 -23.86 42.19
C MET F 165 -22.25 -24.12 40.69
N PRO F 166 -22.38 -23.08 39.82
CA PRO F 166 -22.17 -23.31 38.38
C PRO F 166 -20.71 -23.64 38.05
N PRO F 167 -20.40 -24.40 36.96
CA PRO F 167 -18.99 -24.74 36.67
C PRO F 167 -18.04 -23.57 36.41
N THR F 168 -18.58 -22.34 36.18
CA THR F 168 -17.81 -21.12 35.96
C THR F 168 -17.57 -20.33 37.24
N ASN F 169 -18.17 -20.73 38.34
CA ASN F 169 -17.98 -20.06 39.62
C ASN F 169 -16.47 -20.04 40.02
N PRO F 170 -15.86 -18.85 40.28
CA PRO F 170 -14.42 -18.80 40.64
C PRO F 170 -14.01 -19.58 41.90
N ILE F 171 -14.90 -19.72 42.90
CA ILE F 171 -14.58 -20.49 44.10
C ILE F 171 -14.47 -21.98 43.72
N ARG F 172 -15.41 -22.45 42.89
CA ARG F 172 -15.47 -23.82 42.38
C ARG F 172 -14.22 -24.12 41.53
N LEU F 173 -13.89 -23.19 40.61
CA LEU F 173 -12.73 -23.27 39.72
C LEU F 173 -11.42 -23.29 40.50
N GLY F 174 -11.29 -22.38 41.45
CA GLY F 174 -10.13 -22.29 42.32
C GLY F 174 -9.92 -23.56 43.13
N LEU F 175 -11.03 -24.14 43.62
CA LEU F 175 -11.03 -25.37 44.41
C LEU F 175 -10.55 -26.55 43.57
N ALA F 176 -11.13 -26.71 42.38
CA ALA F 176 -10.78 -27.79 41.47
C ALA F 176 -9.30 -27.68 41.08
N LEU F 177 -8.79 -26.44 40.84
CA LEU F 177 -7.37 -26.18 40.54
C LEU F 177 -6.45 -26.68 41.66
N ASN F 178 -6.75 -26.31 42.91
CA ASN F 178 -5.96 -26.67 44.08
C ASN F 178 -5.98 -28.16 44.37
N PHE F 179 -7.16 -28.80 44.20
CA PHE F 179 -7.32 -30.23 44.42
C PHE F 179 -6.53 -31.02 43.36
N SER F 180 -6.47 -30.50 42.14
CA SER F 180 -5.69 -31.12 41.06
C SER F 180 -4.19 -30.94 41.36
N VAL F 181 -3.79 -29.80 41.99
CA VAL F 181 -2.40 -29.56 42.43
C VAL F 181 -2.07 -30.61 43.52
N PHE F 182 -3.02 -30.81 44.45
CA PHE F 182 -2.92 -31.79 45.52
C PHE F 182 -2.71 -33.21 44.93
N HIS F 183 -3.56 -33.63 43.97
CA HIS F 183 -3.44 -34.95 43.33
C HIS F 183 -2.05 -35.14 42.72
N TYR F 184 -1.58 -34.14 41.93
CA TYR F 184 -0.29 -34.20 41.24
C TYR F 184 0.92 -34.18 42.17
N GLU F 185 1.02 -33.15 43.01
CA GLU F 185 2.15 -32.83 43.89
C GLU F 185 2.20 -33.57 45.21
N ILE F 186 1.06 -33.81 45.83
CA ILE F 186 1.03 -34.36 47.18
C ILE F 186 0.72 -35.84 47.19
N ALA F 187 -0.41 -36.22 46.57
CA ALA F 187 -0.92 -37.59 46.51
C ALA F 187 -0.25 -38.45 45.43
N ASN F 188 0.62 -37.84 44.60
CA ASN F 188 1.34 -38.49 43.50
C ASN F 188 0.39 -39.33 42.60
N SER F 189 -0.70 -38.69 42.14
CA SER F 189 -1.71 -39.25 41.25
C SER F 189 -1.79 -38.28 40.05
N PRO F 190 -0.77 -38.27 39.16
CA PRO F 190 -0.80 -37.33 38.02
C PRO F 190 -2.01 -37.49 37.11
N GLU F 191 -2.49 -38.74 36.94
CA GLU F 191 -3.64 -39.05 36.09
C GLU F 191 -4.91 -38.41 36.62
N GLU F 192 -5.14 -38.49 37.95
CA GLU F 192 -6.29 -37.88 38.59
C GLU F 192 -6.25 -36.36 38.49
N ALA F 193 -5.04 -35.78 38.59
CA ALA F 193 -4.76 -34.35 38.50
C ALA F 193 -5.09 -33.80 37.12
N ILE F 194 -4.63 -34.51 36.07
CA ILE F 194 -4.86 -34.14 34.67
C ILE F 194 -6.35 -34.25 34.34
N SER F 195 -6.98 -35.38 34.71
CA SER F 195 -8.40 -35.64 34.51
C SER F 195 -9.26 -34.56 35.16
N LEU F 196 -9.01 -34.25 36.45
CA LEU F 196 -9.73 -33.21 37.18
C LEU F 196 -9.58 -31.84 36.53
N ALA F 197 -8.33 -31.45 36.19
CA ALA F 197 -8.04 -30.17 35.54
C ALA F 197 -8.72 -30.03 34.17
N LYS F 198 -8.66 -31.10 33.31
CA LYS F 198 -9.31 -31.14 31.98
C LYS F 198 -10.82 -30.94 32.10
N THR F 199 -11.47 -31.76 32.94
CA THR F 199 -12.91 -31.75 33.18
C THR F 199 -13.40 -30.38 33.64
N THR F 200 -12.72 -29.78 34.64
CA THR F 200 -13.04 -28.48 35.20
C THR F 200 -12.98 -27.42 34.10
N PHE F 201 -11.88 -27.42 33.33
CA PHE F 201 -11.66 -26.48 32.25
C PHE F 201 -12.73 -26.61 31.15
N ASP F 202 -13.00 -27.85 30.70
CA ASP F 202 -13.98 -28.14 29.65
C ASP F 202 -15.39 -27.73 30.04
N GLU F 203 -15.80 -28.02 31.30
CA GLU F 203 -17.12 -27.65 31.80
C GLU F 203 -17.27 -26.12 31.91
N ALA F 204 -16.12 -25.39 31.79
CA ALA F 204 -16.08 -23.95 31.99
C ALA F 204 -16.33 -23.09 30.74
N MET F 205 -15.70 -23.41 29.61
CA MET F 205 -15.86 -22.70 28.35
C MET F 205 -17.34 -22.72 27.90
N ALA F 206 -18.01 -23.87 28.04
CA ALA F 206 -19.41 -24.05 27.67
C ALA F 206 -20.37 -23.15 28.46
N ASP F 207 -19.99 -22.75 29.69
CA ASP F 207 -20.81 -21.92 30.57
C ASP F 207 -20.39 -20.44 30.73
N LEU F 208 -19.26 -20.00 30.14
CA LEU F 208 -18.78 -18.62 30.32
C LEU F 208 -19.78 -17.49 29.99
N HIS F 209 -20.63 -17.68 28.97
CA HIS F 209 -21.62 -16.67 28.53
C HIS F 209 -22.67 -16.36 29.60
N THR F 210 -22.86 -17.28 30.54
CA THR F 210 -23.83 -17.15 31.63
C THR F 210 -23.28 -16.23 32.74
N LEU F 211 -21.97 -15.90 32.66
CA LEU F 211 -21.31 -15.07 33.67
C LEU F 211 -21.40 -13.57 33.41
N SER F 212 -21.26 -12.81 34.52
CA SER F 212 -21.25 -11.36 34.63
C SER F 212 -19.80 -10.91 34.56
N GLU F 213 -19.53 -9.65 34.14
CA GLU F 213 -18.19 -9.05 34.05
C GLU F 213 -17.28 -9.43 35.24
N ASP F 214 -17.82 -9.42 36.49
CA ASP F 214 -17.11 -9.74 37.74
C ASP F 214 -16.66 -11.19 37.82
N SER F 215 -17.62 -12.14 37.63
CA SER F 215 -17.42 -13.59 37.67
C SER F 215 -16.61 -14.10 36.48
N TYR F 216 -16.84 -13.51 35.28
CA TYR F 216 -16.18 -13.81 34.02
C TYR F 216 -14.66 -13.66 34.14
N LYS F 217 -14.17 -12.52 34.68
CA LYS F 217 -12.74 -12.23 34.87
C LYS F 217 -12.06 -13.25 35.82
N ASP F 218 -12.79 -13.73 36.83
CA ASP F 218 -12.32 -14.70 37.81
C ASP F 218 -12.13 -16.08 37.18
N SER F 219 -13.14 -16.53 36.43
CA SER F 219 -13.14 -17.82 35.75
C SER F 219 -12.15 -17.87 34.62
N THR F 220 -12.10 -16.80 33.79
CA THR F 220 -11.20 -16.74 32.62
C THR F 220 -9.75 -16.74 33.04
N LEU F 221 -9.41 -16.15 34.21
CA LEU F 221 -8.07 -16.18 34.78
C LEU F 221 -7.73 -17.62 35.21
N ILE F 222 -8.60 -18.25 36.09
CA ILE F 222 -8.42 -19.59 36.68
C ILE F 222 -8.36 -20.68 35.63
N MET F 223 -9.14 -20.55 34.54
CA MET F 223 -9.07 -21.50 33.44
C MET F 223 -7.70 -21.44 32.79
N GLN F 224 -7.08 -20.23 32.68
CA GLN F 224 -5.72 -20.10 32.14
C GLN F 224 -4.73 -20.85 33.02
N LEU F 225 -4.93 -20.81 34.35
CA LEU F 225 -4.08 -21.53 35.31
C LEU F 225 -4.18 -23.05 35.14
N LEU F 226 -5.41 -23.58 35.00
CA LEU F 226 -5.70 -24.99 34.76
C LEU F 226 -4.98 -25.46 33.50
N ARG F 227 -5.11 -24.66 32.43
CA ARG F 227 -4.49 -24.88 31.11
C ARG F 227 -2.96 -24.87 31.21
N ASP F 228 -2.36 -23.92 31.98
CA ASP F 228 -0.91 -23.82 32.18
C ASP F 228 -0.40 -25.08 32.90
N ASN F 229 -1.13 -25.53 33.94
CA ASN F 229 -0.80 -26.72 34.71
C ASN F 229 -0.89 -27.97 33.85
N LEU F 230 -1.90 -28.06 32.95
CA LEU F 230 -2.06 -29.19 32.05
C LEU F 230 -0.91 -29.24 31.05
N THR F 231 -0.45 -28.07 30.55
CA THR F 231 0.69 -27.96 29.63
C THR F 231 1.94 -28.53 30.32
N LEU F 232 2.10 -28.20 31.59
CA LEU F 232 3.20 -28.59 32.45
C LEU F 232 3.16 -30.06 32.87
N TRP F 233 1.95 -30.62 33.09
CA TRP F 233 1.78 -31.98 33.59
C TRP F 233 1.69 -33.06 32.52
N THR F 234 1.14 -32.73 31.34
CA THR F 234 0.99 -33.69 30.24
C THR F 234 2.27 -33.72 29.38
N MET G 1 13.45 -27.87 4.14
CA MET G 1 13.34 -27.91 5.60
C MET G 1 11.85 -28.00 6.02
N GLU G 2 11.38 -29.17 6.47
CA GLU G 2 10.00 -29.35 6.96
C GLU G 2 10.08 -29.95 8.36
N ILE G 3 10.57 -29.13 9.30
CA ILE G 3 10.84 -29.53 10.69
C ILE G 3 9.88 -28.89 11.68
N PRO G 4 9.32 -29.67 12.63
CA PRO G 4 8.44 -29.08 13.63
C PRO G 4 9.20 -28.56 14.84
N VAL G 5 8.88 -27.32 15.23
CA VAL G 5 9.50 -26.66 16.38
C VAL G 5 8.55 -26.78 17.57
N PRO G 6 9.01 -27.43 18.67
CA PRO G 6 8.14 -27.60 19.83
C PRO G 6 7.93 -26.34 20.66
N VAL G 7 6.67 -26.07 21.06
CA VAL G 7 6.27 -24.90 21.85
C VAL G 7 6.42 -25.27 23.33
N GLN G 8 7.62 -25.02 23.91
CA GLN G 8 7.94 -25.31 25.31
C GLN G 8 7.35 -24.25 26.25
N PRO G 9 6.81 -24.60 27.44
CA PRO G 9 6.25 -23.56 28.29
C PRO G 9 7.28 -22.87 29.16
N SER G 10 7.07 -21.58 29.41
CA SER G 10 7.93 -20.82 30.29
C SER G 10 7.36 -20.95 31.69
N TRP G 11 6.07 -21.37 31.82
CA TRP G 11 5.46 -21.60 33.13
C TRP G 11 6.12 -22.83 33.74
N LEU G 12 6.57 -22.69 35.01
CA LEU G 12 7.21 -23.72 35.83
C LEU G 12 6.56 -23.84 37.22
N ARG G 13 6.92 -24.89 37.96
CA ARG G 13 6.40 -25.28 39.27
C ARG G 13 4.92 -25.70 39.16
N ARG G 14 4.01 -24.72 39.19
CA ARG G 14 2.56 -24.89 39.09
C ARG G 14 1.89 -23.62 39.56
N ALA G 15 0.58 -23.52 39.32
CA ALA G 15 -0.24 -22.40 39.75
C ALA G 15 -1.34 -22.90 40.67
N SEP G 16 -1.44 -22.26 41.84
CA SEP G 16 -2.49 -22.58 42.80
CB SEP G 16 -1.95 -23.02 44.18
OG SEP G 16 -1.02 -22.08 44.70
C SEP G 16 -3.48 -21.41 42.78
O SEP G 16 -3.36 -20.52 41.93
P SEP G 16 -0.87 -22.14 46.21
O1P SEP G 16 0.19 -21.11 46.53
O2P SEP G 16 -0.36 -23.49 46.68
O3P SEP G 16 -2.20 -21.78 46.88
N ALA G 17 -4.46 -21.41 43.70
CA ALA G 17 -5.49 -20.38 43.80
C ALA G 17 -4.89 -19.01 44.06
N PRO G 18 -5.00 -18.09 43.10
CA PRO G 18 -4.43 -16.77 43.32
C PRO G 18 -5.41 -15.93 44.13
N LEU G 19 -4.89 -14.85 44.71
CA LEU G 19 -5.67 -13.89 45.48
C LEU G 19 -6.66 -13.23 44.51
N PRO G 20 -7.92 -12.94 44.92
CA PRO G 20 -8.87 -12.34 43.96
C PRO G 20 -8.53 -10.88 43.58
N GLY G 21 -8.36 -10.62 42.26
CA GLY G 21 -8.02 -9.31 41.71
C GLY G 21 -7.20 -9.33 40.43
N LEU G 22 -6.33 -8.30 40.24
CA LEU G 22 -5.40 -8.05 39.10
C LEU G 22 -6.06 -8.20 37.71
N SER G 23 -6.62 -7.09 37.17
CA SER G 23 -7.27 -7.10 35.86
C SER G 23 -6.26 -7.11 34.71
N ALA G 24 -5.78 -5.91 34.34
CA ALA G 24 -4.90 -5.59 33.23
C ALA G 24 -5.67 -5.73 31.88
N PRO G 25 -6.58 -4.75 31.56
CA PRO G 25 -7.35 -4.83 30.29
C PRO G 25 -6.59 -4.29 29.04
N GLY G 26 -6.07 -5.22 28.21
CA GLY G 26 -5.26 -4.89 27.03
C GLY G 26 -5.98 -4.42 25.78
N ARG G 27 -5.57 -4.98 24.61
CA ARG G 27 -6.08 -4.71 23.25
C ARG G 27 -6.80 -5.95 22.61
N LEU G 28 -7.45 -5.77 21.45
CA LEU G 28 -8.22 -6.84 20.81
C LEU G 28 -7.64 -7.35 19.46
N PHE G 29 -6.54 -6.74 18.97
CA PHE G 29 -5.86 -7.23 17.75
C PHE G 29 -5.08 -8.51 18.14
N ASP G 30 -4.65 -9.33 17.16
CA ASP G 30 -4.02 -10.62 17.47
C ASP G 30 -2.51 -10.57 17.93
N GLN G 31 -1.57 -10.19 17.02
CA GLN G 31 -0.10 -10.26 17.22
C GLN G 31 0.77 -9.16 16.54
N ARG G 32 2.09 -9.11 16.93
CA ARG G 32 3.22 -8.23 16.55
C ARG G 32 4.23 -8.32 17.72
N PHE G 33 5.48 -7.79 17.59
CA PHE G 33 6.39 -7.80 18.74
C PHE G 33 6.12 -6.61 19.69
N GLY G 34 6.26 -5.37 19.17
CA GLY G 34 6.10 -4.15 19.94
C GLY G 34 7.32 -3.96 20.85
N GLU G 35 7.09 -3.86 22.21
CA GLU G 35 8.06 -3.76 23.33
C GLU G 35 7.36 -3.53 24.69
N GLY G 36 7.46 -4.52 25.58
CA GLY G 36 6.86 -4.48 26.91
C GLY G 36 5.35 -4.63 26.92
N LEU G 37 4.66 -4.45 28.09
CA LEU G 37 5.18 -4.13 29.43
C LEU G 37 4.66 -5.16 30.48
N LEU G 38 5.41 -5.39 31.59
CA LEU G 38 5.02 -6.36 32.65
C LEU G 38 3.82 -5.89 33.47
N ASP G 70 23.83 -9.49 10.72
CA ASP G 70 24.27 -8.89 11.98
C ASP G 70 24.29 -9.90 13.19
N PRO G 71 23.31 -10.83 13.40
CA PRO G 71 23.38 -11.71 14.59
C PRO G 71 24.07 -13.09 14.45
N GLY G 72 23.82 -13.82 13.34
CA GLY G 72 24.29 -15.19 13.11
C GLY G 72 23.29 -16.19 13.68
N HIS G 73 22.24 -15.59 14.25
CA HIS G 73 21.13 -16.18 14.96
C HIS G 73 19.80 -15.53 14.59
N PHE G 74 18.72 -16.12 15.09
CA PHE G 74 17.34 -15.72 14.86
C PHE G 74 16.68 -15.51 16.23
N SER G 75 15.90 -14.42 16.35
CA SER G 75 15.20 -14.08 17.59
C SER G 75 14.01 -13.19 17.31
N VAL G 76 12.80 -13.71 17.54
CA VAL G 76 11.54 -12.98 17.35
C VAL G 76 10.65 -13.13 18.57
N LEU G 77 9.80 -12.11 18.81
CA LEU G 77 8.83 -12.07 19.90
C LEU G 77 7.47 -11.80 19.28
N LEU G 78 6.48 -12.63 19.64
CA LEU G 78 5.13 -12.57 19.13
C LEU G 78 4.10 -12.53 20.23
N ASP G 79 3.03 -11.74 20.04
CA ASP G 79 1.94 -11.68 20.99
C ASP G 79 0.88 -12.67 20.48
N VAL G 80 0.65 -13.74 21.25
CA VAL G 80 -0.29 -14.81 20.91
C VAL G 80 -1.28 -14.98 22.07
N LYS G 81 -1.69 -13.84 22.68
CA LYS G 81 -2.56 -13.76 23.84
C LYS G 81 -3.87 -14.57 23.73
N HIS G 82 -4.45 -14.68 22.53
CA HIS G 82 -5.71 -15.40 22.37
C HIS G 82 -5.54 -16.92 22.19
N PHE G 83 -4.29 -17.44 22.15
CA PHE G 83 -4.04 -18.86 21.90
C PHE G 83 -3.30 -19.60 22.99
N SER G 84 -3.72 -20.85 23.26
CA SER G 84 -3.08 -21.73 24.24
C SER G 84 -1.91 -22.46 23.54
N PRO G 85 -0.91 -23.05 24.26
CA PRO G 85 0.23 -23.69 23.55
C PRO G 85 -0.14 -24.71 22.48
N GLU G 86 -1.22 -25.48 22.72
CA GLU G 86 -1.76 -26.50 21.81
C GLU G 86 -2.43 -25.93 20.56
N GLU G 87 -2.70 -24.60 20.57
CA GLU G 87 -3.34 -23.87 19.46
C GLU G 87 -2.32 -23.14 18.58
N ILE G 88 -1.01 -23.27 18.91
CA ILE G 88 0.10 -22.64 18.21
C ILE G 88 1.03 -23.72 17.64
N ALA G 89 1.40 -23.57 16.36
CA ALA G 89 2.30 -24.49 15.67
C ALA G 89 3.44 -23.72 15.01
N VAL G 90 4.68 -24.03 15.42
CA VAL G 90 5.89 -23.40 14.88
C VAL G 90 6.64 -24.43 14.03
N LYS G 91 7.02 -24.07 12.78
CA LYS G 91 7.75 -24.95 11.85
C LYS G 91 8.85 -24.18 11.15
N VAL G 92 9.86 -24.90 10.63
CA VAL G 92 10.90 -24.31 9.80
C VAL G 92 10.69 -24.91 8.42
N VAL G 93 10.21 -24.10 7.47
CA VAL G 93 9.91 -24.53 6.11
C VAL G 93 10.89 -23.82 5.17
N GLY G 94 11.97 -24.53 4.84
CA GLY G 94 13.02 -24.05 3.97
C GLY G 94 13.81 -22.92 4.58
N GLU G 95 13.70 -21.72 3.95
CA GLU G 95 14.38 -20.49 4.33
C GLU G 95 13.54 -19.64 5.29
N HIS G 96 12.39 -20.16 5.74
CA HIS G 96 11.48 -19.44 6.61
C HIS G 96 11.05 -20.20 7.88
N VAL G 97 10.69 -19.45 8.92
CA VAL G 97 10.13 -19.93 10.18
C VAL G 97 8.66 -19.54 10.14
N GLU G 98 7.76 -20.54 10.11
CA GLU G 98 6.31 -20.33 10.04
C GLU G 98 5.64 -20.51 11.39
N VAL G 99 4.67 -19.63 11.71
CA VAL G 99 3.87 -19.69 12.94
C VAL G 99 2.40 -19.75 12.54
N HIS G 100 1.72 -20.84 12.91
CA HIS G 100 0.32 -21.07 12.60
C HIS G 100 -0.47 -21.21 13.88
N ALA G 101 -1.23 -20.18 14.20
CA ALA G 101 -2.09 -20.16 15.37
C ALA G 101 -3.56 -20.15 14.94
N ARG G 102 -4.36 -21.01 15.58
CA ARG G 102 -5.79 -21.16 15.32
C ARG G 102 -6.53 -21.65 16.56
N HIS G 103 -7.66 -20.99 16.87
CA HIS G 103 -8.56 -21.39 17.94
C HIS G 103 -9.99 -21.46 17.41
N GLU G 104 -10.70 -22.53 17.74
CA GLU G 104 -12.11 -22.71 17.31
C GLU G 104 -13.01 -21.73 18.07
N GLU G 105 -14.30 -21.58 17.63
CA GLU G 105 -15.28 -20.66 18.24
C GLU G 105 -15.38 -20.77 19.77
N ARG G 106 -15.17 -19.64 20.46
CA ARG G 106 -15.21 -19.60 21.92
C ARG G 106 -15.92 -18.34 22.43
N PRO G 107 -16.52 -18.37 23.65
CA PRO G 107 -17.17 -17.15 24.16
C PRO G 107 -16.18 -16.10 24.68
N ASP G 108 -16.58 -14.83 24.64
CA ASP G 108 -15.72 -13.76 25.11
C ASP G 108 -16.50 -12.64 25.78
N GLU G 109 -15.88 -11.47 25.96
CA GLU G 109 -16.45 -10.28 26.56
C GLU G 109 -17.73 -9.78 25.84
N HIS G 110 -17.81 -9.86 24.51
CA HIS G 110 -18.96 -9.35 23.78
C HIS G 110 -19.88 -10.40 23.15
N GLY G 111 -19.31 -11.51 22.66
CA GLY G 111 -20.07 -12.58 22.01
C GLY G 111 -19.31 -13.87 21.82
N PHE G 112 -19.21 -14.38 20.57
CA PHE G 112 -18.43 -15.58 20.21
C PHE G 112 -17.37 -15.16 19.25
N VAL G 113 -16.23 -15.87 19.25
CA VAL G 113 -15.12 -15.52 18.39
C VAL G 113 -14.18 -16.69 18.10
N ALA G 114 -13.82 -16.86 16.81
CA ALA G 114 -12.86 -17.83 16.29
C ALA G 114 -11.79 -17.00 15.58
N ARG G 115 -10.51 -17.31 15.82
CA ARG G 115 -9.36 -16.59 15.27
C ARG G 115 -8.34 -17.53 14.66
N GLU G 116 -7.59 -17.01 13.69
CA GLU G 116 -6.57 -17.73 12.96
C GLU G 116 -5.57 -16.74 12.39
N PHE G 117 -4.28 -17.06 12.50
CA PHE G 117 -3.21 -16.25 11.91
C PHE G 117 -2.08 -17.12 11.43
N HIS G 118 -1.37 -16.64 10.40
CA HIS G 118 -0.23 -17.29 9.79
C HIS G 118 0.86 -16.26 9.62
N ARG G 119 1.98 -16.44 10.33
CA ARG G 119 3.12 -15.52 10.23
C ARG G 119 4.33 -16.24 9.71
N ARG G 120 5.16 -15.53 8.98
CA ARG G 120 6.34 -16.09 8.33
C ARG G 120 7.52 -15.15 8.51
N TYR G 121 8.69 -15.70 8.84
CA TYR G 121 9.92 -14.92 9.06
C TYR G 121 11.07 -15.55 8.31
N ARG G 122 11.99 -14.74 7.76
CA ARG G 122 13.11 -15.36 7.07
C ARG G 122 14.16 -15.83 8.06
N LEU G 123 14.75 -16.99 7.75
CA LEU G 123 15.78 -17.64 8.52
C LEU G 123 17.13 -17.25 7.92
N PRO G 124 17.98 -16.47 8.64
CA PRO G 124 19.29 -16.08 8.08
C PRO G 124 20.17 -17.26 7.67
N PRO G 125 21.08 -17.06 6.68
CA PRO G 125 21.91 -18.16 6.16
C PRO G 125 22.70 -19.01 7.17
N GLY G 126 23.38 -18.37 8.11
CA GLY G 126 24.21 -19.05 9.11
C GLY G 126 23.47 -19.63 10.30
N VAL G 127 22.17 -19.88 10.14
CA VAL G 127 21.33 -20.41 11.21
C VAL G 127 20.91 -21.84 10.88
N ASP G 128 21.23 -22.79 11.78
CA ASP G 128 20.85 -24.19 11.60
C ASP G 128 19.36 -24.34 11.94
N PRO G 129 18.53 -24.88 11.01
CA PRO G 129 17.09 -25.06 11.30
C PRO G 129 16.79 -25.96 12.50
N ALA G 130 17.68 -26.92 12.79
CA ALA G 130 17.56 -27.84 13.92
C ALA G 130 17.77 -27.14 15.28
N ALA G 131 18.46 -25.98 15.27
CA ALA G 131 18.79 -25.16 16.45
C ALA G 131 17.65 -24.22 16.84
N VAL G 132 16.57 -24.17 16.05
CA VAL G 132 15.43 -23.32 16.30
C VAL G 132 14.57 -23.88 17.42
N THR G 133 14.40 -23.10 18.50
CA THR G 133 13.60 -23.42 19.69
C THR G 133 12.49 -22.39 19.85
N SER G 134 11.40 -22.80 20.51
CA SER G 134 10.24 -21.95 20.76
C SER G 134 9.70 -22.16 22.15
N ALA G 135 9.36 -21.05 22.81
CA ALA G 135 8.80 -21.06 24.15
C ALA G 135 7.70 -20.04 24.27
N LEU G 136 6.71 -20.34 25.13
CA LEU G 136 5.56 -19.48 25.38
C LEU G 136 5.53 -19.10 26.85
N SER G 137 5.60 -17.80 27.12
CA SER G 137 5.60 -17.24 28.46
C SER G 137 4.18 -17.18 29.05
N PRO G 138 4.02 -17.22 30.40
CA PRO G 138 2.66 -17.12 30.97
C PRO G 138 1.95 -15.80 30.69
N GLU G 139 2.68 -14.79 30.19
CA GLU G 139 2.14 -13.47 29.83
C GLU G 139 1.55 -13.51 28.41
N GLY G 140 1.79 -14.60 27.67
CA GLY G 140 1.27 -14.80 26.32
C GLY G 140 2.21 -14.36 25.20
N VAL G 141 3.51 -14.31 25.50
CA VAL G 141 4.54 -13.93 24.53
C VAL G 141 5.23 -15.20 24.02
N LEU G 142 5.24 -15.37 22.69
CA LEU G 142 5.91 -16.48 22.01
C LEU G 142 7.27 -15.99 21.55
N SER G 143 8.33 -16.66 21.97
CA SER G 143 9.68 -16.29 21.56
C SER G 143 10.24 -17.44 20.78
N ILE G 144 10.69 -17.16 19.56
CA ILE G 144 11.31 -18.15 18.70
C ILE G 144 12.74 -17.70 18.55
N GLN G 145 13.65 -18.57 18.99
CA GLN G 145 15.08 -18.29 19.00
C GLN G 145 15.89 -19.38 18.34
N ALA G 146 17.09 -19.01 17.90
CA ALA G 146 18.07 -19.89 17.32
C ALA G 146 19.44 -19.36 17.69
N ALA G 147 20.17 -20.18 18.46
CA ALA G 147 21.54 -19.95 18.92
C ALA G 147 22.50 -19.72 17.73
N PRO G 148 23.57 -18.91 17.90
CA PRO G 148 24.50 -18.64 16.78
C PRO G 148 25.15 -19.90 16.20
N ALA G 149 25.07 -20.05 14.86
CA ALA G 149 25.62 -21.20 14.14
C ALA G 149 26.42 -20.81 12.91
N MET H 1 15.83 35.62 37.29
CA MET H 1 16.84 35.26 38.29
C MET H 1 16.39 35.52 39.77
N GLU H 2 15.19 36.10 39.98
CA GLU H 2 14.64 36.42 41.31
C GLU H 2 14.35 35.16 42.14
N ILE H 3 13.55 34.21 41.59
CA ILE H 3 13.18 32.95 42.23
C ILE H 3 13.17 31.78 41.16
N PRO H 4 13.78 30.59 41.46
CA PRO H 4 13.81 29.49 40.47
C PRO H 4 12.70 28.46 40.63
N VAL H 5 12.08 28.06 39.52
CA VAL H 5 11.00 27.07 39.53
C VAL H 5 11.55 25.70 39.05
N PRO H 6 11.35 24.59 39.82
CA PRO H 6 11.91 23.29 39.38
C PRO H 6 11.16 22.58 38.27
N VAL H 7 11.85 22.24 37.17
CA VAL H 7 11.28 21.55 36.02
C VAL H 7 11.21 20.03 36.34
N GLN H 8 10.52 19.70 37.46
CA GLN H 8 10.33 18.36 38.03
C GLN H 8 9.66 17.37 37.05
N PRO H 9 10.37 16.38 36.52
CA PRO H 9 9.71 15.44 35.60
C PRO H 9 8.91 14.41 36.37
N SER H 10 7.63 14.25 35.99
CA SER H 10 6.67 13.33 36.60
C SER H 10 7.22 11.90 36.78
N TRP H 11 7.96 11.43 35.78
CA TRP H 11 8.59 10.11 35.74
C TRP H 11 9.84 10.02 36.62
N LEU H 12 9.89 10.78 37.72
CA LEU H 12 11.05 10.79 38.60
C LEU H 12 10.71 10.89 40.09
N ARG H 13 11.63 10.38 40.94
CA ARG H 13 11.55 10.40 42.40
C ARG H 13 12.94 10.43 43.05
N ARG H 14 13.00 10.97 44.28
CA ARG H 14 14.23 11.09 45.05
C ARG H 14 14.79 9.71 45.34
N ALA H 15 15.96 9.43 44.78
CA ALA H 15 16.60 8.13 44.94
C ALA H 15 17.73 8.22 45.98
N SEP H 16 17.86 7.21 46.85
CA SEP H 16 18.93 7.21 47.84
CB SEP H 16 18.42 7.24 49.28
OG SEP H 16 17.54 6.16 49.56
C SEP H 16 19.91 6.08 47.48
O SEP H 16 19.78 5.49 46.41
P SEP H 16 17.53 5.82 51.07
O1P SEP H 16 16.54 4.70 51.23
O2P SEP H 16 16.90 6.91 51.87
O3P SEP H 16 18.88 5.36 51.62
N ALA H 17 20.90 5.82 48.35
CA ALA H 17 21.92 4.80 48.13
C ALA H 17 21.34 3.39 47.98
N PRO H 18 21.62 2.70 46.86
CA PRO H 18 21.10 1.34 46.70
C PRO H 18 21.96 0.29 47.41
N LEU H 19 21.47 -0.96 47.48
CA LEU H 19 22.21 -2.08 48.10
C LEU H 19 23.36 -2.54 47.21
N PRO H 20 24.56 -2.75 47.80
CA PRO H 20 25.73 -3.22 47.02
C PRO H 20 25.46 -4.21 45.88
N GLY H 72 -35.54 -2.03 21.77
CA GLY H 72 -34.14 -1.94 22.19
C GLY H 72 -33.18 -1.49 21.11
N HIS H 73 -31.87 -1.41 21.43
CA HIS H 73 -30.83 -1.01 20.46
C HIS H 73 -29.62 -1.98 20.48
N PHE H 74 -28.67 -1.75 19.59
CA PHE H 74 -27.43 -2.51 19.48
C PHE H 74 -26.34 -1.52 19.11
N SER H 75 -25.18 -1.61 19.78
CA SER H 75 -24.05 -0.75 19.53
C SER H 75 -22.75 -1.39 19.98
N VAL H 76 -21.87 -1.72 19.02
CA VAL H 76 -20.56 -2.31 19.29
C VAL H 76 -19.46 -1.56 18.55
N LEU H 77 -18.25 -1.56 19.12
CA LEU H 77 -17.06 -0.96 18.55
C LEU H 77 -15.98 -2.04 18.49
N LEU H 78 -15.36 -2.19 17.32
CA LEU H 78 -14.36 -3.21 17.06
C LEU H 78 -13.11 -2.61 16.47
N ASP H 79 -11.94 -3.13 16.88
CA ASP H 79 -10.67 -2.70 16.31
C ASP H 79 -10.35 -3.70 15.21
N VAL H 80 -10.33 -3.23 13.97
CA VAL H 80 -10.08 -4.03 12.77
C VAL H 80 -8.94 -3.39 11.99
N LYS H 81 -7.93 -2.86 12.70
CA LYS H 81 -6.78 -2.13 12.16
C LYS H 81 -6.03 -2.85 11.04
N HIS H 82 -5.96 -4.19 11.07
CA HIS H 82 -5.24 -4.93 10.06
C HIS H 82 -6.06 -5.20 8.80
N PHE H 83 -7.34 -4.79 8.75
CA PHE H 83 -8.21 -5.09 7.61
C PHE H 83 -8.76 -3.87 6.88
N SER H 84 -8.81 -3.94 5.55
CA SER H 84 -9.38 -2.88 4.71
C SER H 84 -10.90 -3.12 4.59
N PRO H 85 -11.74 -2.12 4.18
CA PRO H 85 -13.20 -2.36 4.16
C PRO H 85 -13.67 -3.60 3.41
N GLU H 86 -12.98 -3.92 2.29
CA GLU H 86 -13.25 -5.09 1.43
C GLU H 86 -12.88 -6.43 2.07
N GLU H 87 -12.11 -6.39 3.18
CA GLU H 87 -11.65 -7.56 3.92
C GLU H 87 -12.51 -7.84 5.15
N ILE H 88 -13.57 -7.01 5.39
CA ILE H 88 -14.50 -7.12 6.52
C ILE H 88 -15.91 -7.38 5.99
N ALA H 89 -16.60 -8.37 6.58
CA ALA H 89 -17.97 -8.73 6.21
C ALA H 89 -18.85 -8.80 7.44
N VAL H 90 -19.90 -7.97 7.48
CA VAL H 90 -20.87 -7.91 8.57
C VAL H 90 -22.21 -8.47 8.09
N LYS H 91 -22.81 -9.39 8.87
CA LYS H 91 -24.09 -10.04 8.54
C LYS H 91 -24.97 -10.15 9.80
N VAL H 92 -26.29 -10.29 9.60
CA VAL H 92 -27.23 -10.57 10.71
C VAL H 92 -27.75 -11.97 10.42
N VAL H 93 -27.31 -12.94 11.23
CA VAL H 93 -27.70 -14.34 11.07
C VAL H 93 -28.55 -14.75 12.28
N GLY H 94 -29.87 -14.69 12.09
CA GLY H 94 -30.86 -15.01 13.11
C GLY H 94 -30.87 -14.01 14.24
N GLU H 95 -30.50 -14.48 15.45
CA GLU H 95 -30.46 -13.71 16.70
C GLU H 95 -29.06 -13.10 16.95
N HIS H 96 -28.16 -13.21 15.96
CA HIS H 96 -26.80 -12.71 16.09
C HIS H 96 -26.32 -11.83 14.95
N VAL H 97 -25.35 -10.96 15.24
CA VAL H 97 -24.66 -10.08 14.31
C VAL H 97 -23.25 -10.68 14.17
N GLU H 98 -22.90 -11.17 12.97
CA GLU H 98 -21.61 -11.79 12.70
C GLU H 98 -20.66 -10.86 11.98
N VAL H 99 -19.37 -10.88 12.36
CA VAL H 99 -18.30 -10.09 11.75
C VAL H 99 -17.20 -11.06 11.31
N HIS H 100 -16.94 -11.11 10.00
CA HIS H 100 -15.94 -11.98 9.39
C HIS H 100 -14.89 -11.16 8.68
N ALA H 101 -13.71 -11.07 9.30
CA ALA H 101 -12.59 -10.35 8.74
C ALA H 101 -11.47 -11.35 8.37
N ARG H 102 -10.92 -11.18 7.17
CA ARG H 102 -9.85 -12.01 6.63
C ARG H 102 -8.99 -11.23 5.65
N HIS H 103 -7.67 -11.33 5.80
CA HIS H 103 -6.70 -10.76 4.87
C HIS H 103 -5.69 -11.81 4.47
N GLU H 104 -5.38 -11.88 3.17
CA GLU H 104 -4.41 -12.82 2.63
C GLU H 104 -2.98 -12.41 3.05
N GLU H 105 -1.99 -13.31 2.87
CA GLU H 105 -0.58 -13.06 3.26
C GLU H 105 0.00 -11.74 2.77
N ARG H 106 0.51 -10.94 3.72
CA ARG H 106 1.08 -9.63 3.42
C ARG H 106 2.36 -9.33 4.22
N PRO H 107 3.29 -8.47 3.71
CA PRO H 107 4.51 -8.19 4.49
C PRO H 107 4.28 -7.24 5.65
N ASP H 108 5.12 -7.33 6.69
CA ASP H 108 5.00 -6.45 7.86
C ASP H 108 6.37 -6.14 8.49
N GLU H 109 6.37 -5.63 9.72
CA GLU H 109 7.56 -5.27 10.50
C GLU H 109 8.51 -6.46 10.75
N HIS H 110 8.00 -7.68 10.97
CA HIS H 110 8.86 -8.83 11.29
C HIS H 110 8.98 -9.89 10.19
N GLY H 111 7.92 -10.10 9.40
CA GLY H 111 7.94 -11.07 8.30
C GLY H 111 6.76 -10.97 7.36
N PHE H 112 6.02 -12.07 7.21
CA PHE H 112 4.78 -12.17 6.44
C PHE H 112 3.70 -12.55 7.40
N VAL H 113 2.46 -12.14 7.12
CA VAL H 113 1.35 -12.42 8.01
C VAL H 113 0.00 -12.40 7.30
N ALA H 114 -0.80 -13.44 7.56
CA ALA H 114 -2.18 -13.63 7.12
C ALA H 114 -2.99 -13.75 8.40
N ARG H 115 -4.12 -13.03 8.48
CA ARG H 115 -4.98 -12.99 9.64
C ARG H 115 -6.44 -13.25 9.27
N GLU H 116 -7.19 -13.78 10.24
CA GLU H 116 -8.59 -14.11 10.09
C GLU H 116 -9.25 -14.13 11.46
N PHE H 117 -10.43 -13.54 11.57
CA PHE H 117 -11.22 -13.56 12.81
C PHE H 117 -12.70 -13.62 12.50
N HIS H 118 -13.46 -14.21 13.42
CA HIS H 118 -14.91 -14.38 13.34
C HIS H 118 -15.48 -13.98 14.68
N ARG H 119 -16.24 -12.90 14.73
CA ARG H 119 -16.88 -12.43 15.96
C ARG H 119 -18.38 -12.50 15.84
N ARG H 120 -19.04 -12.78 16.94
CA ARG H 120 -20.48 -12.97 16.99
C ARG H 120 -21.04 -12.23 18.18
N TYR H 121 -22.13 -11.48 17.99
CA TYR H 121 -22.78 -10.70 19.06
C TYR H 121 -24.26 -10.99 19.07
N ARG H 122 -24.89 -11.05 20.25
CA ARG H 122 -26.32 -11.28 20.24
C ARG H 122 -27.07 -9.99 19.93
N LEU H 123 -28.16 -10.14 19.17
CA LEU H 123 -29.04 -9.08 18.75
C LEU H 123 -30.21 -9.04 19.73
N PRO H 124 -30.35 -7.96 20.56
CA PRO H 124 -31.46 -7.90 21.52
C PRO H 124 -32.86 -8.03 20.89
N PRO H 125 -33.85 -8.53 21.66
CA PRO H 125 -35.19 -8.79 21.11
C PRO H 125 -35.88 -7.67 20.34
N GLY H 126 -35.91 -6.47 20.90
CA GLY H 126 -36.59 -5.33 20.29
C GLY H 126 -35.81 -4.59 19.22
N VAL H 127 -34.86 -5.27 18.58
CA VAL H 127 -34.02 -4.68 17.55
C VAL H 127 -34.35 -5.28 16.20
N ASP H 128 -34.72 -4.43 15.24
CA ASP H 128 -35.04 -4.86 13.88
C ASP H 128 -33.73 -5.17 13.13
N PRO H 129 -33.57 -6.39 12.57
CA PRO H 129 -32.32 -6.73 11.84
C PRO H 129 -32.04 -5.84 10.63
N ALA H 130 -33.11 -5.29 10.01
CA ALA H 130 -33.01 -4.41 8.86
C ALA H 130 -32.45 -3.02 9.24
N ALA H 131 -32.56 -2.64 10.53
CA ALA H 131 -32.10 -1.36 11.08
C ALA H 131 -30.60 -1.36 11.43
N VAL H 132 -29.94 -2.53 11.30
CA VAL H 132 -28.53 -2.70 11.60
C VAL H 132 -27.67 -2.07 10.50
N THR H 133 -26.83 -1.09 10.88
CA THR H 133 -25.91 -0.38 10.01
C THR H 133 -24.48 -0.58 10.51
N SER H 134 -23.49 -0.46 9.59
CA SER H 134 -22.08 -0.64 9.90
C SER H 134 -21.24 0.40 9.17
N ALA H 135 -20.26 0.95 9.88
CA ALA H 135 -19.35 1.95 9.35
C ALA H 135 -17.94 1.70 9.85
N LEU H 136 -16.95 2.01 9.00
CA LEU H 136 -15.54 1.86 9.31
C LEU H 136 -14.86 3.22 9.26
N SER H 137 -14.28 3.64 10.39
CA SER H 137 -13.60 4.93 10.51
C SER H 137 -12.20 4.88 9.92
N PRO H 138 -11.63 6.01 9.45
CA PRO H 138 -10.25 5.96 8.90
C PRO H 138 -9.18 5.56 9.91
N GLU H 139 -9.53 5.56 11.22
CA GLU H 139 -8.65 5.15 12.32
C GLU H 139 -8.63 3.63 12.50
N GLY H 140 -9.54 2.94 11.80
CA GLY H 140 -9.65 1.49 11.84
C GLY H 140 -10.63 0.93 12.84
N VAL H 141 -11.62 1.73 13.25
CA VAL H 141 -12.64 1.31 14.19
C VAL H 141 -13.92 0.99 13.42
N LEU H 142 -14.44 -0.24 13.63
CA LEU H 142 -15.69 -0.69 13.02
C LEU H 142 -16.79 -0.50 14.06
N SER H 143 -17.83 0.24 13.71
CA SER H 143 -18.96 0.45 14.60
C SER H 143 -20.18 -0.16 13.95
N ILE H 144 -20.85 -1.05 14.68
CA ILE H 144 -22.08 -1.69 14.22
C ILE H 144 -23.16 -1.22 15.15
N GLN H 145 -24.15 -0.54 14.58
CA GLN H 145 -25.23 0.07 15.34
C GLN H 145 -26.59 -0.27 14.80
N ALA H 146 -27.59 -0.16 15.67
CA ALA H 146 -28.99 -0.38 15.37
C ALA H 146 -29.81 0.55 16.25
N ALA H 147 -30.51 1.48 15.60
CA ALA H 147 -31.39 2.47 16.21
C ALA H 147 -32.50 1.78 17.05
N PRO H 148 -32.95 2.42 18.17
CA PRO H 148 -33.99 1.79 19.00
C PRO H 148 -35.30 1.48 18.25
N ALA H 149 -35.78 0.22 18.38
CA ALA H 149 -36.98 -0.31 17.73
C ALA H 149 -37.88 -1.08 18.71
N HIS I 3 36.02 -1.45 -19.90
CA HIS I 3 34.88 -0.57 -20.15
C HIS I 3 34.54 -0.47 -21.65
N MET I 4 35.58 -0.35 -22.51
CA MET I 4 35.46 -0.31 -23.99
C MET I 4 34.98 -1.65 -24.53
N GLU I 5 35.59 -2.76 -24.03
CA GLU I 5 35.22 -4.14 -24.37
C GLU I 5 33.75 -4.40 -24.04
N ARG I 6 33.27 -3.93 -22.86
CA ARG I 6 31.89 -4.08 -22.40
C ARG I 6 30.92 -3.38 -23.33
N ALA I 7 31.23 -2.14 -23.73
CA ALA I 7 30.40 -1.34 -24.62
C ALA I 7 30.24 -2.03 -25.99
N SER I 8 31.34 -2.63 -26.47
CA SER I 8 31.37 -3.36 -27.73
C SER I 8 30.53 -4.62 -27.67
N LEU I 9 30.61 -5.36 -26.54
CA LEU I 9 29.85 -6.61 -26.33
C LEU I 9 28.35 -6.34 -26.29
N ILE I 10 27.94 -5.19 -25.70
CA ILE I 10 26.53 -4.80 -25.66
C ILE I 10 26.04 -4.41 -27.06
N GLN I 11 26.89 -3.70 -27.85
CA GLN I 11 26.55 -3.34 -29.22
C GLN I 11 26.39 -4.60 -30.07
N LYS I 12 27.30 -5.58 -29.92
CA LYS I 12 27.28 -6.86 -30.61
C LYS I 12 26.04 -7.69 -30.26
N ALA I 13 25.61 -7.65 -28.97
CA ALA I 13 24.39 -8.32 -28.50
C ALA I 13 23.15 -7.71 -29.14
N LYS I 14 23.15 -6.36 -29.31
CA LYS I 14 22.07 -5.64 -29.98
C LYS I 14 22.03 -5.99 -31.48
N LEU I 15 23.21 -6.19 -32.10
CA LEU I 15 23.34 -6.61 -33.50
C LEU I 15 22.85 -8.05 -33.66
N ALA I 16 23.25 -8.94 -32.74
CA ALA I 16 22.83 -10.35 -32.74
C ALA I 16 21.31 -10.48 -32.57
N GLU I 17 20.69 -9.55 -31.80
CA GLU I 17 19.23 -9.51 -31.59
C GLU I 17 18.53 -9.14 -32.90
N GLN I 18 19.05 -8.13 -33.62
CA GLN I 18 18.53 -7.67 -34.92
C GLN I 18 18.61 -8.80 -35.96
N ALA I 19 19.71 -9.58 -35.90
CA ALA I 19 20.03 -10.71 -36.78
C ALA I 19 19.34 -12.00 -36.31
N GLU I 20 18.70 -11.97 -35.14
CA GLU I 20 17.99 -13.09 -34.51
C GLU I 20 18.89 -14.30 -34.26
N ARG I 21 20.13 -14.02 -33.84
CA ARG I 21 21.16 -15.00 -33.49
C ARG I 21 21.29 -14.95 -31.98
N TYR I 22 20.34 -15.60 -31.32
CA TYR I 22 20.20 -15.55 -29.88
C TYR I 22 21.31 -16.28 -29.13
N GLU I 23 21.96 -17.31 -29.73
CA GLU I 23 23.07 -17.99 -29.05
C GLU I 23 24.26 -17.03 -28.97
N ASP I 24 24.46 -16.27 -30.05
CA ASP I 24 25.49 -15.24 -30.15
C ASP I 24 25.20 -14.12 -29.15
N MET I 25 23.94 -13.63 -29.15
CA MET I 25 23.45 -12.58 -28.25
C MET I 25 23.72 -12.95 -26.80
N ALA I 26 23.44 -14.21 -26.43
CA ALA I 26 23.66 -14.75 -25.10
C ALA I 26 25.15 -14.75 -24.76
N ALA I 27 26.00 -15.17 -25.71
CA ALA I 27 27.45 -15.19 -25.54
C ALA I 27 28.04 -13.79 -25.32
N PHE I 28 27.53 -12.78 -26.07
CA PHE I 28 27.97 -11.38 -25.94
C PHE I 28 27.55 -10.79 -24.60
N MET I 29 26.31 -11.11 -24.18
CA MET I 29 25.74 -10.67 -22.92
C MET I 29 26.45 -11.31 -21.73
N LYS I 30 26.85 -12.60 -21.85
CA LYS I 30 27.60 -13.32 -20.82
C LYS I 30 28.93 -12.59 -20.61
N GLY I 31 29.62 -12.28 -21.71
CA GLY I 31 30.89 -11.56 -21.71
C GLY I 31 30.79 -10.18 -21.10
N ALA I 32 29.71 -9.44 -21.45
CA ALA I 32 29.42 -8.10 -20.94
C ALA I 32 29.22 -8.12 -19.40
N VAL I 33 28.45 -9.12 -18.89
CA VAL I 33 28.19 -9.37 -17.46
C VAL I 33 29.50 -9.69 -16.74
N GLU I 34 30.38 -10.47 -17.39
CA GLU I 34 31.67 -10.88 -16.83
C GLU I 34 32.66 -9.72 -16.70
N LYS I 35 32.36 -8.54 -17.27
CA LYS I 35 33.22 -7.36 -17.12
C LYS I 35 33.11 -6.79 -15.70
N GLY I 36 32.02 -7.14 -15.01
CA GLY I 36 31.83 -6.79 -13.61
C GLY I 36 30.94 -5.62 -13.28
N GLU I 37 30.45 -4.89 -14.29
CA GLU I 37 29.58 -3.74 -14.01
C GLU I 37 28.14 -4.20 -13.88
N GLU I 38 27.33 -3.49 -13.05
CA GLU I 38 25.91 -3.84 -12.91
C GLU I 38 25.22 -3.50 -14.20
N LEU I 39 24.17 -4.25 -14.52
CA LEU I 39 23.46 -4.04 -15.76
C LEU I 39 22.39 -2.98 -15.59
N SER I 40 22.19 -2.16 -16.64
CA SER I 40 21.11 -1.17 -16.70
C SER I 40 19.83 -1.93 -17.07
N CYS I 41 18.66 -1.29 -16.94
CA CYS I 41 17.37 -1.91 -17.26
C CYS I 41 17.35 -2.46 -18.69
N GLU I 42 17.90 -1.69 -19.66
CA GLU I 42 18.01 -2.09 -21.06
C GLU I 42 18.90 -3.34 -21.19
N GLU I 43 20.06 -3.35 -20.50
CA GLU I 43 21.02 -4.45 -20.53
C GLU I 43 20.48 -5.74 -19.91
N ARG I 44 19.71 -5.63 -18.79
CA ARG I 44 19.06 -6.76 -18.09
C ARG I 44 18.14 -7.45 -19.08
N ASN I 45 17.37 -6.64 -19.81
CA ASN I 45 16.42 -7.07 -20.81
C ASN I 45 17.10 -7.74 -21.97
N LEU I 46 18.28 -7.24 -22.41
CA LEU I 46 19.08 -7.88 -23.47
C LEU I 46 19.54 -9.29 -23.03
N LEU I 47 20.04 -9.40 -21.79
CA LEU I 47 20.48 -10.66 -21.21
C LEU I 47 19.34 -11.67 -21.14
N SER I 48 18.18 -11.21 -20.65
CA SER I 48 16.98 -12.01 -20.49
C SER I 48 16.44 -12.48 -21.85
N VAL I 49 16.34 -11.58 -22.84
CA VAL I 49 15.87 -11.90 -24.18
C VAL I 49 16.74 -12.95 -24.83
N ALA I 50 18.06 -12.79 -24.70
CA ALA I 50 19.07 -13.68 -25.27
C ALA I 50 18.89 -15.11 -24.78
N TYR I 51 18.95 -15.32 -23.46
CA TYR I 51 18.87 -16.65 -22.87
C TYR I 51 17.50 -17.29 -22.92
N LYS I 52 16.42 -16.48 -22.82
CA LYS I 52 15.05 -17.01 -22.87
C LYS I 52 14.76 -17.53 -24.28
N ASN I 53 15.32 -16.89 -25.30
CA ASN I 53 15.16 -17.38 -26.66
C ASN I 53 15.94 -18.67 -26.88
N VAL I 54 17.16 -18.77 -26.33
CA VAL I 54 17.98 -19.99 -26.46
C VAL I 54 17.30 -21.16 -25.77
N VAL I 55 16.97 -20.99 -24.47
CA VAL I 55 16.37 -22.03 -23.65
C VAL I 55 14.96 -22.38 -24.13
N GLY I 56 14.21 -21.38 -24.62
CA GLY I 56 12.86 -21.55 -25.14
C GLY I 56 12.81 -22.47 -26.34
N GLY I 57 13.83 -22.34 -27.19
CA GLY I 57 14.01 -23.17 -28.38
C GLY I 57 14.32 -24.60 -28.00
N GLN I 58 15.17 -24.77 -26.97
CA GLN I 58 15.58 -26.08 -26.46
C GLN I 58 14.43 -26.80 -25.78
N ARG I 59 13.66 -26.07 -24.94
CA ARG I 59 12.49 -26.58 -24.22
C ARG I 59 11.43 -27.05 -25.21
N ALA I 60 11.16 -26.24 -26.26
CA ALA I 60 10.17 -26.59 -27.30
C ALA I 60 10.58 -27.89 -28.00
N ALA I 61 11.89 -28.03 -28.35
CA ALA I 61 12.47 -29.20 -29.00
C ALA I 61 12.34 -30.47 -28.14
N TRP I 62 12.71 -30.44 -26.87
CA TRP I 62 12.65 -31.54 -25.91
C TRP I 62 11.26 -32.15 -25.78
N ARG I 63 10.21 -31.30 -25.75
CA ARG I 63 8.82 -31.73 -25.63
C ARG I 63 8.39 -32.58 -26.82
N VAL I 64 8.81 -32.18 -28.05
CA VAL I 64 8.52 -32.92 -29.28
C VAL I 64 9.10 -34.33 -29.18
N LEU I 65 10.39 -34.43 -28.83
CA LEU I 65 11.14 -35.67 -28.70
C LEU I 65 10.62 -36.56 -27.59
N SER I 66 10.37 -35.97 -26.40
CA SER I 66 9.81 -36.63 -25.22
C SER I 66 8.42 -37.19 -25.54
N SER I 67 7.60 -36.44 -26.32
CA SER I 67 6.27 -36.88 -26.75
C SER I 67 6.35 -38.08 -27.70
N ILE I 68 7.30 -38.05 -28.68
CA ILE I 68 7.54 -39.15 -29.61
C ILE I 68 7.96 -40.39 -28.80
N GLU I 69 8.91 -40.22 -27.87
CA GLU I 69 9.42 -41.28 -27.00
C GLU I 69 8.32 -41.95 -26.17
N GLN I 70 7.39 -41.14 -25.64
CA GLN I 70 6.26 -41.59 -24.83
C GLN I 70 5.22 -42.29 -25.68
N LYS I 71 4.99 -41.82 -26.91
CA LYS I 71 4.04 -42.43 -27.84
C LYS I 71 4.59 -43.72 -28.44
N SER I 72 5.91 -43.77 -28.77
CA SER I 72 6.56 -44.96 -29.33
C SER I 72 6.73 -46.13 -28.32
N ASN I 73 5.98 -46.08 -27.20
CA ASN I 73 5.95 -47.09 -26.14
C ASN I 73 4.50 -47.60 -25.96
N GLU I 74 3.50 -46.89 -26.56
CA GLU I 74 2.08 -47.30 -26.61
C GLU I 74 1.80 -48.04 -27.91
N GLU I 75 0.78 -48.94 -27.91
CA GLU I 75 0.27 -49.80 -29.00
C GLU I 75 1.29 -49.94 -30.20
N GLY I 76 0.94 -49.39 -31.37
CA GLY I 76 1.79 -49.43 -32.56
C GLY I 76 3.05 -48.63 -32.32
N SER I 77 4.09 -49.32 -31.82
CA SER I 77 5.39 -48.74 -31.46
C SER I 77 6.23 -48.38 -32.70
N GLU I 78 7.26 -47.49 -32.53
CA GLU I 78 8.25 -46.98 -33.52
C GLU I 78 8.76 -48.05 -34.57
N GLU I 79 9.17 -49.30 -34.19
CA GLU I 79 9.26 -49.89 -32.84
C GLU I 79 10.48 -49.37 -32.11
N LYS I 80 10.27 -48.98 -30.82
CA LYS I 80 11.27 -48.45 -29.89
C LYS I 80 12.58 -49.26 -30.00
N GLY I 81 13.69 -48.68 -30.44
CA GLY I 81 13.84 -47.26 -30.75
C GLY I 81 14.78 -46.59 -29.78
N PRO I 82 16.08 -47.00 -29.71
CA PRO I 82 17.01 -46.31 -28.79
C PRO I 82 17.38 -44.87 -29.19
N GLU I 83 17.27 -44.54 -30.49
CA GLU I 83 17.61 -43.23 -31.07
C GLU I 83 16.92 -42.06 -30.39
N VAL I 84 15.60 -42.17 -30.12
CA VAL I 84 14.83 -41.09 -29.46
C VAL I 84 15.36 -40.80 -28.10
N ARG I 85 15.62 -41.85 -27.29
CA ARG I 85 16.14 -41.72 -25.93
C ARG I 85 17.49 -41.05 -25.95
N GLU I 86 18.42 -41.56 -26.79
CA GLU I 86 19.78 -41.04 -26.94
C GLU I 86 19.79 -39.57 -27.34
N TYR I 87 18.93 -39.21 -28.31
CA TYR I 87 18.86 -37.84 -28.80
C TYR I 87 18.19 -36.90 -27.81
N ARG I 88 17.13 -37.36 -27.12
CA ARG I 88 16.43 -36.60 -26.08
C ARG I 88 17.42 -36.30 -24.95
N GLU I 89 18.26 -37.28 -24.59
CA GLU I 89 19.30 -37.14 -23.56
C GLU I 89 20.33 -36.09 -23.95
N LYS I 90 20.67 -36.02 -25.25
CA LYS I 90 21.63 -35.06 -25.79
C LYS I 90 21.12 -33.63 -25.63
N VAL I 91 19.95 -33.33 -26.23
CA VAL I 91 19.33 -32.02 -26.13
C VAL I 91 19.24 -31.68 -24.67
N GLU I 92 18.43 -32.43 -23.91
CA GLU I 92 18.29 -32.27 -22.47
C GLU I 92 19.60 -31.77 -21.85
N THR I 93 20.73 -32.36 -22.27
CA THR I 93 22.08 -31.99 -21.85
C THR I 93 22.43 -30.57 -22.27
N GLU I 94 22.12 -30.18 -23.52
CA GLU I 94 22.34 -28.83 -24.03
C GLU I 94 21.52 -27.80 -23.25
N LEU I 95 20.24 -28.13 -22.94
CA LEU I 95 19.32 -27.30 -22.16
C LEU I 95 19.87 -27.08 -20.75
N GLN I 96 20.32 -28.17 -20.11
CA GLN I 96 20.90 -28.16 -18.77
C GLN I 96 22.11 -27.25 -18.68
N GLY I 97 22.96 -27.28 -19.70
CA GLY I 97 24.15 -26.45 -19.81
C GLY I 97 23.84 -24.97 -19.90
N VAL I 98 22.78 -24.61 -20.65
CA VAL I 98 22.36 -23.20 -20.79
C VAL I 98 21.80 -22.69 -19.46
N CYS I 99 20.96 -23.50 -18.79
CA CYS I 99 20.39 -23.16 -17.50
C CYS I 99 21.49 -22.97 -16.45
N ASP I 100 22.46 -23.91 -16.41
CA ASP I 100 23.61 -23.84 -15.51
C ASP I 100 24.48 -22.60 -15.77
N THR I 101 24.58 -22.16 -17.04
CA THR I 101 25.34 -20.95 -17.44
C THR I 101 24.65 -19.71 -16.85
N VAL I 102 23.33 -19.57 -17.08
CA VAL I 102 22.52 -18.46 -16.58
C VAL I 102 22.61 -18.41 -15.05
N LEU I 103 22.37 -19.57 -14.39
CA LEU I 103 22.41 -19.71 -12.93
C LEU I 103 23.78 -19.38 -12.35
N GLY I 104 24.83 -19.72 -13.09
CA GLY I 104 26.20 -19.40 -12.73
C GLY I 104 26.44 -17.89 -12.78
N LEU I 105 25.95 -17.23 -13.85
CA LEU I 105 26.07 -15.78 -14.01
C LEU I 105 25.30 -15.05 -12.93
N LEU I 106 24.08 -15.53 -12.61
CA LEU I 106 23.22 -14.94 -11.59
C LEU I 106 23.87 -15.04 -10.22
N ASP I 107 24.44 -16.20 -9.88
CA ASP I 107 25.03 -16.41 -8.56
C ASP I 107 26.41 -15.75 -8.40
N SER I 108 27.24 -15.75 -9.45
CA SER I 108 28.57 -15.15 -9.31
C SER I 108 28.64 -13.65 -9.68
N HIS I 109 27.64 -13.10 -10.41
CA HIS I 109 27.77 -11.69 -10.81
C HIS I 109 26.57 -10.78 -10.59
N LEU I 110 25.36 -11.27 -10.81
CA LEU I 110 24.16 -10.45 -10.84
C LEU I 110 23.39 -10.34 -9.56
N ILE I 111 23.21 -11.47 -8.84
CA ILE I 111 22.49 -11.50 -7.57
C ILE I 111 23.38 -10.85 -6.50
N LYS I 112 22.90 -9.71 -5.98
CA LYS I 112 23.58 -8.88 -4.99
C LYS I 112 22.57 -8.48 -3.92
N GLU I 113 23.02 -8.15 -2.67
CA GLU I 113 22.02 -7.75 -1.66
C GLU I 113 21.64 -6.24 -1.80
N ALA I 114 22.50 -5.45 -2.47
CA ALA I 114 22.23 -4.09 -2.92
C ALA I 114 21.85 -4.30 -4.44
N GLY I 115 21.14 -3.40 -5.12
CA GLY I 115 20.55 -2.16 -4.66
C GLY I 115 19.06 -2.21 -4.81
N ASP I 116 18.53 -1.68 -5.94
CA ASP I 116 17.10 -1.58 -6.20
C ASP I 116 16.37 -2.90 -6.17
N ALA I 117 15.19 -2.85 -5.55
CA ALA I 117 14.29 -3.98 -5.39
C ALA I 117 13.89 -4.51 -6.77
N GLU I 118 13.79 -3.60 -7.76
CA GLU I 118 13.46 -3.93 -9.13
C GLU I 118 14.49 -4.88 -9.73
N SER I 119 15.77 -4.53 -9.63
CA SER I 119 16.84 -5.35 -10.18
C SER I 119 17.03 -6.65 -9.38
N ARG I 120 16.76 -6.62 -8.07
CA ARG I 120 16.90 -7.76 -7.18
C ARG I 120 15.81 -8.79 -7.47
N VAL I 121 14.57 -8.33 -7.64
CA VAL I 121 13.42 -9.16 -7.95
C VAL I 121 13.61 -9.76 -9.35
N PHE I 122 14.09 -8.92 -10.29
CA PHE I 122 14.37 -9.32 -11.67
C PHE I 122 15.29 -10.55 -11.74
N TYR I 123 16.43 -10.47 -11.02
CA TYR I 123 17.42 -11.54 -11.02
C TYR I 123 16.97 -12.77 -10.25
N LEU I 124 16.24 -12.57 -9.14
CA LEU I 124 15.74 -13.69 -8.35
C LEU I 124 14.64 -14.46 -9.09
N LYS I 125 13.84 -13.74 -9.89
CA LYS I 125 12.79 -14.34 -10.72
C LYS I 125 13.46 -15.18 -11.80
N MET I 126 14.51 -14.62 -12.43
CA MET I 126 15.31 -15.27 -13.45
C MET I 126 15.91 -16.56 -12.90
N LYS I 127 16.39 -16.54 -11.64
CA LYS I 127 16.94 -17.70 -10.93
C LYS I 127 15.88 -18.79 -10.77
N GLY I 128 14.67 -18.39 -10.39
CA GLY I 128 13.53 -19.28 -10.21
C GLY I 128 13.14 -19.91 -11.53
N ASP I 129 13.08 -19.09 -12.59
CA ASP I 129 12.75 -19.50 -13.95
C ASP I 129 13.67 -20.59 -14.47
N TYR I 130 15.00 -20.37 -14.39
CA TYR I 130 15.97 -21.33 -14.93
C TYR I 130 16.05 -22.58 -14.09
N TYR I 131 15.73 -22.51 -12.80
CA TYR I 131 15.64 -23.71 -11.98
C TYR I 131 14.37 -24.46 -12.38
N ARG I 132 13.28 -23.72 -12.69
CA ARG I 132 12.01 -24.29 -13.13
C ARG I 132 12.20 -25.03 -14.45
N TYR I 133 13.02 -24.46 -15.38
CA TYR I 133 13.31 -25.10 -16.66
C TYR I 133 14.09 -26.38 -16.47
N LEU I 134 15.00 -26.39 -15.48
CA LEU I 134 15.77 -27.59 -15.14
C LEU I 134 14.84 -28.65 -14.57
N ALA I 135 13.83 -28.24 -13.76
CA ALA I 135 12.83 -29.11 -13.13
C ALA I 135 11.90 -29.79 -14.13
N GLU I 136 11.66 -29.13 -15.27
CA GLU I 136 10.82 -29.64 -16.36
C GLU I 136 11.39 -30.93 -16.96
N VAL I 137 12.73 -31.09 -16.91
CA VAL I 137 13.44 -32.21 -17.51
C VAL I 137 14.15 -33.11 -16.47
N ALA I 138 14.23 -32.68 -15.21
CA ALA I 138 14.86 -33.45 -14.14
C ALA I 138 13.99 -34.63 -13.69
N THR I 139 14.62 -35.63 -13.01
CA THR I 139 13.94 -36.88 -12.68
C THR I 139 13.82 -37.32 -11.21
N GLY I 140 14.93 -37.60 -10.53
CA GLY I 140 14.88 -38.18 -9.19
C GLY I 140 14.97 -37.27 -7.99
N ASP I 141 16.06 -37.44 -7.22
CA ASP I 141 16.39 -36.65 -6.03
C ASP I 141 16.91 -35.31 -6.49
N ASP I 142 17.48 -35.29 -7.70
CA ASP I 142 17.99 -34.11 -8.35
C ASP I 142 16.83 -33.16 -8.62
N LYS I 143 15.69 -33.71 -9.09
CA LYS I 143 14.46 -32.96 -9.35
C LYS I 143 13.97 -32.26 -8.09
N LYS I 144 13.99 -32.98 -6.95
CA LYS I 144 13.58 -32.48 -5.63
C LYS I 144 14.42 -31.28 -5.20
N ARG I 145 15.76 -31.37 -5.37
CA ARG I 145 16.71 -30.31 -5.06
C ARG I 145 16.43 -29.08 -5.92
N ILE I 146 16.22 -29.30 -7.23
CA ILE I 146 15.92 -28.26 -8.22
C ILE I 146 14.59 -27.55 -7.89
N ILE I 147 13.52 -28.31 -7.55
CA ILE I 147 12.21 -27.79 -7.18
C ILE I 147 12.32 -26.88 -5.93
N ASP I 148 13.13 -27.31 -4.96
CA ASP I 148 13.37 -26.55 -3.73
C ASP I 148 14.10 -25.24 -4.02
N SER I 149 15.12 -25.28 -4.91
CA SER I 149 15.90 -24.12 -5.32
C SER I 149 15.05 -23.10 -6.08
N ALA I 150 14.18 -23.57 -7.00
CA ALA I 150 13.28 -22.67 -7.72
C ALA I 150 12.33 -22.02 -6.70
N ARG I 151 11.68 -22.82 -5.82
CA ARG I 151 10.76 -22.32 -4.80
C ARG I 151 11.41 -21.22 -3.94
N SER I 152 12.65 -21.43 -3.49
CA SER I 152 13.40 -20.47 -2.68
C SER I 152 13.71 -19.15 -3.40
N ALA I 153 14.13 -19.22 -4.67
CA ALA I 153 14.42 -18.03 -5.46
C ALA I 153 13.15 -17.20 -5.66
N TYR I 154 12.04 -17.87 -6.07
CA TYR I 154 10.73 -17.25 -6.26
C TYR I 154 10.18 -16.61 -5.01
N GLN I 155 10.28 -17.33 -3.87
CA GLN I 155 9.79 -16.85 -2.58
C GLN I 155 10.57 -15.62 -2.12
N GLU I 156 11.92 -15.64 -2.24
CA GLU I 156 12.76 -14.48 -1.88
C GLU I 156 12.34 -13.25 -2.72
N ALA I 157 12.09 -13.47 -4.02
CA ALA I 157 11.64 -12.43 -4.97
C ALA I 157 10.24 -11.91 -4.61
N MET I 158 9.31 -12.82 -4.23
CA MET I 158 7.95 -12.47 -3.81
C MET I 158 8.00 -11.61 -2.56
N ASP I 159 8.79 -12.02 -1.54
CA ASP I 159 9.01 -11.29 -0.29
C ASP I 159 9.44 -9.85 -0.58
N ILE I 160 10.42 -9.67 -1.47
CA ILE I 160 10.91 -8.34 -1.84
C ILE I 160 9.86 -7.56 -2.58
N SER I 161 9.23 -8.17 -3.60
CA SER I 161 8.25 -7.48 -4.43
C SER I 161 7.00 -7.04 -3.66
N ALA I 162 6.52 -7.85 -2.67
CA ALA I 162 5.34 -7.50 -1.85
C ALA I 162 5.63 -6.31 -0.96
N ALA I 163 6.89 -6.19 -0.49
CA ALA I 163 7.37 -5.13 0.40
C ALA I 163 7.80 -3.87 -0.33
N ALA I 164 8.39 -3.99 -1.52
CA ALA I 164 8.98 -2.85 -2.20
C ALA I 164 8.31 -2.37 -3.49
N MET I 165 7.51 -3.20 -4.15
CA MET I 165 6.92 -2.80 -5.42
C MET I 165 5.42 -2.71 -5.37
N PRO I 166 4.79 -1.82 -6.18
CA PRO I 166 3.32 -1.78 -6.20
C PRO I 166 2.75 -3.05 -6.87
N PRO I 167 1.52 -3.48 -6.53
CA PRO I 167 0.95 -4.69 -7.13
C PRO I 167 0.78 -4.66 -8.65
N THR I 168 0.87 -3.48 -9.28
CA THR I 168 0.75 -3.29 -10.73
C THR I 168 2.11 -3.35 -11.43
N ASN I 169 3.19 -3.35 -10.69
CA ASN I 169 4.51 -3.40 -11.28
C ASN I 169 4.66 -4.65 -12.20
N PRO I 170 5.06 -4.48 -13.49
CA PRO I 170 5.17 -5.64 -14.39
C PRO I 170 6.18 -6.72 -13.96
N ILE I 171 7.25 -6.35 -13.25
CA ILE I 171 8.22 -7.34 -12.79
C ILE I 171 7.57 -8.21 -11.72
N ARG I 172 6.82 -7.56 -10.80
CA ARG I 172 6.08 -8.21 -9.71
C ARG I 172 5.01 -9.13 -10.30
N LEU I 173 4.26 -8.63 -11.30
CA LEU I 173 3.20 -9.35 -12.01
C LEU I 173 3.74 -10.58 -12.74
N GLY I 174 4.82 -10.37 -13.48
CA GLY I 174 5.50 -11.44 -14.21
C GLY I 174 6.03 -12.52 -13.28
N LEU I 175 6.56 -12.11 -12.12
CA LEU I 175 7.08 -13.02 -11.11
C LEU I 175 5.98 -13.88 -10.50
N ALA I 176 4.88 -13.24 -10.10
CA ALA I 176 3.73 -13.92 -9.51
C ALA I 176 3.15 -14.91 -10.52
N LEU I 177 3.08 -14.53 -11.82
CA LEU I 177 2.61 -15.40 -12.90
C LEU I 177 3.46 -16.68 -13.01
N ASN I 178 4.79 -16.54 -13.05
CA ASN I 178 5.74 -17.64 -13.17
C ASN I 178 5.74 -18.55 -11.96
N PHE I 179 5.63 -17.97 -10.75
CA PHE I 179 5.59 -18.72 -9.50
C PHE I 179 4.29 -19.55 -9.43
N SER I 180 3.19 -19.00 -9.96
CA SER I 180 1.91 -19.70 -10.02
C SER I 180 2.00 -20.83 -11.04
N VAL I 181 2.76 -20.64 -12.14
CA VAL I 181 3.01 -21.69 -13.15
C VAL I 181 3.82 -22.81 -12.45
N PHE I 182 4.85 -22.43 -11.66
CA PHE I 182 5.67 -23.32 -10.87
C PHE I 182 4.80 -24.15 -9.93
N HIS I 183 3.92 -23.51 -9.13
CA HIS I 183 3.01 -24.21 -8.20
C HIS I 183 2.17 -25.26 -8.94
N TYR I 184 1.52 -24.85 -10.06
CA TYR I 184 0.64 -25.72 -10.85
C TYR I 184 1.35 -26.88 -11.55
N GLU I 185 2.36 -26.56 -12.36
CA GLU I 185 3.10 -27.48 -13.22
C GLU I 185 4.23 -28.28 -12.58
N ILE I 186 4.96 -27.66 -11.66
CA ILE I 186 6.16 -28.28 -11.13
C ILE I 186 5.93 -28.90 -9.76
N ALA I 187 5.43 -28.09 -8.82
CA ALA I 187 5.17 -28.47 -7.43
C ALA I 187 3.86 -29.22 -7.23
N ASN I 188 3.04 -29.35 -8.30
CA ASN I 188 1.73 -30.03 -8.29
C ASN I 188 0.84 -29.56 -7.11
N SER I 189 0.70 -28.22 -6.99
CA SER I 189 -0.13 -27.56 -5.98
C SER I 189 -1.07 -26.63 -6.76
N PRO I 190 -2.10 -27.19 -7.44
CA PRO I 190 -3.00 -26.34 -8.23
C PRO I 190 -3.73 -25.27 -7.41
N GLU I 191 -4.06 -25.59 -6.16
CA GLU I 191 -4.77 -24.66 -5.29
C GLU I 191 -3.92 -23.46 -4.94
N GLU I 192 -2.62 -23.66 -4.65
CA GLU I 192 -1.69 -22.57 -4.39
C GLU I 192 -1.51 -21.68 -5.63
N ALA I 193 -1.50 -22.32 -6.82
CA ALA I 193 -1.35 -21.69 -8.13
C ALA I 193 -2.52 -20.77 -8.43
N ILE I 194 -3.75 -21.26 -8.19
CA ILE I 194 -4.98 -20.53 -8.42
C ILE I 194 -5.08 -19.36 -7.46
N SER I 195 -4.83 -19.63 -6.17
CA SER I 195 -4.84 -18.63 -5.11
C SER I 195 -3.86 -17.49 -5.43
N LEU I 196 -2.62 -17.84 -5.77
CA LEU I 196 -1.59 -16.85 -6.11
C LEU I 196 -1.99 -16.01 -7.32
N ALA I 197 -2.48 -16.66 -8.38
CA ALA I 197 -2.90 -15.97 -9.59
C ALA I 197 -4.07 -15.02 -9.33
N LYS I 198 -5.10 -15.47 -8.57
CA LYS I 198 -6.28 -14.67 -8.20
C LYS I 198 -5.88 -13.42 -7.43
N THR I 199 -5.09 -13.60 -6.36
CA THR I 199 -4.61 -12.54 -5.48
C THR I 199 -3.84 -11.49 -6.24
N THR I 200 -2.89 -11.92 -7.06
CA THR I 200 -2.06 -11.03 -7.87
C THR I 200 -2.95 -10.20 -8.78
N PHE I 201 -3.88 -10.86 -9.49
CA PHE I 201 -4.79 -10.22 -10.42
C PHE I 201 -5.68 -9.20 -9.71
N ASP I 202 -6.31 -9.60 -8.59
CA ASP I 202 -7.21 -8.76 -7.80
C ASP I 202 -6.52 -7.53 -7.23
N GLU I 203 -5.29 -7.70 -6.73
CA GLU I 203 -4.53 -6.58 -6.18
C GLU I 203 -4.13 -5.60 -7.29
N ALA I 204 -4.29 -6.03 -8.56
CA ALA I 204 -3.85 -5.27 -9.72
C ALA I 204 -4.85 -4.26 -10.27
N MET I 205 -6.11 -4.67 -10.45
CA MET I 205 -7.23 -3.85 -10.91
C MET I 205 -7.39 -2.57 -10.06
N ALA I 206 -7.36 -2.74 -8.72
CA ALA I 206 -7.51 -1.68 -7.73
C ALA I 206 -6.42 -0.62 -7.82
N ASP I 207 -5.22 -0.99 -8.32
CA ASP I 207 -4.06 -0.10 -8.41
C ASP I 207 -3.68 0.41 -9.82
N LEU I 208 -4.36 -0.03 -10.89
CA LEU I 208 -4.00 0.37 -12.26
C LEU I 208 -3.90 1.88 -12.54
N HIS I 209 -4.77 2.70 -11.90
CA HIS I 209 -4.82 4.16 -12.08
C HIS I 209 -3.54 4.88 -11.59
N THR I 210 -2.78 4.20 -10.72
CA THR I 210 -1.52 4.72 -10.15
C THR I 210 -0.35 4.56 -11.16
N LEU I 211 -0.58 3.79 -12.26
CA LEU I 211 0.42 3.53 -13.29
C LEU I 211 0.50 4.58 -14.40
N SER I 212 1.70 4.65 -15.02
CA SER I 212 2.09 5.49 -16.15
C SER I 212 1.87 4.69 -17.43
N GLU I 213 1.71 5.36 -18.59
CA GLU I 213 1.50 4.71 -19.90
C GLU I 213 2.42 3.47 -20.11
N ASP I 214 3.71 3.58 -19.71
CA ASP I 214 4.71 2.52 -19.84
C ASP I 214 4.39 1.28 -19.00
N SER I 215 4.17 1.47 -17.68
CA SER I 215 3.88 0.44 -16.69
C SER I 215 2.49 -0.17 -16.88
N TYR I 216 1.50 0.67 -17.26
CA TYR I 216 0.10 0.29 -17.53
C TYR I 216 0.02 -0.81 -18.58
N LYS I 217 0.69 -0.64 -19.74
CA LYS I 217 0.67 -1.61 -20.85
C LYS I 217 1.24 -2.96 -20.46
N ASP I 218 2.25 -2.95 -19.57
CA ASP I 218 2.93 -4.14 -19.05
C ASP I 218 2.03 -4.95 -18.12
N SER I 219 1.37 -4.27 -17.17
CA SER I 219 0.46 -4.85 -16.20
C SER I 219 -0.79 -5.37 -16.82
N THR I 220 -1.40 -4.58 -17.72
CA THR I 220 -2.66 -4.94 -18.38
C THR I 220 -2.50 -6.17 -19.25
N LEU I 221 -1.31 -6.36 -19.87
CA LEU I 221 -0.98 -7.55 -20.65
C LEU I 221 -0.93 -8.77 -19.70
N ILE I 222 -0.03 -8.71 -18.64
CA ILE I 222 0.27 -9.77 -17.66
C ILE I 222 -0.97 -10.20 -16.88
N MET I 223 -1.88 -9.26 -16.56
CA MET I 223 -3.13 -9.57 -15.89
C MET I 223 -3.97 -10.46 -16.79
N GLN I 224 -3.96 -10.20 -18.12
CA GLN I 224 -4.68 -11.05 -19.07
C GLN I 224 -4.13 -12.48 -19.04
N LEU I 225 -2.79 -12.63 -18.89
CA LEU I 225 -2.15 -13.95 -18.82
C LEU I 225 -2.57 -14.72 -17.56
N LEU I 226 -2.62 -14.03 -16.39
CA LEU I 226 -3.06 -14.57 -15.10
C LEU I 226 -4.49 -15.08 -15.23
N ARG I 227 -5.37 -14.26 -15.82
CA ARG I 227 -6.77 -14.54 -16.10
C ARG I 227 -6.93 -15.75 -17.03
N ASP I 228 -6.11 -15.85 -18.11
CA ASP I 228 -6.15 -16.97 -19.06
C ASP I 228 -5.78 -18.28 -18.35
N ASN I 229 -4.72 -18.22 -17.51
CA ASN I 229 -4.26 -19.36 -16.72
C ASN I 229 -5.30 -19.81 -15.71
N LEU I 230 -6.01 -18.85 -15.08
CA LEU I 230 -7.08 -19.15 -14.13
C LEU I 230 -8.25 -19.83 -14.84
N THR I 231 -8.58 -19.38 -16.07
CA THR I 231 -9.66 -19.98 -16.88
C THR I 231 -9.31 -21.45 -17.15
N LEU I 232 -8.04 -21.70 -17.46
CA LEU I 232 -7.47 -23.00 -17.76
C LEU I 232 -7.34 -23.93 -16.54
N TRP I 233 -7.00 -23.37 -15.36
CA TRP I 233 -6.75 -24.15 -14.15
C TRP I 233 -7.95 -24.42 -13.29
N THR I 234 -8.96 -23.52 -13.28
CA THR I 234 -10.18 -23.67 -12.45
C THR I 234 -11.29 -24.42 -13.15
N HIS J 3 26.85 -50.10 -41.34
CA HIS J 3 25.45 -50.24 -41.76
C HIS J 3 24.46 -49.91 -40.62
N MET J 4 24.73 -50.41 -39.40
CA MET J 4 23.97 -50.17 -38.16
C MET J 4 24.06 -48.70 -37.75
N GLU J 5 25.31 -48.17 -37.76
CA GLU J 5 25.63 -46.78 -37.45
C GLU J 5 24.88 -45.84 -38.40
N ARG J 6 24.84 -46.17 -39.70
CA ARG J 6 24.16 -45.39 -40.75
C ARG J 6 22.67 -45.31 -40.50
N ALA J 7 22.04 -46.45 -40.15
CA ALA J 7 20.60 -46.52 -39.88
C ALA J 7 20.23 -45.62 -38.68
N SER J 8 21.09 -45.63 -37.65
CA SER J 8 20.91 -44.84 -36.45
C SER J 8 21.01 -43.36 -36.75
N LEU J 9 21.99 -42.95 -37.57
CA LEU J 9 22.23 -41.56 -37.96
C LEU J 9 21.07 -41.00 -38.76
N ILE J 10 20.44 -41.82 -39.61
CA ILE J 10 19.27 -41.42 -40.39
C ILE J 10 18.05 -41.24 -39.46
N GLN J 11 17.89 -42.15 -38.48
CA GLN J 11 16.80 -42.04 -37.51
C GLN J 11 16.95 -40.77 -36.68
N LYS J 12 18.19 -40.48 -36.23
CA LYS J 12 18.52 -39.28 -35.46
C LYS J 12 18.28 -38.00 -36.25
N ALA J 13 18.57 -38.02 -37.57
CA ALA J 13 18.32 -36.88 -38.46
C ALA J 13 16.81 -36.63 -38.61
N LYS J 14 16.01 -37.71 -38.66
CA LYS J 14 14.56 -37.62 -38.72
C LYS J 14 14.01 -37.05 -37.41
N LEU J 15 14.63 -37.41 -36.27
CA LEU J 15 14.26 -36.91 -34.94
C LEU J 15 14.61 -35.43 -34.84
N ALA J 16 15.81 -35.05 -35.31
CA ALA J 16 16.30 -33.67 -35.31
C ALA J 16 15.41 -32.78 -36.18
N GLU J 17 14.84 -33.33 -37.27
CA GLU J 17 13.92 -32.63 -38.16
C GLU J 17 12.62 -32.31 -37.43
N GLN J 18 12.09 -33.31 -36.70
CA GLN J 18 10.86 -33.18 -35.91
C GLN J 18 11.01 -32.11 -34.82
N ALA J 19 12.20 -32.08 -34.19
CA ALA J 19 12.60 -31.17 -33.13
C ALA J 19 13.06 -29.81 -33.66
N GLU J 20 13.18 -29.69 -34.99
CA GLU J 20 13.62 -28.49 -35.72
C GLU J 20 15.04 -28.03 -35.33
N ARG J 21 15.92 -29.02 -35.13
CA ARG J 21 17.34 -28.82 -34.78
C ARG J 21 18.11 -29.19 -36.02
N TYR J 22 18.12 -28.26 -36.96
CA TYR J 22 18.70 -28.45 -38.28
C TYR J 22 20.22 -28.58 -38.30
N GLU J 23 20.92 -27.98 -37.32
CA GLU J 23 22.38 -28.12 -37.23
C GLU J 23 22.72 -29.58 -36.86
N ASP J 24 21.92 -30.15 -35.95
CA ASP J 24 22.04 -31.54 -35.51
C ASP J 24 21.71 -32.45 -36.68
N MET J 25 20.59 -32.17 -37.37
CA MET J 25 20.10 -32.90 -38.54
C MET J 25 21.18 -32.98 -39.61
N ALA J 26 21.85 -31.84 -39.88
CA ALA J 26 22.93 -31.73 -40.84
C ALA J 26 24.12 -32.59 -40.44
N ALA J 27 24.49 -32.55 -39.15
CA ALA J 27 25.59 -33.34 -38.59
C ALA J 27 25.34 -34.85 -38.70
N PHE J 28 24.08 -35.29 -38.43
CA PHE J 28 23.68 -36.69 -38.54
C PHE J 28 23.72 -37.16 -39.99
N MET J 29 23.23 -36.30 -40.90
CA MET J 29 23.20 -36.55 -42.33
C MET J 29 24.60 -36.60 -42.94
N LYS J 30 25.52 -35.74 -42.45
CA LYS J 30 26.91 -35.72 -42.89
C LYS J 30 27.53 -37.07 -42.56
N GLY J 31 27.33 -37.52 -41.31
CA GLY J 31 27.82 -38.79 -40.81
C GLY J 31 27.29 -39.99 -41.58
N ALA J 32 25.98 -39.96 -41.89
CA ALA J 32 25.29 -41.00 -42.66
C ALA J 32 25.87 -41.12 -44.08
N VAL J 33 26.12 -39.97 -44.75
CA VAL J 33 26.73 -39.84 -46.08
C VAL J 33 28.15 -40.42 -46.05
N GLU J 34 28.90 -40.14 -44.96
CA GLU J 34 30.27 -40.59 -44.77
C GLU J 34 30.40 -42.10 -44.57
N LYS J 35 29.27 -42.83 -44.38
CA LYS J 35 29.30 -44.28 -44.27
C LYS J 35 29.58 -44.93 -45.62
N GLY J 36 29.32 -44.18 -46.69
CA GLY J 36 29.65 -44.58 -48.06
C GLY J 36 28.56 -45.14 -48.94
N GLU J 37 27.35 -45.33 -48.39
CA GLU J 37 26.24 -45.87 -49.18
C GLU J 37 25.56 -44.76 -49.95
N GLU J 38 24.94 -45.10 -51.10
CA GLU J 38 24.19 -44.15 -51.93
C GLU J 38 22.99 -43.71 -51.12
N LEU J 39 22.55 -42.47 -51.28
CA LEU J 39 21.38 -42.01 -50.56
C LEU J 39 20.14 -42.31 -51.35
N SER J 40 19.06 -42.71 -50.65
CA SER J 40 17.75 -42.94 -51.27
C SER J 40 17.11 -41.56 -51.46
N CYS J 41 16.00 -41.50 -52.21
CA CYS J 41 15.28 -40.25 -52.48
C CYS J 41 14.89 -39.55 -51.16
N GLU J 42 14.41 -40.33 -50.17
CA GLU J 42 14.05 -39.84 -48.84
C GLU J 42 15.28 -39.25 -48.12
N GLU J 43 16.42 -39.96 -48.17
CA GLU J 43 17.68 -39.55 -47.54
C GLU J 43 18.28 -38.30 -48.16
N ARG J 44 18.21 -38.16 -49.51
CA ARG J 44 18.69 -36.99 -50.27
C ARG J 44 17.96 -35.76 -49.75
N ASN J 45 16.64 -35.91 -49.61
CA ASN J 45 15.74 -34.88 -49.13
C ASN J 45 16.04 -34.47 -47.70
N LEU J 46 16.39 -35.45 -46.84
CA LEU J 46 16.78 -35.19 -45.45
C LEU J 46 18.06 -34.35 -45.42
N LEU J 47 19.06 -34.72 -46.23
CA LEU J 47 20.33 -34.01 -46.35
C LEU J 47 20.12 -32.57 -46.82
N SER J 48 19.30 -32.39 -47.86
CA SER J 48 18.97 -31.11 -48.45
C SER J 48 18.23 -30.21 -47.48
N VAL J 49 17.20 -30.75 -46.80
CA VAL J 49 16.41 -30.02 -45.80
C VAL J 49 17.30 -29.50 -44.66
N ALA J 50 18.17 -30.38 -44.15
CA ALA J 50 19.09 -30.09 -43.06
C ALA J 50 19.99 -28.90 -43.35
N TYR J 51 20.77 -28.98 -44.44
CA TYR J 51 21.72 -27.94 -44.80
C TYR J 51 21.11 -26.66 -45.34
N LYS J 52 19.97 -26.76 -46.06
CA LYS J 52 19.31 -25.56 -46.58
C LYS J 52 18.74 -24.75 -45.42
N ASN J 53 18.27 -25.42 -44.36
CA ASN J 53 17.79 -24.72 -43.19
C ASN J 53 18.93 -24.04 -42.43
N VAL J 54 20.09 -24.72 -42.31
CA VAL J 54 21.25 -24.14 -41.64
C VAL J 54 21.77 -22.92 -42.39
N VAL J 55 22.06 -23.08 -43.68
CA VAL J 55 22.62 -22.03 -44.52
C VAL J 55 21.62 -20.90 -44.74
N GLY J 56 20.32 -21.23 -44.83
CA GLY J 56 19.24 -20.27 -45.00
C GLY J 56 19.15 -19.31 -43.84
N GLY J 57 19.36 -19.82 -42.62
CA GLY J 57 19.38 -19.04 -41.40
C GLY J 57 20.56 -18.10 -41.36
N GLN J 58 21.72 -18.58 -41.82
CA GLN J 58 22.96 -17.81 -41.86
C GLN J 58 22.89 -16.70 -42.91
N ARG J 59 22.35 -17.03 -44.11
CA ARG J 59 22.17 -16.09 -45.23
C ARG J 59 21.22 -14.97 -44.83
N ALA J 60 20.09 -15.32 -44.17
CA ALA J 60 19.12 -14.34 -43.71
C ALA J 60 19.76 -13.36 -42.72
N ALA J 61 20.56 -13.90 -41.76
CA ALA J 61 21.29 -13.14 -40.75
C ALA J 61 22.31 -12.16 -41.38
N TRP J 62 23.16 -12.59 -42.29
CA TRP J 62 24.18 -11.81 -42.99
C TRP J 62 23.61 -10.58 -43.70
N ARG J 63 22.44 -10.72 -44.36
CA ARG J 63 21.78 -9.63 -45.08
C ARG J 63 21.36 -8.52 -44.12
N VAL J 64 20.84 -8.86 -42.93
CA VAL J 64 20.43 -7.90 -41.89
C VAL J 64 21.65 -7.06 -41.50
N LEU J 65 22.75 -7.74 -41.15
CA LEU J 65 24.01 -7.13 -40.71
C LEU J 65 24.67 -6.30 -41.80
N SER J 66 24.75 -6.85 -43.03
CA SER J 66 25.29 -6.19 -44.22
C SER J 66 24.48 -4.92 -44.53
N SER J 67 23.14 -4.97 -44.37
CA SER J 67 22.25 -3.82 -44.57
C SER J 67 22.50 -2.71 -43.53
N ILE J 68 22.66 -3.09 -42.22
CA ILE J 68 22.98 -2.16 -41.14
C ILE J 68 24.34 -1.51 -41.44
N GLU J 69 25.33 -2.33 -41.83
CA GLU J 69 26.69 -1.91 -42.17
C GLU J 69 26.72 -0.90 -43.33
N GLN J 70 25.90 -1.13 -44.38
CA GLN J 70 25.77 -0.27 -45.55
C GLN J 70 25.08 1.05 -45.18
N LYS J 71 24.06 0.99 -44.28
CA LYS J 71 23.35 2.18 -43.82
C LYS J 71 24.18 3.03 -42.87
N SER J 72 24.92 2.40 -41.93
CA SER J 72 25.78 3.11 -40.97
C SER J 72 27.05 3.74 -41.60
N ASN J 73 27.09 3.88 -42.94
CA ASN J 73 28.17 4.50 -43.72
C ASN J 73 27.59 5.70 -44.51
N GLU J 74 26.50 6.26 -43.92
CA GLU J 74 25.69 7.40 -44.35
C GLU J 74 25.40 8.29 -43.12
N GLU J 78 25.63 7.70 -33.39
CA GLU J 78 25.20 7.30 -34.74
C GLU J 78 26.40 7.04 -35.71
N GLU J 79 27.61 6.77 -35.14
CA GLU J 79 28.84 6.47 -35.88
C GLU J 79 28.92 4.97 -36.15
N LYS J 80 28.23 4.20 -35.27
CA LYS J 80 28.11 2.74 -35.20
C LYS J 80 29.49 2.12 -35.07
N GLY J 81 30.19 1.95 -36.19
CA GLY J 81 31.57 1.51 -36.16
C GLY J 81 32.01 0.10 -36.48
N PRO J 82 33.10 -0.30 -35.80
CA PRO J 82 33.75 -1.58 -36.12
C PRO J 82 32.97 -2.84 -35.81
N GLU J 83 32.09 -2.80 -34.83
CA GLU J 83 31.33 -3.94 -34.35
C GLU J 83 30.56 -4.68 -35.44
N VAL J 84 29.85 -3.94 -36.32
CA VAL J 84 29.06 -4.54 -37.40
C VAL J 84 29.94 -5.30 -38.36
N ARG J 85 31.07 -4.71 -38.76
CA ARG J 85 32.01 -5.33 -39.69
C ARG J 85 32.56 -6.62 -39.10
N GLU J 86 33.07 -6.56 -37.84
CA GLU J 86 33.64 -7.69 -37.11
C GLU J 86 32.65 -8.85 -37.01
N TYR J 87 31.41 -8.52 -36.66
CA TYR J 87 30.39 -9.53 -36.49
C TYR J 87 29.91 -10.11 -37.83
N ARG J 88 29.77 -9.26 -38.87
CA ARG J 88 29.40 -9.67 -40.22
C ARG J 88 30.45 -10.65 -40.75
N GLU J 89 31.74 -10.35 -40.49
CA GLU J 89 32.87 -11.18 -40.89
C GLU J 89 32.82 -12.56 -40.21
N LYS J 90 32.37 -12.60 -38.93
CA LYS J 90 32.24 -13.82 -38.15
C LYS J 90 31.21 -14.75 -38.76
N VAL J 91 29.97 -14.26 -38.87
CA VAL J 91 28.88 -15.02 -39.47
C VAL J 91 29.34 -15.48 -40.84
N GLU J 92 29.57 -14.55 -41.76
CA GLU J 92 30.10 -14.84 -43.09
C GLU J 92 31.01 -16.06 -43.06
N THR J 93 31.90 -16.11 -42.05
CA THR J 93 32.83 -17.22 -41.81
C THR J 93 32.09 -18.53 -41.50
N GLU J 94 31.07 -18.48 -40.64
CA GLU J 94 30.24 -19.64 -40.30
C GLU J 94 29.52 -20.17 -41.54
N LEU J 95 28.97 -19.25 -42.39
CA LEU J 95 28.24 -19.55 -43.63
C LEU J 95 29.19 -20.25 -44.62
N GLN J 96 30.40 -19.69 -44.78
CA GLN J 96 31.42 -20.21 -45.67
C GLN J 96 31.80 -21.65 -45.32
N GLY J 97 31.91 -21.92 -44.02
CA GLY J 97 32.22 -23.24 -43.50
C GLY J 97 31.16 -24.28 -43.79
N VAL J 98 29.88 -23.88 -43.68
CA VAL J 98 28.75 -24.78 -43.98
C VAL J 98 28.72 -25.11 -45.48
N CYS J 99 28.91 -24.08 -46.34
CA CYS J 99 28.95 -24.26 -47.78
C CYS J 99 30.08 -25.18 -48.20
N ASP J 100 31.28 -24.95 -47.64
CA ASP J 100 32.46 -25.78 -47.87
C ASP J 100 32.26 -27.24 -47.42
N THR J 101 31.48 -27.46 -46.33
CA THR J 101 31.15 -28.80 -45.81
C THR J 101 30.26 -29.54 -46.82
N VAL J 102 29.17 -28.89 -47.27
CA VAL J 102 28.24 -29.44 -48.25
C VAL J 102 28.99 -29.77 -49.54
N LEU J 103 29.77 -28.80 -50.07
CA LEU J 103 30.55 -28.94 -51.30
C LEU J 103 31.57 -30.07 -51.20
N GLY J 104 32.15 -30.24 -50.00
CA GLY J 104 33.09 -31.32 -49.72
C GLY J 104 32.40 -32.67 -49.78
N LEU J 105 31.19 -32.78 -49.18
CA LEU J 105 30.40 -34.00 -49.21
C LEU J 105 29.97 -34.36 -50.61
N LEU J 106 29.54 -33.35 -51.39
CA LEU J 106 29.11 -33.51 -52.76
C LEU J 106 30.25 -34.01 -53.64
N ASP J 107 31.44 -33.42 -53.50
CA ASP J 107 32.58 -33.80 -54.34
C ASP J 107 33.23 -35.12 -53.91
N SER J 108 33.31 -35.41 -52.61
CA SER J 108 33.96 -36.64 -52.19
C SER J 108 33.01 -37.85 -52.04
N HIS J 109 31.69 -37.64 -51.96
CA HIS J 109 30.81 -38.80 -51.78
C HIS J 109 29.61 -38.94 -52.69
N LEU J 110 28.94 -37.82 -52.99
CA LEU J 110 27.63 -37.83 -53.65
C LEU J 110 27.65 -37.68 -55.16
N ILE J 111 28.47 -36.77 -55.70
CA ILE J 111 28.56 -36.53 -57.13
C ILE J 111 29.30 -37.71 -57.76
N LYS J 112 28.59 -38.39 -58.69
CA LYS J 112 29.02 -39.59 -59.44
C LYS J 112 28.58 -39.45 -60.91
N GLU J 113 29.29 -40.05 -61.90
CA GLU J 113 28.88 -39.96 -63.32
C GLU J 113 27.68 -40.87 -63.65
N ALA J 114 27.55 -41.96 -62.91
CA ALA J 114 26.40 -42.84 -62.98
C ALA J 114 25.64 -42.47 -61.63
N GLY J 115 24.35 -42.77 -61.43
CA GLY J 115 23.43 -43.54 -62.23
C GLY J 115 22.29 -42.66 -62.70
N ASP J 116 21.14 -42.69 -61.96
CA ASP J 116 19.93 -41.96 -62.36
C ASP J 116 20.13 -40.47 -62.52
N ALA J 117 19.53 -39.96 -63.59
CA ALA J 117 19.58 -38.56 -63.97
C ALA J 117 18.99 -37.70 -62.85
N GLU J 118 17.97 -38.24 -62.15
CA GLU J 118 17.31 -37.59 -61.05
C GLU J 118 18.31 -37.27 -59.94
N SER J 119 19.05 -38.30 -59.48
CA SER J 119 20.03 -38.14 -58.41
C SER J 119 21.23 -37.28 -58.84
N ARG J 120 21.62 -37.35 -60.10
CA ARG J 120 22.74 -36.60 -60.67
C ARG J 120 22.42 -35.14 -60.76
N VAL J 121 21.21 -34.81 -61.25
CA VAL J 121 20.73 -33.43 -61.40
C VAL J 121 20.58 -32.85 -59.99
N PHE J 122 20.02 -33.65 -59.07
CA PHE J 122 19.80 -33.26 -57.67
C PHE J 122 21.10 -32.76 -57.02
N TYR J 123 22.17 -33.55 -57.11
CA TYR J 123 23.46 -33.23 -56.51
C TYR J 123 24.19 -32.11 -57.22
N LEU J 124 24.08 -32.04 -58.55
CA LEU J 124 24.73 -30.98 -59.32
C LEU J 124 24.06 -29.64 -59.08
N LYS J 125 22.73 -29.63 -58.85
CA LYS J 125 21.95 -28.43 -58.53
C LYS J 125 22.40 -27.94 -57.17
N MET J 126 22.52 -28.86 -56.22
CA MET J 126 22.96 -28.61 -54.85
C MET J 126 24.36 -27.98 -54.87
N LYS J 127 25.25 -28.47 -55.75
CA LYS J 127 26.61 -27.94 -55.92
C LYS J 127 26.57 -26.48 -56.41
N GLY J 128 25.69 -26.22 -57.38
CA GLY J 128 25.49 -24.88 -57.94
C GLY J 128 24.96 -23.92 -56.89
N ASP J 129 23.98 -24.41 -56.11
CA ASP J 129 23.34 -23.66 -55.02
C ASP J 129 24.35 -23.20 -53.97
N TYR J 130 25.18 -24.12 -53.44
CA TYR J 130 26.12 -23.78 -52.39
C TYR J 130 27.28 -22.93 -52.89
N TYR J 131 27.62 -23.03 -54.18
CA TYR J 131 28.61 -22.14 -54.76
C TYR J 131 27.98 -20.75 -54.93
N ARG J 132 26.67 -20.71 -55.27
CA ARG J 132 25.91 -19.47 -55.41
C ARG J 132 25.83 -18.75 -54.05
N TYR J 133 25.65 -19.51 -52.94
CA TYR J 133 25.59 -18.94 -51.59
C TYR J 133 26.93 -18.35 -51.21
N LEU J 134 28.03 -19.01 -51.63
CA LEU J 134 29.39 -18.52 -51.40
C LEU J 134 29.62 -17.22 -52.19
N ALA J 135 29.06 -17.15 -53.42
CA ALA J 135 29.17 -15.99 -54.32
C ALA J 135 28.43 -14.75 -53.81
N GLU J 136 27.36 -14.96 -53.02
CA GLU J 136 26.56 -13.91 -52.41
C GLU J 136 27.38 -13.07 -51.43
N VAL J 137 28.40 -13.67 -50.81
CA VAL J 137 29.22 -13.03 -49.78
C VAL J 137 30.71 -12.86 -50.20
N ALA J 138 31.13 -13.47 -51.34
CA ALA J 138 32.50 -13.39 -51.89
C ALA J 138 32.78 -12.03 -52.53
N THR J 139 34.08 -11.66 -52.70
CA THR J 139 34.46 -10.32 -53.14
C THR J 139 35.31 -10.15 -54.42
N GLY J 140 36.55 -10.65 -54.44
CA GLY J 140 37.49 -10.38 -55.54
C GLY J 140 37.58 -11.37 -56.69
N ASP J 141 38.78 -11.94 -56.86
CA ASP J 141 39.10 -12.96 -57.87
C ASP J 141 38.51 -14.29 -57.38
N ASP J 142 38.35 -14.42 -56.05
CA ASP J 142 37.75 -15.56 -55.40
C ASP J 142 36.29 -15.65 -55.83
N LYS J 143 35.59 -14.49 -55.88
CA LYS J 143 34.19 -14.38 -56.33
C LYS J 143 34.05 -14.90 -57.77
N LYS J 144 34.98 -14.51 -58.65
CA LYS J 144 35.02 -14.93 -60.06
C LYS J 144 35.13 -16.44 -60.20
N ARG J 145 36.03 -17.07 -59.41
CA ARG J 145 36.24 -18.51 -59.38
C ARG J 145 34.97 -19.23 -58.93
N ILE J 146 34.34 -18.71 -57.86
CA ILE J 146 33.10 -19.22 -57.28
C ILE J 146 31.94 -19.13 -58.29
N ILE J 147 31.79 -17.98 -59.00
CA ILE J 147 30.76 -17.76 -60.01
C ILE J 147 30.90 -18.77 -61.16
N ASP J 148 32.15 -19.03 -61.57
CA ASP J 148 32.46 -19.99 -62.62
C ASP J 148 32.08 -21.42 -62.21
N SER J 149 32.39 -21.80 -60.95
CA SER J 149 32.08 -23.11 -60.38
C SER J 149 30.57 -23.34 -60.28
N ALA J 150 29.81 -22.31 -59.84
CA ALA J 150 28.35 -22.42 -59.76
C ALA J 150 27.80 -22.59 -61.17
N ARG J 151 28.22 -21.72 -62.13
CA ARG J 151 27.78 -21.80 -63.52
C ARG J 151 27.98 -23.19 -64.13
N SER J 152 29.17 -23.80 -63.90
CA SER J 152 29.51 -25.14 -64.40
C SER J 152 28.63 -26.25 -63.83
N ALA J 153 28.38 -26.23 -62.52
CA ALA J 153 27.55 -27.20 -61.85
C ALA J 153 26.11 -27.13 -62.40
N TYR J 154 25.55 -25.91 -62.47
CA TYR J 154 24.20 -25.65 -63.00
C TYR J 154 24.04 -26.06 -64.45
N GLN J 155 25.02 -25.71 -65.29
CA GLN J 155 25.00 -26.04 -66.71
C GLN J 155 25.03 -27.55 -66.93
N GLU J 156 25.90 -28.29 -66.21
CA GLU J 156 25.98 -29.75 -66.31
C GLU J 156 24.62 -30.38 -65.94
N ALA J 157 23.99 -29.86 -64.87
CA ALA J 157 22.68 -30.28 -64.38
C ALA J 157 21.56 -29.97 -65.41
N MET J 158 21.63 -28.78 -66.06
CA MET J 158 20.67 -28.35 -67.09
C MET J 158 20.72 -29.29 -68.28
N ASP J 159 21.94 -29.58 -68.78
CA ASP J 159 22.19 -30.49 -69.89
C ASP J 159 21.57 -31.86 -69.62
N ILE J 160 21.76 -32.41 -68.41
CA ILE J 160 21.20 -33.71 -68.02
C ILE J 160 19.68 -33.64 -67.93
N SER J 161 19.13 -32.63 -67.24
CA SER J 161 17.69 -32.50 -67.04
C SER J 161 16.92 -32.29 -68.34
N ALA J 162 17.47 -31.52 -69.29
CA ALA J 162 16.80 -31.29 -70.59
C ALA J 162 16.74 -32.57 -71.44
N ALA J 163 17.78 -33.43 -71.32
CA ALA J 163 17.89 -34.69 -72.04
C ALA J 163 17.18 -35.86 -71.38
N ALA J 164 17.11 -35.89 -70.03
CA ALA J 164 16.58 -37.04 -69.30
C ALA J 164 15.27 -36.85 -68.51
N MET J 165 14.88 -35.61 -68.21
CA MET J 165 13.68 -35.39 -67.42
C MET J 165 12.58 -34.64 -68.18
N PRO J 166 11.28 -34.89 -67.89
CA PRO J 166 10.22 -34.11 -68.55
C PRO J 166 10.22 -32.64 -68.09
N PRO J 167 9.76 -31.65 -68.91
CA PRO J 167 9.80 -30.25 -68.48
C PRO J 167 8.98 -29.91 -67.23
N THR J 168 8.08 -30.81 -66.79
CA THR J 168 7.24 -30.64 -65.59
C THR J 168 7.91 -31.22 -64.34
N ASN J 169 9.01 -31.97 -64.49
CA ASN J 169 9.72 -32.57 -63.35
C ASN J 169 10.14 -31.48 -62.32
N PRO J 170 9.73 -31.61 -61.02
CA PRO J 170 10.09 -30.59 -60.02
C PRO J 170 11.59 -30.37 -59.77
N ILE J 171 12.44 -31.40 -59.96
CA ILE J 171 13.90 -31.23 -59.79
C ILE J 171 14.41 -30.33 -60.93
N ARG J 172 13.92 -30.60 -62.16
CA ARG J 172 14.26 -29.84 -63.36
C ARG J 172 13.80 -28.38 -63.22
N LEU J 173 12.52 -28.19 -62.77
CA LEU J 173 11.91 -26.88 -62.56
C LEU J 173 12.65 -26.08 -61.50
N GLY J 174 12.95 -26.72 -60.38
CA GLY J 174 13.70 -26.12 -59.28
C GLY J 174 15.09 -25.69 -59.70
N LEU J 175 15.75 -26.52 -60.52
CA LEU J 175 17.08 -26.24 -61.04
C LEU J 175 17.09 -25.02 -61.97
N ALA J 176 16.14 -25.00 -62.93
CA ALA J 176 16.02 -23.90 -63.86
C ALA J 176 15.72 -22.59 -63.12
N LEU J 177 14.87 -22.66 -62.08
CA LEU J 177 14.56 -21.51 -61.22
C LEU J 177 15.82 -20.92 -60.56
N ASN J 178 16.64 -21.78 -59.93
CA ASN J 178 17.86 -21.39 -59.23
C ASN J 178 18.93 -20.86 -60.18
N PHE J 179 19.07 -21.47 -61.36
CA PHE J 179 20.03 -21.04 -62.36
C PHE J 179 19.65 -19.66 -62.90
N SER J 180 18.34 -19.40 -63.04
CA SER J 180 17.83 -18.10 -63.48
C SER J 180 18.08 -17.06 -62.38
N VAL J 181 18.00 -17.46 -61.10
CA VAL J 181 18.31 -16.59 -59.96
C VAL J 181 19.81 -16.25 -60.03
N PHE J 182 20.65 -17.27 -60.31
CA PHE J 182 22.08 -17.13 -60.48
C PHE J 182 22.38 -16.12 -61.60
N HIS J 183 21.77 -16.28 -62.81
CA HIS J 183 21.98 -15.35 -63.93
C HIS J 183 21.67 -13.91 -63.54
N TYR J 184 20.49 -13.68 -62.91
CA TYR J 184 20.03 -12.36 -62.52
C TYR J 184 20.86 -11.69 -61.42
N GLU J 185 21.00 -12.38 -60.29
CA GLU J 185 21.61 -11.91 -59.05
C GLU J 185 23.11 -12.01 -58.97
N ILE J 186 23.69 -13.07 -59.52
CA ILE J 186 25.11 -13.33 -59.34
C ILE J 186 25.93 -12.93 -60.55
N ALA J 187 25.56 -13.47 -61.74
CA ALA J 187 26.24 -13.25 -63.01
C ALA J 187 25.87 -11.94 -63.70
N ASN J 188 24.90 -11.18 -63.13
CA ASN J 188 24.40 -9.91 -63.66
C ASN J 188 24.07 -10.00 -65.17
N SER J 189 23.26 -11.01 -65.53
CA SER J 189 22.77 -11.27 -66.88
C SER J 189 21.23 -11.35 -66.76
N PRO J 190 20.55 -10.19 -66.55
CA PRO J 190 19.07 -10.23 -66.39
C PRO J 190 18.33 -10.82 -67.58
N GLU J 191 18.86 -10.60 -68.80
CA GLU J 191 18.26 -11.11 -70.03
C GLU J 191 18.26 -12.62 -70.07
N GLU J 192 19.40 -13.25 -69.69
CA GLU J 192 19.52 -14.71 -69.63
C GLU J 192 18.59 -15.31 -68.58
N ALA J 193 18.42 -14.60 -67.44
CA ALA J 193 17.58 -14.98 -66.32
C ALA J 193 16.10 -14.99 -66.70
N ILE J 194 15.65 -13.93 -67.39
CA ILE J 194 14.28 -13.78 -67.85
C ILE J 194 13.96 -14.82 -68.92
N SER J 195 14.87 -14.97 -69.91
CA SER J 195 14.76 -15.94 -71.00
C SER J 195 14.66 -17.37 -70.45
N LEU J 196 15.56 -17.75 -69.53
CA LEU J 196 15.55 -19.09 -68.92
C LEU J 196 14.26 -19.34 -68.14
N ALA J 197 13.82 -18.35 -67.31
CA ALA J 197 12.59 -18.47 -66.53
C ALA J 197 11.35 -18.61 -67.43
N LYS J 198 11.23 -17.77 -68.49
CA LYS J 198 10.12 -17.81 -69.45
C LYS J 198 10.03 -19.17 -70.13
N THR J 199 11.16 -19.63 -70.73
CA THR J 199 11.27 -20.90 -71.44
C THR J 199 10.86 -22.08 -70.56
N THR J 200 11.40 -22.14 -69.32
CA THR J 200 11.10 -23.19 -68.35
C THR J 200 9.61 -23.22 -68.05
N PHE J 201 9.03 -22.05 -67.77
CA PHE J 201 7.62 -21.90 -67.45
C PHE J 201 6.74 -22.33 -68.63
N ASP J 202 7.03 -21.83 -69.84
CA ASP J 202 6.29 -22.13 -71.07
C ASP J 202 6.31 -23.61 -71.41
N GLU J 203 7.48 -24.26 -71.31
CA GLU J 203 7.62 -25.68 -71.59
C GLU J 203 6.84 -26.53 -70.56
N ALA J 204 6.44 -25.89 -69.43
CA ALA J 204 5.78 -26.56 -68.32
C ALA J 204 4.28 -26.67 -68.43
N MET J 205 3.64 -25.55 -68.83
CA MET J 205 2.22 -25.40 -69.04
C MET J 205 1.69 -26.40 -70.06
N ALA J 206 2.44 -26.58 -71.18
CA ALA J 206 2.12 -27.50 -72.26
C ALA J 206 2.14 -28.97 -71.84
N ASP J 207 2.88 -29.32 -70.77
CA ASP J 207 3.01 -30.70 -70.27
C ASP J 207 2.22 -31.01 -68.96
N LEU J 208 1.61 -30.01 -68.32
CA LEU J 208 0.86 -30.23 -67.06
C LEU J 208 -0.25 -31.28 -67.09
N HIS J 209 -0.96 -31.42 -68.23
CA HIS J 209 -2.07 -32.37 -68.39
C HIS J 209 -1.61 -33.83 -68.26
N THR J 210 -0.31 -34.09 -68.48
CA THR J 210 0.31 -35.42 -68.40
C THR J 210 0.54 -35.83 -66.95
N LEU J 211 0.40 -34.87 -66.01
CA LEU J 211 0.60 -35.09 -64.59
C LEU J 211 -0.63 -35.55 -63.84
N SER J 212 -0.39 -36.24 -62.73
CA SER J 212 -1.35 -36.76 -61.77
C SER J 212 -1.50 -35.71 -60.67
N GLU J 213 -2.65 -35.68 -59.93
CA GLU J 213 -2.92 -34.76 -58.82
C GLU J 213 -1.66 -34.53 -57.93
N ASP J 214 -0.89 -35.60 -57.62
CA ASP J 214 0.31 -35.58 -56.76
C ASP J 214 1.47 -34.78 -57.38
N SER J 215 1.85 -35.12 -58.64
CA SER J 215 2.93 -34.49 -59.41
C SER J 215 2.59 -33.07 -59.85
N TYR J 216 1.31 -32.86 -60.22
CA TYR J 216 0.73 -31.58 -60.67
C TYR J 216 0.96 -30.49 -59.63
N LYS J 217 0.63 -30.74 -58.33
CA LYS J 217 0.80 -29.81 -57.21
C LYS J 217 2.26 -29.37 -57.00
N ASP J 218 3.19 -30.30 -57.24
CA ASP J 218 4.63 -30.10 -57.12
C ASP J 218 5.18 -29.14 -58.18
N SER J 219 4.83 -29.39 -59.46
CA SER J 219 5.25 -28.60 -60.63
C SER J 219 4.59 -27.20 -60.67
N THR J 220 3.27 -27.18 -60.36
CA THR J 220 2.48 -25.95 -60.35
C THR J 220 2.94 -24.99 -59.30
N LEU J 221 3.54 -25.50 -58.19
CA LEU J 221 4.12 -24.65 -57.17
C LEU J 221 5.29 -23.84 -57.77
N ILE J 222 6.34 -24.56 -58.34
CA ILE J 222 7.59 -23.99 -58.89
C ILE J 222 7.33 -23.06 -60.08
N MET J 223 6.32 -23.36 -60.89
CA MET J 223 5.95 -22.49 -62.00
C MET J 223 5.46 -21.15 -61.45
N GLN J 224 4.71 -21.14 -60.31
CA GLN J 224 4.26 -19.90 -59.66
C GLN J 224 5.48 -19.06 -59.30
N LEU J 225 6.56 -19.71 -58.78
CA LEU J 225 7.79 -19.03 -58.39
C LEU J 225 8.49 -18.37 -59.58
N LEU J 226 8.60 -19.10 -60.71
CA LEU J 226 9.18 -18.60 -61.95
C LEU J 226 8.43 -17.35 -62.41
N ARG J 227 7.08 -17.43 -62.41
CA ARG J 227 6.16 -16.34 -62.78
C ARG J 227 6.33 -15.13 -61.85
N ASP J 228 6.47 -15.36 -60.53
CA ASP J 228 6.67 -14.30 -59.53
C ASP J 228 7.98 -13.57 -59.79
N ASN J 229 9.06 -14.34 -60.08
CA ASN J 229 10.40 -13.82 -60.38
C ASN J 229 10.38 -13.00 -61.66
N LEU J 230 9.62 -13.45 -62.68
CA LEU J 230 9.48 -12.73 -63.95
C LEU J 230 8.75 -11.40 -63.74
N THR J 231 7.71 -11.39 -62.88
CA THR J 231 6.97 -10.18 -62.53
C THR J 231 7.93 -9.15 -61.90
N LEU J 232 8.80 -9.64 -61.04
CA LEU J 232 9.81 -8.89 -60.31
C LEU J 232 10.97 -8.40 -61.17
N TRP J 233 11.41 -9.20 -62.16
CA TRP J 233 12.56 -8.90 -63.00
C TRP J 233 12.28 -8.11 -64.26
N THR J 234 11.08 -8.26 -64.84
CA THR J 234 10.70 -7.54 -66.07
C THR J 234 10.12 -6.15 -65.73
N MET K 1 -12.42 11.77 -65.86
CA MET K 1 -11.01 11.76 -66.24
C MET K 1 -10.36 10.46 -65.73
N GLU K 2 -9.64 9.75 -66.62
CA GLU K 2 -9.01 8.47 -66.28
C GLU K 2 -7.49 8.55 -66.03
N ILE K 3 -6.98 7.64 -65.13
CA ILE K 3 -5.57 7.53 -64.74
C ILE K 3 -5.18 6.04 -64.47
N PRO K 4 -4.01 5.58 -64.97
CA PRO K 4 -3.62 4.17 -64.74
C PRO K 4 -2.97 3.95 -63.39
N VAL K 5 -3.43 2.90 -62.70
CA VAL K 5 -2.90 2.55 -61.40
C VAL K 5 -1.95 1.36 -61.56
N PRO K 6 -0.66 1.52 -61.18
CA PRO K 6 0.28 0.40 -61.34
C PRO K 6 0.12 -0.70 -60.29
N VAL K 7 0.20 -1.98 -60.73
CA VAL K 7 0.09 -3.16 -59.86
C VAL K 7 1.48 -3.47 -59.31
N GLN K 8 1.84 -2.79 -58.21
CA GLN K 8 3.14 -2.87 -57.52
C GLN K 8 3.36 -4.22 -56.86
N PRO K 9 4.30 -5.07 -57.36
CA PRO K 9 4.54 -6.36 -56.68
C PRO K 9 5.09 -6.15 -55.28
N SER K 10 4.21 -6.25 -54.27
CA SER K 10 4.49 -6.04 -52.84
C SER K 10 5.63 -6.92 -52.35
N TRP K 11 5.68 -8.14 -52.91
CA TRP K 11 6.67 -9.19 -52.69
C TRP K 11 8.09 -8.64 -52.98
N LEU K 12 9.12 -8.99 -52.16
CA LEU K 12 10.49 -8.49 -52.39
C LEU K 12 11.57 -9.57 -52.38
N ARG K 13 12.79 -9.23 -52.90
CA ARG K 13 14.02 -10.03 -53.08
C ARG K 13 13.94 -10.85 -54.38
N ARG K 14 13.58 -12.15 -54.29
CA ARG K 14 13.47 -13.16 -55.35
C ARG K 14 13.31 -14.55 -54.69
N ALA K 15 12.60 -15.47 -55.36
CA ALA K 15 12.32 -16.81 -54.84
C ALA K 15 13.24 -17.85 -55.43
N SEP K 16 13.68 -18.81 -54.63
CA SEP K 16 14.52 -19.90 -55.10
CB SEP K 16 15.95 -19.79 -54.54
OG SEP K 16 15.95 -19.72 -53.13
C SEP K 16 13.79 -21.22 -54.87
O SEP K 16 12.59 -21.21 -54.57
P SEP K 16 17.26 -20.18 -52.50
O1P SEP K 16 18.48 -19.40 -53.01
O2P SEP K 16 17.12 -19.85 -51.02
O3P SEP K 16 17.55 -21.66 -52.77
N ALA K 17 14.48 -22.36 -55.05
CA ALA K 17 13.91 -23.70 -54.90
C ALA K 17 13.46 -24.00 -53.46
N PRO K 18 12.18 -24.42 -53.26
CA PRO K 18 11.72 -24.77 -51.89
C PRO K 18 12.16 -26.18 -51.46
N LEU K 19 12.03 -26.53 -50.16
CA LEU K 19 12.50 -27.82 -49.67
C LEU K 19 11.72 -29.05 -50.18
N PRO K 20 10.41 -29.31 -49.96
CA PRO K 20 9.83 -30.56 -50.49
C PRO K 20 9.43 -30.43 -51.97
N GLY K 26 -8.37 -21.50 -50.18
CA GLY K 26 -9.80 -21.23 -50.23
C GLY K 26 -10.57 -22.23 -51.06
N ARG K 27 -11.46 -21.75 -51.94
CA ARG K 27 -12.28 -22.60 -52.83
C ARG K 27 -11.72 -22.64 -54.27
N LEU K 28 -12.57 -22.58 -55.28
CA LEU K 28 -12.09 -22.60 -56.64
C LEU K 28 -12.58 -21.36 -57.37
N PHE K 29 -13.50 -20.59 -56.75
CA PHE K 29 -14.14 -19.40 -57.31
C PHE K 29 -13.15 -18.23 -57.61
N ASP K 30 -13.68 -17.14 -58.20
CA ASP K 30 -13.01 -15.94 -58.73
C ASP K 30 -12.49 -14.87 -57.69
N GLN K 31 -13.38 -14.20 -56.87
CA GLN K 31 -12.96 -13.17 -55.88
C GLN K 31 -13.94 -12.84 -54.72
N ARG K 32 -13.31 -12.38 -53.61
CA ARG K 32 -13.91 -11.96 -52.32
C ARG K 32 -12.97 -10.97 -51.55
N PHE K 33 -13.49 -10.32 -50.50
CA PHE K 33 -12.68 -9.48 -49.63
C PHE K 33 -12.48 -10.32 -48.37
N GLY K 34 -13.58 -10.56 -47.63
CA GLY K 34 -13.60 -11.33 -46.38
C GLY K 34 -12.88 -10.59 -45.27
N GLU K 35 -12.05 -11.32 -44.51
CA GLU K 35 -11.21 -10.77 -43.44
C GLU K 35 -10.27 -11.83 -42.90
N GLY K 36 -9.19 -12.08 -43.66
CA GLY K 36 -8.14 -13.03 -43.36
C GLY K 36 -8.62 -14.46 -43.14
N LEU K 37 -7.97 -15.21 -42.22
CA LEU K 37 -6.80 -14.82 -41.41
C LEU K 37 -5.70 -15.92 -41.53
N LEU K 38 -5.35 -16.28 -42.80
CA LEU K 38 -4.36 -17.31 -43.09
C LEU K 38 -3.45 -16.87 -44.23
N THR K 69 -11.37 1.96 -42.95
CA THR K 69 -10.46 2.02 -41.81
C THR K 69 -10.26 3.46 -41.26
N ASP K 70 -10.34 4.49 -42.13
CA ASP K 70 -10.16 5.92 -41.76
C ASP K 70 -11.13 6.86 -42.55
N PRO K 71 -11.98 7.69 -41.92
CA PRO K 71 -12.88 8.55 -42.71
C PRO K 71 -12.26 9.89 -43.13
N GLY K 72 -12.12 10.17 -44.44
CA GLY K 72 -12.55 9.34 -45.58
C GLY K 72 -11.49 9.13 -46.65
N HIS K 73 -11.08 7.86 -46.86
CA HIS K 73 -10.06 7.40 -47.82
C HIS K 73 -10.56 6.15 -48.61
N PHE K 74 -9.78 5.62 -49.57
CA PHE K 74 -10.24 4.46 -50.32
C PHE K 74 -9.38 3.26 -49.97
N SER K 75 -10.01 2.10 -49.69
CA SER K 75 -9.31 0.87 -49.35
C SER K 75 -10.17 -0.34 -49.63
N VAL K 76 -9.74 -1.16 -50.60
CA VAL K 76 -10.43 -2.40 -50.99
C VAL K 76 -9.46 -3.56 -51.06
N LEU K 77 -9.95 -4.77 -50.78
CA LEU K 77 -9.19 -6.02 -50.86
C LEU K 77 -9.94 -6.97 -51.77
N LEU K 78 -9.21 -7.53 -52.74
CA LEU K 78 -9.75 -8.40 -53.76
C LEU K 78 -8.97 -9.71 -53.84
N ASP K 79 -9.69 -10.80 -54.08
CA ASP K 79 -9.06 -12.10 -54.29
C ASP K 79 -8.92 -12.28 -55.81
N VAL K 80 -7.69 -12.32 -56.28
CA VAL K 80 -7.37 -12.45 -57.69
C VAL K 80 -6.41 -13.63 -57.87
N LYS K 81 -6.66 -14.72 -57.11
CA LYS K 81 -5.84 -15.93 -57.05
C LYS K 81 -5.52 -16.56 -58.39
N HIS K 82 -6.43 -16.48 -59.37
CA HIS K 82 -6.19 -17.08 -60.68
C HIS K 82 -5.39 -16.20 -61.64
N PHE K 83 -5.01 -14.96 -61.24
CA PHE K 83 -4.32 -14.03 -62.13
C PHE K 83 -2.94 -13.59 -61.65
N SER K 84 -1.98 -13.50 -62.58
CA SER K 84 -0.62 -13.01 -62.28
C SER K 84 -0.64 -11.47 -62.37
N PRO K 85 0.36 -10.72 -61.80
CA PRO K 85 0.30 -9.23 -61.85
C PRO K 85 0.07 -8.62 -63.22
N GLU K 86 0.67 -9.25 -64.26
CA GLU K 86 0.57 -8.84 -65.67
C GLU K 86 -0.81 -9.09 -66.29
N GLU K 87 -1.65 -9.88 -65.61
CA GLU K 87 -3.00 -10.23 -66.04
C GLU K 87 -4.08 -9.37 -65.34
N ILE K 88 -3.65 -8.42 -64.48
CA ILE K 88 -4.53 -7.50 -63.72
C ILE K 88 -4.24 -6.06 -64.13
N ALA K 89 -5.30 -5.27 -64.39
CA ALA K 89 -5.19 -3.86 -64.75
C ALA K 89 -6.11 -3.02 -63.88
N VAL K 90 -5.53 -2.06 -63.15
CA VAL K 90 -6.27 -1.15 -62.27
C VAL K 90 -6.23 0.26 -62.87
N LYS K 91 -7.39 0.92 -62.96
CA LYS K 91 -7.52 2.29 -63.50
C LYS K 91 -8.48 3.13 -62.67
N VAL K 92 -8.36 4.46 -62.77
CA VAL K 92 -9.31 5.37 -62.12
C VAL K 92 -10.03 6.03 -63.29
N VAL K 93 -11.31 5.70 -63.50
CA VAL K 93 -12.12 6.25 -64.59
C VAL K 93 -13.23 7.10 -63.98
N GLY K 94 -13.00 8.41 -63.95
CA GLY K 94 -13.92 9.40 -63.39
C GLY K 94 -14.06 9.27 -61.89
N GLU K 95 -15.29 8.92 -61.45
CA GLU K 95 -15.68 8.75 -60.05
C GLU K 95 -15.52 7.30 -59.56
N HIS K 96 -14.93 6.44 -60.41
CA HIS K 96 -14.75 5.02 -60.09
C HIS K 96 -13.33 4.49 -60.27
N VAL K 97 -13.01 3.43 -59.51
CA VAL K 97 -11.76 2.67 -59.58
C VAL K 97 -12.14 1.35 -60.24
N GLU K 98 -11.61 1.09 -61.44
CA GLU K 98 -11.90 -0.12 -62.23
C GLU K 98 -10.77 -1.15 -62.13
N VAL K 99 -11.14 -2.43 -62.02
CA VAL K 99 -10.20 -3.56 -61.98
C VAL K 99 -10.59 -4.53 -63.10
N HIS K 100 -9.66 -4.74 -64.04
CA HIS K 100 -9.84 -5.62 -65.19
C HIS K 100 -8.82 -6.72 -65.19
N ALA K 101 -9.28 -7.92 -64.82
CA ALA K 101 -8.44 -9.11 -64.79
C ALA K 101 -8.88 -10.09 -65.87
N ARG K 102 -7.90 -10.63 -66.61
CA ARG K 102 -8.10 -11.58 -67.69
C ARG K 102 -6.89 -12.51 -67.86
N HIS K 103 -7.14 -13.82 -67.98
CA HIS K 103 -6.13 -14.81 -68.28
C HIS K 103 -6.59 -15.67 -69.42
N GLU K 104 -5.70 -15.92 -70.38
CA GLU K 104 -5.99 -16.75 -71.55
C GLU K 104 -6.14 -18.22 -71.15
N GLU K 105 -6.67 -19.09 -72.05
CA GLU K 105 -6.89 -20.54 -71.78
C GLU K 105 -5.65 -21.25 -71.22
N ARG K 106 -5.80 -21.87 -70.06
CA ARG K 106 -4.71 -22.57 -69.40
C ARG K 106 -5.15 -23.90 -68.80
N PRO K 107 -4.24 -24.90 -68.66
CA PRO K 107 -4.65 -26.18 -68.05
C PRO K 107 -4.82 -26.09 -66.53
N ASP K 108 -5.68 -26.93 -65.96
CA ASP K 108 -5.90 -26.92 -64.52
C ASP K 108 -6.14 -28.33 -63.98
N GLU K 109 -6.66 -28.42 -62.76
CA GLU K 109 -6.97 -29.66 -62.08
C GLU K 109 -7.95 -30.57 -62.85
N HIS K 110 -8.97 -30.01 -63.53
CA HIS K 110 -9.98 -30.81 -64.21
C HIS K 110 -9.93 -30.76 -65.74
N GLY K 111 -9.55 -29.63 -66.34
CA GLY K 111 -9.47 -29.48 -67.79
C GLY K 111 -8.71 -28.25 -68.27
N PHE K 112 -9.35 -27.40 -69.09
CA PHE K 112 -8.81 -26.11 -69.54
C PHE K 112 -9.73 -25.03 -69.03
N VAL K 113 -9.19 -23.83 -68.81
CA VAL K 113 -9.98 -22.73 -68.27
C VAL K 113 -9.39 -21.35 -68.59
N ALA K 114 -10.25 -20.44 -69.07
CA ALA K 114 -9.98 -19.04 -69.34
C ALA K 114 -10.96 -18.24 -68.48
N ARG K 115 -10.47 -17.20 -67.79
CA ARG K 115 -11.27 -16.38 -66.90
C ARG K 115 -11.08 -14.89 -67.18
N GLU K 116 -12.11 -14.11 -66.86
CA GLU K 116 -12.15 -12.67 -67.07
C GLU K 116 -13.15 -12.06 -66.11
N PHE K 117 -12.78 -10.95 -65.47
CA PHE K 117 -13.67 -10.21 -64.58
C PHE K 117 -13.41 -8.73 -64.66
N HIS K 118 -14.46 -7.93 -64.41
CA HIS K 118 -14.43 -6.47 -64.42
C HIS K 118 -15.13 -6.00 -63.17
N ARG K 119 -14.39 -5.36 -62.25
CA ARG K 119 -14.97 -4.83 -61.01
C ARG K 119 -14.82 -3.34 -60.96
N ARG K 120 -15.80 -2.69 -60.34
CA ARG K 120 -15.87 -1.25 -60.27
C ARG K 120 -16.24 -0.80 -58.87
N TYR K 121 -15.54 0.21 -58.35
CA TYR K 121 -15.76 0.74 -57.00
C TYR K 121 -15.88 2.25 -57.04
N ARG K 122 -16.75 2.85 -56.22
CA ARG K 122 -16.83 4.30 -56.25
C ARG K 122 -15.68 4.92 -55.47
N LEU K 123 -15.18 6.04 -55.99
CA LEU K 123 -14.09 6.81 -55.42
C LEU K 123 -14.71 7.96 -54.62
N PRO K 124 -14.59 7.96 -53.27
CA PRO K 124 -15.18 9.06 -52.46
C PRO K 124 -14.72 10.46 -52.87
N PRO K 125 -15.57 11.50 -52.63
CA PRO K 125 -15.23 12.86 -53.07
C PRO K 125 -13.87 13.44 -52.68
N GLY K 126 -13.50 13.31 -51.41
CA GLY K 126 -12.24 13.86 -50.90
C GLY K 126 -11.00 13.04 -51.17
N VAL K 127 -11.05 12.18 -52.20
CA VAL K 127 -9.94 11.30 -52.56
C VAL K 127 -9.34 11.74 -53.89
N ASP K 128 -8.03 12.03 -53.88
CA ASP K 128 -7.29 12.43 -55.08
C ASP K 128 -7.03 11.17 -55.94
N PRO K 129 -7.47 11.16 -57.22
CA PRO K 129 -7.23 9.97 -58.07
C PRO K 129 -5.75 9.62 -58.28
N ALA K 130 -4.86 10.63 -58.20
CA ALA K 130 -3.42 10.47 -58.33
C ALA K 130 -2.79 9.75 -57.12
N ALA K 131 -3.49 9.78 -55.96
CA ALA K 131 -3.05 9.16 -54.70
C ALA K 131 -3.40 7.67 -54.62
N VAL K 132 -4.12 7.15 -55.62
CA VAL K 132 -4.55 5.75 -55.68
C VAL K 132 -3.37 4.86 -56.06
N THR K 133 -3.03 3.91 -55.16
CA THR K 133 -1.97 2.91 -55.34
C THR K 133 -2.56 1.51 -55.29
N SER K 134 -1.87 0.55 -55.92
CA SER K 134 -2.29 -0.85 -55.97
C SER K 134 -1.11 -1.78 -55.80
N ALA K 135 -1.31 -2.82 -54.99
CA ALA K 135 -0.29 -3.83 -54.72
C ALA K 135 -0.90 -5.21 -54.68
N LEU K 136 -0.13 -6.21 -55.11
CA LEU K 136 -0.55 -7.61 -55.14
C LEU K 136 0.38 -8.43 -54.26
N SER K 137 -0.20 -9.10 -53.25
CA SER K 137 0.54 -9.93 -52.32
C SER K 137 0.85 -11.31 -52.92
N PRO K 138 1.92 -12.01 -52.52
CA PRO K 138 2.18 -13.36 -53.06
C PRO K 138 1.10 -14.40 -52.73
N GLU K 139 0.18 -14.07 -51.80
CA GLU K 139 -0.95 -14.92 -51.40
C GLU K 139 -2.13 -14.76 -52.38
N GLY K 140 -2.03 -13.76 -53.27
CA GLY K 140 -3.03 -13.49 -54.30
C GLY K 140 -4.08 -12.47 -53.93
N VAL K 141 -3.78 -11.59 -52.97
CA VAL K 141 -4.69 -10.54 -52.54
C VAL K 141 -4.27 -9.21 -53.17
N LEU K 142 -5.21 -8.57 -53.88
CA LEU K 142 -5.00 -7.27 -54.51
C LEU K 142 -5.58 -6.21 -53.56
N SER K 143 -4.75 -5.26 -53.16
CA SER K 143 -5.20 -4.18 -52.29
C SER K 143 -5.06 -2.89 -53.05
N ILE K 144 -6.15 -2.15 -53.15
CA ILE K 144 -6.17 -0.84 -53.81
C ILE K 144 -6.46 0.16 -52.71
N GLN K 145 -5.53 1.07 -52.49
CA GLN K 145 -5.60 2.07 -51.44
C GLN K 145 -5.36 3.47 -51.92
N ALA K 146 -5.87 4.43 -51.15
CA ALA K 146 -5.71 5.87 -51.38
C ALA K 146 -5.68 6.54 -50.04
N ALA K 147 -4.55 7.18 -49.75
CA ALA K 147 -4.31 7.96 -48.54
C ALA K 147 -5.33 9.12 -48.39
N PRO K 148 -5.72 9.49 -47.15
CA PRO K 148 -6.70 10.58 -46.99
C PRO K 148 -6.25 11.92 -47.58
N ALA K 149 -7.15 12.56 -48.35
CA ALA K 149 -6.91 13.82 -49.06
C ALA K 149 -8.06 14.82 -48.90
N MET L 1 -23.25 -28.07 -5.19
CA MET L 1 -21.88 -27.59 -5.36
C MET L 1 -20.97 -28.58 -4.63
N GLU L 2 -20.41 -29.59 -5.36
CA GLU L 2 -19.60 -30.66 -4.76
C GLU L 2 -18.19 -30.82 -5.33
N ILE L 3 -18.06 -31.08 -6.65
CA ILE L 3 -16.76 -31.28 -7.31
C ILE L 3 -16.55 -30.19 -8.39
N PRO L 4 -15.51 -29.33 -8.30
CA PRO L 4 -15.31 -28.35 -9.37
C PRO L 4 -14.68 -28.98 -10.59
N VAL L 5 -15.34 -28.85 -11.74
CA VAL L 5 -14.86 -29.39 -13.00
C VAL L 5 -14.21 -28.25 -13.77
N PRO L 6 -12.92 -28.40 -14.11
CA PRO L 6 -12.23 -27.31 -14.81
C PRO L 6 -12.66 -27.08 -16.25
N VAL L 7 -12.92 -25.82 -16.62
CA VAL L 7 -13.24 -25.45 -18.00
C VAL L 7 -11.89 -25.37 -18.67
N GLN L 8 -11.72 -26.11 -19.76
CA GLN L 8 -10.44 -26.16 -20.45
C GLN L 8 -10.57 -25.49 -21.81
N PRO L 9 -10.50 -24.14 -21.88
CA PRO L 9 -10.56 -23.48 -23.19
C PRO L 9 -9.25 -23.81 -23.91
N SER L 10 -9.34 -24.86 -24.73
CA SER L 10 -8.22 -25.44 -25.44
C SER L 10 -7.78 -24.57 -26.60
N TRP L 11 -7.18 -23.42 -26.22
CA TRP L 11 -6.57 -22.42 -27.08
C TRP L 11 -5.40 -21.73 -26.38
N LEU L 12 -5.57 -21.26 -25.13
CA LEU L 12 -4.39 -20.73 -24.46
C LEU L 12 -3.91 -21.81 -23.55
N ARG L 13 -2.66 -22.21 -23.75
CA ARG L 13 -2.04 -23.19 -22.88
C ARG L 13 -1.39 -22.38 -21.76
N ARG L 14 -1.00 -23.03 -20.65
CA ARG L 14 -0.36 -22.37 -19.51
C ARG L 14 0.64 -21.31 -20.03
N ALA L 15 0.38 -20.05 -19.72
CA ALA L 15 1.20 -18.94 -20.17
C ALA L 15 2.19 -18.51 -19.10
N SEP L 16 3.45 -18.21 -19.46
CA SEP L 16 4.44 -17.76 -18.49
CB SEP L 16 5.60 -18.71 -18.33
OG SEP L 16 6.23 -18.98 -19.56
C SEP L 16 4.79 -16.28 -18.80
O SEP L 16 4.10 -15.66 -19.62
P SEP L 16 7.70 -19.41 -19.35
O1P SEP L 16 8.24 -19.68 -20.74
O2P SEP L 16 7.83 -20.75 -18.64
O3P SEP L 16 8.59 -18.32 -18.69
N ALA L 17 5.81 -15.71 -18.11
CA ALA L 17 6.22 -14.31 -18.28
C ALA L 17 6.76 -14.03 -19.68
N PRO L 18 6.18 -13.05 -20.41
CA PRO L 18 6.67 -12.77 -21.78
C PRO L 18 7.96 -11.93 -21.79
N LEU L 19 8.62 -11.83 -22.97
CA LEU L 19 9.89 -11.10 -23.09
C LEU L 19 9.79 -9.58 -22.82
N PRO L 20 9.06 -8.70 -23.57
CA PRO L 20 9.06 -7.29 -23.19
C PRO L 20 8.14 -6.98 -21.99
N ASP L 70 -15.03 -46.42 -60.37
CA ASP L 70 -15.92 -45.60 -61.19
C ASP L 70 -16.15 -46.19 -62.60
N PRO L 71 -17.38 -46.11 -63.17
CA PRO L 71 -17.63 -46.70 -64.52
C PRO L 71 -17.13 -45.88 -65.73
N GLY L 72 -17.22 -46.47 -66.94
CA GLY L 72 -16.81 -45.89 -68.22
C GLY L 72 -17.75 -44.78 -68.72
N HIS L 73 -17.75 -43.66 -67.97
CA HIS L 73 -18.62 -42.49 -68.10
C HIS L 73 -17.87 -41.16 -67.86
N PHE L 74 -18.61 -40.02 -67.92
CA PHE L 74 -18.12 -38.66 -67.67
C PHE L 74 -18.94 -38.08 -66.51
N SER L 75 -18.25 -37.41 -65.56
CA SER L 75 -18.90 -36.79 -64.40
C SER L 75 -18.04 -35.70 -63.82
N VAL L 76 -18.52 -34.45 -63.92
CA VAL L 76 -17.84 -33.27 -63.38
C VAL L 76 -18.79 -32.44 -62.55
N LEU L 77 -18.24 -31.74 -61.54
CA LEU L 77 -18.97 -30.84 -60.66
C LEU L 77 -18.28 -29.49 -60.71
N LEU L 78 -19.08 -28.45 -60.94
CA LEU L 78 -18.60 -27.08 -61.10
C LEU L 78 -19.35 -26.13 -60.19
N ASP L 79 -18.63 -25.16 -59.61
CA ASP L 79 -19.28 -24.14 -58.80
C ASP L 79 -19.52 -22.95 -59.73
N VAL L 80 -20.79 -22.64 -59.96
CA VAL L 80 -21.22 -21.56 -60.87
C VAL L 80 -22.18 -20.66 -60.10
N LYS L 81 -21.88 -20.42 -58.80
CA LYS L 81 -22.69 -19.64 -57.86
C LYS L 81 -23.06 -18.23 -58.37
N HIS L 82 -22.19 -17.60 -59.16
CA HIS L 82 -22.45 -16.26 -59.66
C HIS L 82 -23.33 -16.22 -60.90
N PHE L 83 -23.72 -17.38 -61.46
CA PHE L 83 -24.49 -17.43 -62.71
C PHE L 83 -25.84 -18.12 -62.59
N SER L 84 -26.86 -17.54 -63.26
CA SER L 84 -28.21 -18.11 -63.31
C SER L 84 -28.24 -19.15 -64.46
N PRO L 85 -29.22 -20.09 -64.52
CA PRO L 85 -29.20 -21.10 -65.60
C PRO L 85 -29.07 -20.56 -67.03
N GLU L 86 -29.70 -19.41 -67.30
CA GLU L 86 -29.69 -18.71 -68.59
C GLU L 86 -28.34 -18.05 -68.93
N GLU L 87 -27.44 -17.96 -67.93
CA GLU L 87 -26.12 -17.36 -68.07
C GLU L 87 -25.02 -18.44 -68.25
N ILE L 88 -25.42 -19.74 -68.28
CA ILE L 88 -24.52 -20.89 -68.44
C ILE L 88 -24.87 -21.63 -69.73
N ALA L 89 -23.86 -21.98 -70.53
CA ALA L 89 -24.03 -22.74 -71.77
C ALA L 89 -23.07 -23.93 -71.81
N VAL L 90 -23.63 -25.14 -71.91
CA VAL L 90 -22.86 -26.39 -71.95
C VAL L 90 -22.97 -26.98 -73.36
N LYS L 91 -21.84 -27.36 -73.98
CA LYS L 91 -21.79 -27.95 -75.32
C LYS L 91 -20.81 -29.11 -75.38
N VAL L 92 -20.96 -30.00 -76.39
CA VAL L 92 -19.99 -31.07 -76.64
C VAL L 92 -19.37 -30.71 -78.00
N VAL L 93 -18.10 -30.29 -77.98
CA VAL L 93 -17.39 -29.90 -79.19
C VAL L 93 -16.26 -30.90 -79.44
N GLY L 94 -16.55 -31.87 -80.30
CA GLY L 94 -15.64 -32.94 -80.66
C GLY L 94 -15.37 -33.89 -79.51
N GLU L 95 -14.12 -33.90 -79.05
CA GLU L 95 -13.59 -34.74 -77.96
C GLU L 95 -13.66 -34.03 -76.60
N HIS L 96 -14.30 -32.85 -76.55
CA HIS L 96 -14.42 -32.06 -75.33
C HIS L 96 -15.83 -31.60 -74.98
N VAL L 97 -16.06 -31.38 -73.68
CA VAL L 97 -17.28 -30.83 -73.11
C VAL L 97 -16.92 -29.40 -72.68
N GLU L 98 -17.54 -28.39 -73.31
CA GLU L 98 -17.28 -26.98 -73.05
C GLU L 98 -18.36 -26.35 -72.18
N VAL L 99 -17.95 -25.49 -71.23
CA VAL L 99 -18.85 -24.74 -70.34
C VAL L 99 -18.52 -23.27 -70.49
N HIS L 100 -19.51 -22.48 -70.94
CA HIS L 100 -19.38 -21.04 -71.17
C HIS L 100 -20.37 -20.29 -70.31
N ALA L 101 -19.86 -19.68 -69.24
CA ALA L 101 -20.67 -18.88 -68.33
C ALA L 101 -20.28 -17.40 -68.43
N ARG L 102 -21.29 -16.53 -68.51
CA ARG L 102 -21.13 -15.08 -68.61
C ARG L 102 -22.32 -14.35 -68.00
N HIS L 103 -22.03 -13.33 -67.18
CA HIS L 103 -23.04 -12.43 -66.61
C HIS L 103 -22.62 -10.99 -66.82
N GLU L 104 -23.56 -10.14 -67.25
CA GLU L 104 -23.30 -8.71 -67.47
C GLU L 104 -23.12 -8.00 -66.12
N GLU L 105 -22.61 -6.73 -66.14
CA GLU L 105 -22.34 -5.93 -64.93
C GLU L 105 -23.51 -5.87 -63.95
N ARG L 106 -23.26 -6.27 -62.71
CA ARG L 106 -24.27 -6.29 -61.67
C ARG L 106 -23.73 -5.78 -60.31
N PRO L 107 -24.59 -5.21 -59.42
CA PRO L 107 -24.08 -4.74 -58.13
C PRO L 107 -23.80 -5.86 -57.13
N ASP L 108 -22.87 -5.63 -56.19
CA ASP L 108 -22.55 -6.62 -55.18
C ASP L 108 -22.17 -5.97 -53.84
N GLU L 109 -21.59 -6.73 -52.94
CA GLU L 109 -21.17 -6.28 -51.63
C GLU L 109 -20.12 -5.13 -51.67
N HIS L 110 -19.19 -5.13 -52.64
CA HIS L 110 -18.13 -4.11 -52.67
C HIS L 110 -18.27 -3.06 -53.78
N GLY L 111 -18.84 -3.42 -54.93
CA GLY L 111 -19.04 -2.48 -56.04
C GLY L 111 -19.91 -3.04 -57.14
N PHE L 112 -19.39 -3.05 -58.37
CA PHE L 112 -20.03 -3.64 -59.55
C PHE L 112 -19.12 -4.73 -60.03
N VAL L 113 -19.71 -5.75 -60.68
CA VAL L 113 -18.93 -6.87 -61.16
C VAL L 113 -19.60 -7.60 -62.33
N ALA L 114 -18.79 -7.86 -63.38
CA ALA L 114 -19.14 -8.65 -64.56
C ALA L 114 -18.13 -9.78 -64.59
N ARG L 115 -18.62 -11.01 -64.84
CA ARG L 115 -17.79 -12.22 -64.85
C ARG L 115 -18.03 -13.04 -66.10
N GLU L 116 -17.01 -13.78 -66.51
CA GLU L 116 -17.03 -14.64 -67.68
C GLU L 116 -15.98 -15.72 -67.51
N PHE L 117 -16.34 -16.97 -67.82
CA PHE L 117 -15.41 -18.09 -67.77
C PHE L 117 -15.72 -19.09 -68.86
N HIS L 118 -14.68 -19.79 -69.29
CA HIS L 118 -14.76 -20.81 -70.32
C HIS L 118 -13.97 -22.01 -69.82
N ARG L 119 -14.64 -23.14 -69.57
CA ARG L 119 -14.00 -24.36 -69.11
C ARG L 119 -14.17 -25.46 -70.12
N ARG L 120 -13.16 -26.32 -70.22
CA ARG L 120 -13.11 -27.39 -71.20
C ARG L 120 -12.67 -28.68 -70.53
N TYR L 121 -13.35 -29.79 -70.80
CA TYR L 121 -13.04 -31.11 -70.23
C TYR L 121 -12.96 -32.14 -71.32
N ARG L 122 -12.05 -33.12 -71.21
CA ARG L 122 -12.02 -34.14 -72.26
C ARG L 122 -13.12 -35.18 -72.04
N LEU L 123 -13.69 -35.63 -73.15
CA LEU L 123 -14.75 -36.61 -73.20
C LEU L 123 -14.09 -37.97 -73.47
N PRO L 124 -14.13 -38.93 -72.50
CA PRO L 124 -13.50 -40.25 -72.73
C PRO L 124 -14.03 -40.98 -73.98
N PRO L 125 -13.20 -41.86 -74.58
CA PRO L 125 -13.58 -42.54 -75.83
C PRO L 125 -14.93 -43.26 -75.87
N GLY L 126 -15.22 -44.08 -74.86
CA GLY L 126 -16.45 -44.87 -74.79
C GLY L 126 -17.69 -44.12 -74.31
N VAL L 127 -17.69 -42.79 -74.44
CA VAL L 127 -18.81 -41.96 -74.00
C VAL L 127 -19.52 -41.36 -75.21
N ASP L 128 -20.83 -41.62 -75.31
CA ASP L 128 -21.66 -41.09 -76.38
C ASP L 128 -21.94 -39.61 -76.12
N PRO L 129 -21.60 -38.69 -77.06
CA PRO L 129 -21.87 -37.25 -76.84
C PRO L 129 -23.35 -36.90 -76.64
N ALA L 130 -24.25 -37.70 -77.23
CA ALA L 130 -25.70 -37.52 -77.12
C ALA L 130 -26.22 -37.86 -75.71
N ALA L 131 -25.45 -38.67 -74.95
CA ALA L 131 -25.78 -39.13 -73.59
C ALA L 131 -25.38 -38.13 -72.50
N VAL L 132 -24.71 -37.03 -72.90
CA VAL L 132 -24.25 -35.99 -71.98
C VAL L 132 -25.42 -35.13 -71.55
N THR L 133 -25.67 -35.10 -70.22
CA THR L 133 -26.71 -34.32 -69.59
C THR L 133 -26.09 -33.34 -68.60
N SER L 134 -26.81 -32.23 -68.32
CA SER L 134 -26.37 -31.19 -67.41
C SER L 134 -27.52 -30.71 -66.54
N ALA L 135 -27.24 -30.55 -65.25
CA ALA L 135 -28.21 -30.08 -64.29
C ALA L 135 -27.56 -29.09 -63.34
N LEU L 136 -28.36 -28.09 -62.88
CA LEU L 136 -27.92 -27.06 -61.95
C LEU L 136 -28.73 -27.18 -60.67
N SER L 137 -28.04 -27.44 -59.56
CA SER L 137 -28.63 -27.65 -58.24
C SER L 137 -28.98 -26.31 -57.58
N PRO L 138 -29.96 -26.29 -56.65
CA PRO L 138 -30.30 -25.02 -55.95
C PRO L 138 -29.17 -24.43 -55.11
N GLU L 139 -28.11 -25.23 -54.87
CA GLU L 139 -26.93 -24.80 -54.12
C GLU L 139 -25.93 -24.05 -55.04
N GLY L 140 -26.15 -24.11 -56.36
CA GLY L 140 -25.31 -23.46 -57.37
C GLY L 140 -24.22 -24.35 -57.96
N VAL L 141 -24.43 -25.66 -57.89
CA VAL L 141 -23.48 -26.65 -58.40
C VAL L 141 -23.99 -27.16 -59.74
N LEU L 142 -23.12 -27.07 -60.76
CA LEU L 142 -23.42 -27.57 -62.09
C LEU L 142 -22.80 -28.95 -62.19
N SER L 143 -23.60 -29.95 -62.51
CA SER L 143 -23.10 -31.31 -62.68
C SER L 143 -23.34 -31.70 -64.12
N ILE L 144 -22.27 -32.11 -64.79
CA ILE L 144 -22.32 -32.57 -66.18
C ILE L 144 -21.97 -34.03 -66.11
N GLN L 145 -22.92 -34.87 -66.54
CA GLN L 145 -22.79 -36.32 -66.49
C GLN L 145 -23.09 -36.98 -67.80
N ALA L 146 -22.56 -38.20 -67.96
CA ALA L 146 -22.77 -39.05 -69.11
C ALA L 146 -22.73 -40.48 -68.63
N ALA L 147 -23.87 -41.17 -68.80
CA ALA L 147 -24.10 -42.59 -68.47
C ALA L 147 -23.09 -43.49 -69.20
N PRO L 148 -22.72 -44.65 -68.62
CA PRO L 148 -21.73 -45.51 -69.29
C PRO L 148 -22.19 -46.03 -70.65
N ALA L 149 -21.31 -45.90 -71.67
CA ALA L 149 -21.62 -46.31 -73.04
C ALA L 149 -20.48 -47.10 -73.71
C TRS M . -42.09 20.41 -12.21
C1 TRS M . -41.29 21.71 -12.05
C2 TRS M . -41.93 19.81 -13.61
C3 TRS M . -41.71 19.41 -11.11
N TRS M . -43.54 20.74 -12.02
O1 TRS M . -41.73 22.72 -12.95
O2 TRS M . -40.56 19.60 -13.97
O3 TRS M . -42.09 18.09 -11.49
C TRS N . -22.01 54.77 -11.34
C1 TRS N . -22.70 53.41 -11.42
C2 TRS N . -22.41 55.54 -10.06
C3 TRS N . -20.49 54.62 -11.45
N TRS N . -22.45 55.59 -12.52
O1 TRS N . -24.11 53.53 -11.48
O2 TRS N . -22.19 54.79 -8.87
O3 TRS N . -19.83 55.78 -10.96
NI NI O . 9.32 15.78 26.37
C TRS P . 13.06 7.94 69.62
C1 TRS P . 12.55 6.53 69.36
C2 TRS P . 14.59 7.98 69.79
C3 TRS P . 12.59 8.91 68.52
N TRS P . 12.44 8.41 70.91
O1 TRS P . 12.83 5.65 70.44
O2 TRS P . 15.29 7.40 68.70
O3 TRS P . 13.37 10.08 68.53
C TRS Q . 2.27 -30.51 63.00
C1 TRS Q . 2.78 -29.08 63.22
C2 TRS Q . 0.74 -30.59 63.07
C3 TRS Q . 2.79 -31.05 61.66
N TRS Q . 2.84 -31.36 64.09
O1 TRS Q . 2.45 -28.60 64.52
O2 TRS Q . 0.09 -29.69 62.18
O3 TRS Q . 2.01 -32.16 61.24
NI NI R . -8.03 0.71 8.74
C TRS S . 22.17 -30.72 -13.55
C1 TRS S . 22.64 -30.35 -14.96
C2 TRS S . 22.40 -29.57 -12.55
C3 TRS S . 20.70 -31.15 -13.57
N TRS S . 22.98 -31.89 -13.10
O1 TRS S . 24.03 -30.11 -15.02
O2 TRS S . 21.83 -28.34 -12.96
O3 TRS S . 20.15 -31.09 -12.27
C TRS T . 36.22 -19.61 -49.21
C1 TRS T . 35.67 -19.94 -47.83
C2 TRS T . 36.25 -20.86 -50.13
C3 TRS T . 35.44 -18.46 -49.86
N TRS T . 37.63 -19.16 -49.06
O1 TRS T . 36.46 -20.90 -47.15
O2 TRS T . 34.99 -21.50 -50.22
O3 TRS T . 35.67 -18.41 -51.26
NI NI U . -28.58 -21.93 -56.79
#